data_8Y6A
#
_entry.id   8Y6A
#
_cell.length_a   1.00
_cell.length_b   1.00
_cell.length_c   1.00
_cell.angle_alpha   90.00
_cell.angle_beta   90.00
_cell.angle_gamma   90.00
#
_symmetry.space_group_name_H-M   'P 1'
#
loop_
_entity.id
_entity.type
_entity.pdbx_description
1 polymer 'Angiotensin-converting enzyme 2'
2 polymer 'Spike protein S1'
3 polymer 'heavy chain of S309 Fab'
4 polymer 'light chain of S309 Fab'
5 branched alpha-D-mannopyranose-(1-3)-beta-D-mannopyranose-(1-4)-2-acetamido-2-deoxy-beta-D-glucopyranose-(1-4)-2-acetamido-2-deoxy-beta-D-glucopyranose
6 branched beta-D-mannopyranose-(1-4)-2-acetamido-2-deoxy-beta-D-glucopyranose-(1-4)-2-acetamido-2-deoxy-beta-D-glucopyranose
7 branched 2-acetamido-2-deoxy-beta-D-glucopyranose-(1-4)-2-acetamido-2-deoxy-beta-D-glucopyranose
8 non-polymer 2-acetamido-2-deoxy-beta-D-glucopyranose
9 non-polymer 'ZINC ION'
#
loop_
_entity_poly.entity_id
_entity_poly.type
_entity_poly.pdbx_seq_one_letter_code
_entity_poly.pdbx_strand_id
1 'polypeptide(L)'
;STIEEQAKTFLDKFNHEAEDLFYQSSLASWNYNTNITEENVQNMNNAGDKWSAFLKEQSTLAQMYPLQEIQNLTVKLQLQ
ALQQNGSSVLSEDKSKRLNTILNTMSTIYSTGKVCNPDNPQECLLLEPGLNEIMANSLDYNERLWAWESWRSEVGKQLRP
LYEEYVVLKNEMARANHYEDYGDYWRGDYEVNGVDGYDYSRGQLIEDVEHTFEEIKPLYEHLHAYVRAKLMNAYPSYISP
IGCLPAHLLGDMWGRFWTNLYSLTVPFGQKPNIDVTDAMVDQAWDAQRIFKEAEKFFVSVGLPNMTQGFWENSMLTDPGN
VQKAVCHPTAWDLGKGDFRILMCTKVTMDDFLTAHHEMGHIQYDMAYAAQPFLLRNGANEGFHEAVGEIMSLSAATPKHL
KSIGLLSPDFQEDNETEINFLLKQALTIVGTLPFTYMLEKWRWMVFKGEIPKDQWMKKWWEMKREIVGVVEPVPHDETYC
DPASLFHVSNDYSFIRYYTRTLYQFQFQEALCQAAKHEGPLHKCDISNSTEAGQKLFNMLRLGKSEPWTLALENVVGAKN
MNVRPLLNYFEPLFTWLKDQNKNSFVGWSTDWSPYADHHHHHH
;
A
2 'polypeptide(L)'
;RVQPTESIVRFPNVTNLCPFHEVFNATRFASVYAWNRTRISNCVADYSVLYNFAPFFAFKCYGVSPTKLNDLCFTNVYAD
SFVIKGNEVSQIAPGQTGNIADYNYKLPDDFTGCVIAWNSNKLDSKHSGNYDYWYRLFRKSKLKPFERDISTEIYQAGNK
PCKGKGPNCYFPLQSYGFRPTYGVGHQPYRVVVLSFELLHAPATVCGPKKSTNLVKNKCVNFHHHHHH
;
B
3 'polypeptide(L)'
;QVQLVQSGAEVKKPGASVKVSCKASGYPFTSYGISWVRQAPGQGLEWMGWISTYNGNTNYAQKFQGRVTMTTDTSTTTGY
MELRRLRSDDTAVYYCARDYTRGAWFGESLIGGFDNWGQGTLVTVSSASTKGPSVFPLAPSSKSTSGGTAALGCLVKDYF
PEPVTVSWNSGALTSGVHTFPAVLQSSGLYSLSSVVTVPSSSLGTQTYICNVNHKPSNTKVDKKVEPKSC
;
C
4 'polypeptide(L)'
;EIVLTQSPGTLSLSPGERATLSCRASQTVSSTSLAWYQQKPGQAPRLLIYGASSRATGIPDRFSGSGSGTDFTLTISRLE
PEDFAVYYCQQHDTSLTFGGGTKVEIKRTVAAPSVFIFPPSDEQLKSGTASVVCLLNNFYPREAKVQWKVDNALQSGNSQ
ESVTEQDSKDSTYSLSSTLTLSKADYEKHKVYACEVTHQGLSSPVTKSFNRGEC
;
D
#
loop_
_chem_comp.id
_chem_comp.type
_chem_comp.name
_chem_comp.formula
BMA D-saccharide, beta linking beta-D-mannopyranose 'C6 H12 O6'
MAN D-saccharide, alpha linking alpha-D-mannopyranose 'C6 H12 O6'
NAG D-saccharide, beta linking 2-acetamido-2-deoxy-beta-D-glucopyranose 'C8 H15 N O6'
ZN non-polymer 'ZINC ION' 'Zn 2'
#
# COMPACT_ATOMS: atom_id res chain seq x y z
N SER A 1 9.36 -40.43 -26.31
CA SER A 1 8.72 -39.48 -25.41
C SER A 1 7.27 -39.23 -25.83
N THR A 2 6.76 -38.06 -25.47
CA THR A 2 5.39 -37.66 -25.81
C THR A 2 5.37 -36.16 -26.03
N ILE A 3 5.25 -35.75 -27.30
CA ILE A 3 5.21 -34.33 -27.64
C ILE A 3 3.95 -33.67 -27.10
N GLU A 4 2.89 -34.44 -26.90
CA GLU A 4 1.65 -33.88 -26.36
C GLU A 4 1.86 -33.35 -24.94
N GLU A 5 2.76 -33.98 -24.19
CA GLU A 5 3.05 -33.51 -22.83
C GLU A 5 3.78 -32.18 -22.84
N GLN A 6 4.77 -32.08 -23.73
CA GLN A 6 5.70 -30.91 -23.70
C GLN A 6 5.19 -29.63 -24.39
N ALA A 7 3.89 -29.32 -24.36
CA ALA A 7 3.42 -28.00 -24.75
C ALA A 7 2.59 -27.33 -23.68
N LYS A 8 1.80 -28.08 -22.91
CA LYS A 8 1.07 -27.50 -21.79
C LYS A 8 2.03 -27.10 -20.67
N THR A 9 3.13 -27.84 -20.52
CA THR A 9 4.15 -27.43 -19.55
C THR A 9 4.77 -26.09 -19.93
N PHE A 10 5.10 -25.91 -21.21
CA PHE A 10 5.56 -24.62 -21.68
C PHE A 10 4.53 -23.53 -21.41
N LEU A 11 3.26 -23.85 -21.67
CA LEU A 11 2.21 -22.86 -21.46
C LEU A 11 2.12 -22.44 -19.99
N ASP A 12 2.21 -23.40 -19.08
CA ASP A 12 2.11 -23.09 -17.65
C ASP A 12 3.33 -22.30 -17.17
N LYS A 13 4.53 -22.71 -17.54
CA LYS A 13 5.69 -21.88 -17.11
C LYS A 13 5.48 -20.48 -17.67
N PHE A 14 5.15 -20.38 -18.93
CA PHE A 14 4.87 -19.02 -19.43
C PHE A 14 3.84 -18.33 -18.54
N ASN A 15 2.77 -19.02 -18.15
CA ASN A 15 1.66 -18.33 -17.41
C ASN A 15 2.08 -17.81 -16.02
N HIS A 16 3.12 -18.40 -15.44
N HIS A 16 3.10 -18.42 -15.41
CA HIS A 16 3.54 -18.01 -14.06
CA HIS A 16 3.56 -18.00 -14.05
C HIS A 16 4.66 -16.97 -14.17
C HIS A 16 4.66 -16.95 -14.20
N GLU A 17 5.81 -17.37 -14.72
CA GLU A 17 6.93 -16.42 -14.91
C GLU A 17 6.35 -15.09 -15.40
N ALA A 18 5.58 -15.15 -16.47
CA ALA A 18 5.01 -13.92 -17.02
C ALA A 18 4.28 -13.22 -15.88
N GLU A 19 3.29 -13.91 -15.31
CA GLU A 19 2.49 -13.24 -14.25
C GLU A 19 3.46 -12.58 -13.28
N ASP A 20 4.60 -13.23 -12.98
CA ASP A 20 5.55 -12.53 -12.11
C ASP A 20 6.10 -11.28 -12.79
N LEU A 21 6.66 -11.43 -14.00
CA LEU A 21 7.30 -10.33 -14.69
C LEU A 21 6.32 -9.24 -15.11
N PHE A 22 5.12 -9.62 -15.54
CA PHE A 22 4.11 -8.65 -15.92
C PHE A 22 3.58 -7.89 -14.70
N TYR A 23 3.48 -8.56 -13.55
CA TYR A 23 3.15 -7.81 -12.34
C TYR A 23 4.24 -6.81 -11.99
N GLN A 24 5.51 -7.23 -12.11
CA GLN A 24 6.61 -6.31 -11.85
C GLN A 24 6.54 -5.10 -12.78
N SER A 25 6.36 -5.35 -14.08
CA SER A 25 6.30 -4.27 -15.05
C SER A 25 5.09 -3.37 -14.83
N SER A 26 3.94 -3.96 -14.55
CA SER A 26 2.73 -3.18 -14.30
C SER A 26 2.87 -2.35 -13.04
N LEU A 27 3.50 -2.90 -12.00
CA LEU A 27 3.73 -2.13 -10.79
C LEU A 27 4.67 -0.95 -11.07
N ALA A 28 5.72 -1.19 -11.85
CA ALA A 28 6.64 -0.10 -12.19
C ALA A 28 5.94 0.99 -12.98
N SER A 29 5.14 0.60 -13.97
CA SER A 29 4.43 1.60 -14.78
C SER A 29 3.36 2.31 -13.97
N TRP A 30 2.71 1.60 -13.04
CA TRP A 30 1.76 2.24 -12.14
C TRP A 30 2.44 3.27 -11.25
N ASN A 31 3.60 2.91 -10.69
CA ASN A 31 4.33 3.86 -9.87
C ASN A 31 4.77 5.08 -10.67
N TYR A 32 5.23 4.86 -11.91
CA TYR A 32 5.61 5.99 -12.75
C TYR A 32 4.41 6.87 -13.08
N ASN A 33 3.27 6.27 -13.40
CA ASN A 33 2.07 7.04 -13.70
C ASN A 33 1.55 7.77 -12.48
N THR A 34 1.85 7.28 -11.29
CA THR A 34 1.49 7.96 -10.05
C THR A 34 2.65 8.76 -9.46
N ASN A 35 3.88 8.54 -9.95
CA ASN A 35 5.08 9.21 -9.37
C ASN A 35 6.15 9.39 -10.45
N ILE A 36 6.05 10.48 -11.21
CA ILE A 36 6.94 10.70 -12.34
C ILE A 36 8.28 11.19 -11.80
N THR A 37 9.20 10.26 -11.56
CA THR A 37 10.54 10.56 -11.09
C THR A 37 11.55 9.84 -11.98
N GLU A 38 12.74 10.44 -12.10
CA GLU A 38 13.77 9.85 -12.95
C GLU A 38 14.17 8.47 -12.45
N GLU A 39 14.24 8.29 -11.13
CA GLU A 39 14.53 6.97 -10.57
C GLU A 39 13.48 5.95 -11.00
N ASN A 40 12.20 6.29 -10.86
CA ASN A 40 11.15 5.38 -11.26
C ASN A 40 11.09 5.22 -12.77
N VAL A 41 11.47 6.26 -13.52
CA VAL A 41 11.54 6.14 -14.97
C VAL A 41 12.58 5.09 -15.35
N GLN A 42 13.75 5.16 -14.73
CA GLN A 42 14.79 4.16 -15.01
C GLN A 42 14.33 2.77 -14.58
N ASN A 43 13.68 2.67 -13.42
CA ASN A 43 13.24 1.37 -12.93
C ASN A 43 12.20 0.75 -13.86
N MET A 44 11.24 1.55 -14.31
CA MET A 44 10.22 1.04 -15.21
C MET A 44 10.80 0.73 -16.59
N ASN A 45 11.79 1.49 -17.04
CA ASN A 45 12.44 1.14 -18.30
C ASN A 45 13.18 -0.18 -18.19
N ASN A 46 13.87 -0.40 -17.06
CA ASN A 46 14.54 -1.68 -16.85
C ASN A 46 13.53 -2.83 -16.81
N ALA A 47 12.42 -2.63 -16.11
CA ALA A 47 11.40 -3.67 -16.03
C ALA A 47 10.79 -3.96 -17.40
N GLY A 48 10.51 -2.92 -18.18
CA GLY A 48 9.96 -3.12 -19.51
C GLY A 48 10.94 -3.79 -20.45
N ASP A 49 12.22 -3.43 -20.35
CA ASP A 49 13.23 -4.08 -21.18
C ASP A 49 13.36 -5.57 -20.83
N LYS A 50 13.35 -5.88 -19.52
CA LYS A 50 13.41 -7.29 -19.12
C LYS A 50 12.18 -8.05 -19.59
N TRP A 51 11.00 -7.42 -19.47
CA TRP A 51 9.77 -8.03 -19.93
C TRP A 51 9.80 -8.31 -21.43
N SER A 52 10.24 -7.33 -22.22
CA SER A 52 10.29 -7.50 -23.66
C SER A 52 11.32 -8.56 -24.06
N ALA A 53 12.47 -8.57 -23.40
CA ALA A 53 13.48 -9.59 -23.70
C ALA A 53 12.97 -10.99 -23.38
N PHE A 54 12.32 -11.15 -22.23
CA PHE A 54 11.76 -12.45 -21.87
C PHE A 54 10.67 -12.87 -22.85
N LEU A 55 9.81 -11.92 -23.24
CA LEU A 55 8.73 -12.24 -24.18
C LEU A 55 9.29 -12.63 -25.55
N LYS A 56 10.33 -11.93 -26.02
CA LYS A 56 10.94 -12.28 -27.29
C LYS A 56 11.60 -13.65 -27.24
N GLU A 57 12.30 -13.95 -26.14
CA GLU A 57 12.91 -15.27 -25.98
C GLU A 57 11.84 -16.35 -25.97
N GLN A 58 10.74 -16.11 -25.27
CA GLN A 58 9.69 -17.12 -25.19
C GLN A 58 8.98 -17.29 -26.53
N SER A 59 8.85 -16.22 -27.31
CA SER A 59 8.27 -16.34 -28.64
C SER A 59 9.20 -17.12 -29.58
N THR A 60 10.50 -16.87 -29.48
CA THR A 60 11.47 -17.65 -30.25
C THR A 60 11.39 -19.13 -29.86
N LEU A 61 11.15 -19.40 -28.58
CA LEU A 61 11.03 -20.78 -28.13
C LEU A 61 9.71 -21.41 -28.55
N ALA A 62 8.65 -20.60 -28.64
CA ALA A 62 7.31 -21.08 -28.94
C ALA A 62 7.08 -21.30 -30.43
N GLN A 63 7.76 -20.55 -31.30
CA GLN A 63 7.63 -20.79 -32.73
C GLN A 63 8.15 -22.16 -33.12
N MET A 64 8.91 -22.81 -32.23
CA MET A 64 9.41 -24.15 -32.50
C MET A 64 8.26 -25.14 -32.65
N TYR A 65 7.21 -25.01 -31.85
CA TYR A 65 6.13 -25.99 -31.85
C TYR A 65 5.37 -25.95 -33.17
N PRO A 66 5.28 -27.07 -33.89
CA PRO A 66 4.35 -27.11 -35.02
C PRO A 66 2.91 -27.07 -34.53
N LEU A 67 2.04 -26.51 -35.37
CA LEU A 67 0.64 -26.31 -35.00
C LEU A 67 -0.22 -27.52 -35.35
N GLN A 68 0.37 -28.70 -35.43
CA GLN A 68 -0.36 -29.89 -35.86
C GLN A 68 -0.31 -31.05 -34.88
N GLU A 69 0.85 -31.33 -34.27
CA GLU A 69 1.00 -32.55 -33.50
C GLU A 69 0.18 -32.55 -32.21
N ILE A 70 0.00 -31.41 -31.57
CA ILE A 70 -0.85 -31.34 -30.39
C ILE A 70 -2.31 -31.32 -30.83
N GLN A 71 -3.16 -32.04 -30.11
CA GLN A 71 -4.59 -32.05 -30.41
C GLN A 71 -5.44 -31.38 -29.34
N ASN A 72 -4.86 -31.05 -28.18
CA ASN A 72 -5.62 -30.34 -27.17
C ASN A 72 -5.91 -28.92 -27.65
N LEU A 73 -7.18 -28.52 -27.54
CA LEU A 73 -7.63 -27.30 -28.21
C LEU A 73 -7.07 -26.05 -27.55
N THR A 74 -7.14 -25.97 -26.22
CA THR A 74 -6.64 -24.79 -25.51
C THR A 74 -5.15 -24.61 -25.74
N VAL A 75 -4.40 -25.71 -25.71
CA VAL A 75 -2.97 -25.65 -25.94
C VAL A 75 -2.67 -25.10 -27.33
N LYS A 76 -3.40 -25.58 -28.34
CA LYS A 76 -3.18 -25.10 -29.70
C LYS A 76 -3.52 -23.62 -29.84
N LEU A 77 -4.62 -23.19 -29.21
CA LEU A 77 -4.98 -21.78 -29.29
C LEU A 77 -3.91 -20.90 -28.63
N GLN A 78 -3.44 -21.31 -27.46
CA GLN A 78 -2.37 -20.56 -26.80
C GLN A 78 -1.12 -20.49 -27.66
N LEU A 79 -0.71 -21.64 -28.21
CA LEU A 79 0.51 -21.66 -29.01
C LEU A 79 0.37 -20.79 -30.24
N GLN A 80 -0.74 -20.90 -30.96
CA GLN A 80 -0.94 -20.08 -32.15
C GLN A 80 -0.99 -18.60 -31.80
N ALA A 81 -1.51 -18.26 -30.62
CA ALA A 81 -1.42 -16.88 -30.16
C ALA A 81 0.01 -16.49 -29.83
N LEU A 82 0.88 -17.47 -29.55
CA LEU A 82 2.25 -17.18 -29.17
C LEU A 82 3.30 -17.74 -30.13
N GLN A 83 2.86 -18.33 -31.25
CA GLN A 83 3.80 -18.93 -32.22
C GLN A 83 4.25 -17.96 -33.29
N GLN A 84 4.19 -16.65 -33.06
CA GLN A 84 4.46 -15.70 -34.13
C GLN A 84 5.93 -15.28 -34.14
N ASN A 85 6.31 -14.55 -35.19
CA ASN A 85 7.71 -14.29 -35.50
C ASN A 85 8.12 -12.84 -35.29
N GLY A 86 7.47 -11.92 -35.97
CA GLY A 86 8.00 -10.57 -36.03
C GLY A 86 9.10 -10.52 -37.09
N SER A 87 10.35 -10.53 -36.63
CA SER A 87 11.52 -10.53 -37.50
C SER A 87 12.43 -11.73 -37.26
N SER A 88 11.86 -12.93 -37.18
CA SER A 88 12.65 -14.11 -36.81
C SER A 88 13.81 -14.34 -37.76
N VAL A 89 13.54 -14.38 -39.07
CA VAL A 89 14.62 -14.54 -40.04
C VAL A 89 14.84 -13.26 -40.84
N LEU A 90 13.95 -12.29 -40.72
CA LEU A 90 14.13 -11.00 -41.38
C LEU A 90 15.46 -10.37 -40.93
N SER A 91 16.16 -9.78 -41.89
CA SER A 91 17.54 -9.35 -41.67
C SER A 91 17.61 -8.26 -40.61
N GLU A 92 18.75 -8.21 -39.93
CA GLU A 92 18.99 -7.21 -38.89
C GLU A 92 18.94 -5.80 -39.46
N ASP A 93 19.55 -5.59 -40.63
CA ASP A 93 19.56 -4.26 -41.23
C ASP A 93 18.16 -3.81 -41.61
N LYS A 94 17.35 -4.70 -42.19
CA LYS A 94 15.98 -4.34 -42.56
C LYS A 94 15.14 -4.05 -41.33
N SER A 95 15.30 -4.83 -40.26
CA SER A 95 14.56 -4.56 -39.03
C SER A 95 15.00 -3.23 -38.41
N LYS A 96 16.30 -2.93 -38.48
CA LYS A 96 16.79 -1.66 -37.95
C LYS A 96 16.23 -0.49 -38.74
N ARG A 97 16.17 -0.62 -40.07
CA ARG A 97 15.54 0.40 -40.90
C ARG A 97 14.06 0.52 -40.56
N LEU A 98 13.40 -0.61 -40.34
CA LEU A 98 11.99 -0.61 -39.94
C LEU A 98 11.78 0.20 -38.67
N ASN A 99 12.59 -0.08 -37.64
CA ASN A 99 12.49 0.66 -36.38
C ASN A 99 12.82 2.13 -36.56
N THR A 100 13.81 2.44 -37.39
CA THR A 100 14.17 3.84 -37.61
C THR A 100 13.02 4.61 -38.24
N ILE A 101 12.42 4.04 -39.30
CA ILE A 101 11.28 4.68 -39.94
C ILE A 101 10.13 4.81 -38.95
N LEU A 102 9.89 3.77 -38.16
CA LEU A 102 8.76 3.80 -37.23
C LEU A 102 8.93 4.90 -36.18
N ASN A 103 10.09 4.96 -35.54
CA ASN A 103 10.34 5.99 -34.55
C ASN A 103 10.34 7.38 -35.15
N THR A 104 10.91 7.54 -36.36
CA THR A 104 10.90 8.84 -37.02
C THR A 104 9.47 9.30 -37.29
N MET A 105 8.62 8.40 -37.79
CA MET A 105 7.24 8.75 -38.08
C MET A 105 6.49 9.13 -36.81
N SER A 106 6.67 8.34 -35.75
CA SER A 106 6.01 8.65 -34.48
C SER A 106 6.45 9.99 -33.94
N THR A 107 7.76 10.28 -34.01
CA THR A 107 8.26 11.57 -33.55
C THR A 107 7.67 12.71 -34.37
N ILE A 108 7.69 12.57 -35.70
CA ILE A 108 7.19 13.63 -36.58
C ILE A 108 5.72 13.90 -36.29
N TYR A 109 4.93 12.85 -36.02
CA TYR A 109 3.52 13.07 -35.73
C TYR A 109 3.33 13.73 -34.37
N SER A 110 3.78 13.09 -33.31
CA SER A 110 3.47 13.53 -31.96
C SER A 110 4.54 14.44 -31.37
N THR A 111 5.78 13.95 -31.28
CA THR A 111 6.83 14.76 -30.67
C THR A 111 7.18 15.96 -31.53
N GLY A 112 7.20 15.79 -32.85
CA GLY A 112 7.43 16.91 -33.74
C GLY A 112 6.33 17.95 -33.61
N LYS A 113 6.67 19.09 -33.02
CA LYS A 113 5.75 20.19 -32.80
C LYS A 113 5.29 20.74 -34.14
N VAL A 114 4.01 21.05 -34.25
CA VAL A 114 3.46 21.65 -35.45
C VAL A 114 3.76 23.14 -35.36
N CYS A 115 4.91 23.53 -35.92
CA CYS A 115 5.35 24.92 -35.87
C CYS A 115 4.53 25.75 -36.84
N ASN A 116 3.81 26.73 -36.30
CA ASN A 116 2.99 27.58 -37.15
C ASN A 116 3.87 28.35 -38.13
N PRO A 117 3.43 28.53 -39.37
CA PRO A 117 4.26 29.23 -40.36
C PRO A 117 4.48 30.68 -39.96
N ASP A 118 5.57 31.24 -40.46
CA ASP A 118 6.07 32.59 -40.19
C ASP A 118 6.65 32.73 -38.78
N ASN A 119 6.69 31.65 -38.00
CA ASN A 119 7.31 31.64 -36.68
C ASN A 119 7.91 30.26 -36.43
N PRO A 120 9.03 29.94 -37.07
CA PRO A 120 9.66 28.63 -36.85
C PRO A 120 10.11 28.41 -35.42
N GLN A 121 10.37 29.48 -34.66
CA GLN A 121 10.76 29.33 -33.26
C GLN A 121 9.57 28.88 -32.41
N GLU A 122 8.41 29.49 -32.60
CA GLU A 122 7.20 29.12 -31.88
C GLU A 122 6.64 27.84 -32.49
N CYS A 123 7.00 26.71 -31.90
CA CYS A 123 6.59 25.40 -32.40
C CYS A 123 5.52 24.83 -31.47
N LEU A 124 4.27 24.91 -31.90
CA LEU A 124 3.13 24.47 -31.11
C LEU A 124 2.96 22.96 -31.26
N LEU A 125 2.61 22.30 -30.15
CA LEU A 125 2.31 20.88 -30.18
C LEU A 125 1.01 20.63 -30.92
N LEU A 126 0.85 19.42 -31.46
CA LEU A 126 -0.45 19.03 -31.97
C LEU A 126 -1.46 18.91 -30.84
N GLU A 127 -1.07 18.32 -29.72
CA GLU A 127 -1.94 18.17 -28.56
C GLU A 127 -1.41 19.00 -27.40
N PRO A 128 -2.29 19.72 -26.71
CA PRO A 128 -3.71 19.90 -26.97
C PRO A 128 -4.00 21.11 -27.85
N GLY A 129 -2.96 21.66 -28.48
CA GLY A 129 -3.10 22.87 -29.27
C GLY A 129 -4.13 22.77 -30.38
N LEU A 130 -3.85 21.95 -31.39
CA LEU A 130 -4.85 21.75 -32.44
C LEU A 130 -5.95 20.82 -31.99
N ASN A 131 -5.75 20.09 -30.88
CA ASN A 131 -6.85 19.34 -30.29
C ASN A 131 -7.95 20.28 -29.84
N GLU A 132 -7.57 21.45 -29.28
CA GLU A 132 -8.57 22.45 -28.94
C GLU A 132 -9.38 22.88 -30.15
N ILE A 133 -8.70 23.16 -31.27
CA ILE A 133 -9.40 23.62 -32.47
C ILE A 133 -10.28 22.52 -33.01
N MET A 134 -9.83 21.26 -32.92
CA MET A 134 -10.54 20.17 -33.58
C MET A 134 -11.75 19.72 -32.77
N ALA A 135 -11.58 19.50 -31.48
CA ALA A 135 -12.67 19.08 -30.62
C ALA A 135 -13.53 20.25 -30.14
N ASN A 136 -13.08 21.48 -30.32
CA ASN A 136 -13.76 22.65 -29.77
C ASN A 136 -14.18 23.66 -30.82
N SER A 137 -13.26 24.10 -31.68
CA SER A 137 -13.53 25.25 -32.53
C SER A 137 -14.50 24.91 -33.65
N LEU A 138 -15.18 25.94 -34.16
CA LEU A 138 -16.17 25.77 -35.22
C LEU A 138 -15.95 26.64 -36.44
N ASP A 139 -14.92 27.48 -36.47
CA ASP A 139 -14.63 28.33 -37.62
C ASP A 139 -14.15 27.50 -38.80
N TYR A 140 -14.58 27.90 -39.99
CA TYR A 140 -14.13 27.25 -41.22
C TYR A 140 -12.67 27.56 -41.52
N ASN A 141 -12.24 28.78 -41.22
CA ASN A 141 -10.88 29.19 -41.60
C ASN A 141 -9.83 28.49 -40.76
N GLU A 142 -10.02 28.48 -39.44
CA GLU A 142 -9.05 27.85 -38.55
C GLU A 142 -8.99 26.34 -38.79
N ARG A 143 -10.14 25.70 -38.95
CA ARG A 143 -10.15 24.27 -39.21
C ARG A 143 -9.60 23.96 -40.60
N LEU A 144 -9.82 24.84 -41.57
CA LEU A 144 -9.23 24.64 -42.89
C LEU A 144 -7.72 24.72 -42.80
N TRP A 145 -7.20 25.69 -42.05
CA TRP A 145 -5.76 25.76 -41.82
C TRP A 145 -5.24 24.51 -41.13
N ALA A 146 -5.99 24.01 -40.13
CA ALA A 146 -5.56 22.81 -39.42
C ALA A 146 -5.50 21.61 -40.35
N TRP A 147 -6.52 21.45 -41.21
CA TRP A 147 -6.55 20.34 -42.15
C TRP A 147 -5.43 20.46 -43.17
N GLU A 148 -5.19 21.66 -43.69
CA GLU A 148 -4.11 21.88 -44.64
C GLU A 148 -2.76 21.56 -44.01
N SER A 149 -2.53 22.06 -42.79
CA SER A 149 -1.28 21.79 -42.10
C SER A 149 -1.12 20.30 -41.82
N TRP A 150 -2.19 19.63 -41.40
CA TRP A 150 -2.14 18.20 -41.19
C TRP A 150 -1.73 17.48 -42.47
N ARG A 151 -2.55 17.57 -43.51
CA ARG A 151 -2.33 16.83 -44.74
C ARG A 151 -1.11 17.31 -45.55
N SER A 152 -0.52 18.46 -45.21
CA SER A 152 0.59 18.99 -45.98
C SER A 152 1.84 19.24 -45.15
N GLU A 153 1.77 19.05 -43.83
CA GLU A 153 2.98 19.04 -43.01
C GLU A 153 3.25 17.69 -42.37
N VAL A 154 2.22 16.99 -41.88
CA VAL A 154 2.39 15.60 -41.50
C VAL A 154 2.26 14.71 -42.73
N GLY A 155 1.37 15.08 -43.65
CA GLY A 155 1.15 14.26 -44.83
C GLY A 155 2.37 14.17 -45.73
N LYS A 156 3.02 15.31 -46.00
CA LYS A 156 4.20 15.29 -46.86
C LYS A 156 5.37 14.59 -46.20
N GLN A 157 5.57 14.83 -44.91
CA GLN A 157 6.65 14.17 -44.17
C GLN A 157 6.39 12.68 -43.96
N LEU A 158 5.13 12.24 -44.05
CA LEU A 158 4.79 10.83 -43.88
C LEU A 158 4.59 10.08 -45.18
N ARG A 159 4.43 10.75 -46.31
CA ARG A 159 4.26 10.02 -47.57
C ARG A 159 5.47 9.15 -47.91
N PRO A 160 6.70 9.69 -48.08
CA PRO A 160 7.80 8.82 -48.54
C PRO A 160 8.22 7.82 -47.48
N LEU A 161 8.35 8.26 -46.23
CA LEU A 161 8.80 7.37 -45.17
C LEU A 161 7.83 6.22 -44.98
N TYR A 162 6.54 6.53 -44.88
CA TYR A 162 5.56 5.47 -44.68
C TYR A 162 5.32 4.69 -45.98
N GLU A 163 5.64 5.28 -47.13
CA GLU A 163 5.59 4.50 -48.37
C GLU A 163 6.65 3.41 -48.36
N GLU A 164 7.88 3.77 -47.97
CA GLU A 164 8.92 2.75 -47.83
C GLU A 164 8.58 1.78 -46.70
N TYR A 165 7.88 2.26 -45.68
CA TYR A 165 7.45 1.36 -44.60
C TYR A 165 6.41 0.38 -45.11
N VAL A 166 5.53 0.82 -46.00
CA VAL A 166 4.54 -0.07 -46.61
C VAL A 166 5.22 -1.07 -47.53
N VAL A 167 6.26 -0.65 -48.23
CA VAL A 167 7.04 -1.59 -49.04
C VAL A 167 7.71 -2.64 -48.17
N LEU A 168 8.28 -2.20 -47.04
CA LEU A 168 8.86 -3.12 -46.06
C LEU A 168 7.79 -4.07 -45.54
N LYS A 169 6.58 -3.57 -45.33
CA LYS A 169 5.49 -4.43 -44.86
C LYS A 169 5.09 -5.43 -45.95
N ASN A 170 5.09 -5.00 -47.21
CA ASN A 170 4.87 -5.93 -48.31
C ASN A 170 5.85 -7.07 -48.24
N GLU A 171 7.15 -6.73 -48.16
CA GLU A 171 8.19 -7.76 -48.17
C GLU A 171 8.12 -8.65 -46.94
N MET A 172 7.84 -8.08 -45.76
CA MET A 172 7.82 -8.88 -44.55
C MET A 172 6.58 -9.78 -44.50
N ALA A 173 5.43 -9.26 -44.92
CA ALA A 173 4.23 -10.07 -44.99
C ALA A 173 4.39 -11.22 -45.97
N ARG A 174 4.99 -10.95 -47.13
CA ARG A 174 5.12 -12.00 -48.14
C ARG A 174 6.19 -13.02 -47.77
N ALA A 175 7.29 -12.58 -47.14
CA ALA A 175 8.34 -13.49 -46.73
C ALA A 175 8.11 -14.07 -45.33
N ASN A 176 6.98 -13.75 -44.70
CA ASN A 176 6.67 -14.24 -43.36
C ASN A 176 6.60 -15.76 -43.29
N HIS A 177 6.73 -16.45 -44.43
CA HIS A 177 6.54 -17.90 -44.51
C HIS A 177 5.11 -18.27 -44.12
N TYR A 178 4.24 -17.26 -44.15
CA TYR A 178 2.83 -17.42 -43.91
C TYR A 178 2.09 -16.52 -44.88
N GLU A 179 0.80 -16.30 -44.61
CA GLU A 179 -0.02 -15.54 -45.54
C GLU A 179 0.43 -14.08 -45.60
N ASP A 180 0.60 -13.44 -44.45
CA ASP A 180 1.02 -12.04 -44.39
C ASP A 180 1.29 -11.67 -42.94
N TYR A 181 1.63 -10.40 -42.71
CA TYR A 181 1.60 -9.86 -41.35
C TYR A 181 0.17 -9.70 -40.86
N GLY A 182 -0.78 -9.60 -41.79
CA GLY A 182 -2.18 -9.70 -41.42
C GLY A 182 -2.49 -11.02 -40.75
N ASP A 183 -1.83 -12.09 -41.19
CA ASP A 183 -1.91 -13.37 -40.48
C ASP A 183 -1.34 -13.26 -39.08
N TYR A 184 -0.25 -12.52 -38.92
CA TYR A 184 0.30 -12.28 -37.59
C TYR A 184 -0.73 -11.62 -36.68
N TRP A 185 -1.43 -10.59 -37.20
CA TRP A 185 -2.44 -9.91 -36.40
C TRP A 185 -3.65 -10.80 -36.13
N ARG A 186 -4.01 -11.64 -37.11
CA ARG A 186 -5.26 -12.38 -37.05
C ARG A 186 -5.09 -13.81 -36.55
N GLY A 187 -3.89 -14.18 -36.10
CA GLY A 187 -3.66 -15.54 -35.65
C GLY A 187 -4.52 -15.99 -34.50
N ASP A 188 -4.85 -15.08 -33.59
CA ASP A 188 -5.68 -15.47 -32.44
C ASP A 188 -7.09 -15.85 -32.87
N TYR A 189 -7.51 -15.42 -34.07
CA TYR A 189 -8.81 -15.83 -34.60
C TYR A 189 -8.91 -17.33 -34.83
N GLU A 190 -7.92 -17.92 -35.50
CA GLU A 190 -8.05 -19.29 -35.97
C GLU A 190 -8.09 -20.27 -34.80
N VAL A 191 -9.09 -21.14 -34.81
CA VAL A 191 -9.22 -22.23 -33.86
C VAL A 191 -9.00 -23.51 -34.65
N ASN A 192 -8.14 -24.38 -34.14
CA ASN A 192 -7.81 -25.62 -34.85
C ASN A 192 -7.75 -26.77 -33.87
N GLY A 193 -8.22 -27.94 -34.31
CA GLY A 193 -8.18 -29.14 -33.50
C GLY A 193 -9.53 -29.71 -33.09
N VAL A 194 -10.62 -28.97 -33.29
CA VAL A 194 -11.96 -29.44 -32.97
C VAL A 194 -12.88 -29.13 -34.14
N ASP A 195 -13.65 -30.13 -34.56
CA ASP A 195 -14.61 -29.96 -35.65
C ASP A 195 -15.88 -29.29 -35.12
N GLY A 196 -16.39 -28.33 -35.88
CA GLY A 196 -17.57 -27.59 -35.48
C GLY A 196 -17.29 -26.30 -34.75
N TYR A 197 -16.09 -26.15 -34.20
CA TYR A 197 -15.70 -24.91 -33.54
C TYR A 197 -14.36 -24.38 -34.06
N ASP A 198 -13.86 -24.94 -35.15
CA ASP A 198 -12.65 -24.41 -35.77
C ASP A 198 -12.96 -23.11 -36.50
N TYR A 199 -11.95 -22.24 -36.60
CA TYR A 199 -12.12 -20.95 -37.26
C TYR A 199 -11.17 -20.87 -38.45
N SER A 200 -11.67 -20.31 -39.55
CA SER A 200 -10.87 -20.20 -40.76
C SER A 200 -10.14 -18.87 -40.81
N ARG A 201 -9.29 -18.70 -41.82
CA ARG A 201 -8.50 -17.48 -41.95
C ARG A 201 -9.27 -16.39 -42.70
N GLY A 202 -9.67 -16.69 -43.94
CA GLY A 202 -10.43 -15.73 -44.72
C GLY A 202 -11.85 -15.55 -44.23
N GLN A 203 -12.26 -16.31 -43.22
CA GLN A 203 -13.60 -16.18 -42.66
C GLN A 203 -13.83 -14.79 -42.10
N LEU A 204 -12.78 -14.14 -41.59
CA LEU A 204 -12.92 -12.79 -41.07
C LEU A 204 -13.20 -11.79 -42.18
N ILE A 205 -12.62 -12.01 -43.36
CA ILE A 205 -12.93 -11.17 -44.51
C ILE A 205 -14.42 -11.19 -44.78
N GLU A 206 -14.99 -12.39 -44.85
CA GLU A 206 -16.43 -12.53 -45.09
C GLU A 206 -17.23 -11.93 -43.95
N ASP A 207 -16.81 -12.17 -42.70
CA ASP A 207 -17.54 -11.61 -41.56
C ASP A 207 -17.60 -10.10 -41.64
N VAL A 208 -16.45 -9.44 -41.81
CA VAL A 208 -16.41 -7.98 -41.82
C VAL A 208 -17.19 -7.44 -43.02
N GLU A 209 -16.98 -8.03 -44.19
CA GLU A 209 -17.61 -7.50 -45.40
C GLU A 209 -19.12 -7.69 -45.38
N HIS A 210 -19.60 -8.85 -44.91
CA HIS A 210 -21.03 -9.09 -44.87
C HIS A 210 -21.70 -8.28 -43.78
N THR A 211 -21.02 -8.10 -42.64
CA THR A 211 -21.54 -7.20 -41.62
C THR A 211 -21.63 -5.78 -42.17
N PHE A 212 -20.65 -5.37 -42.99
CA PHE A 212 -20.79 -4.08 -43.67
C PHE A 212 -21.98 -4.08 -44.62
N GLU A 213 -22.22 -5.20 -45.31
CA GLU A 213 -23.36 -5.27 -46.21
C GLU A 213 -24.67 -5.07 -45.47
N GLU A 214 -24.79 -5.62 -44.26
CA GLU A 214 -26.03 -5.50 -43.50
C GLU A 214 -26.07 -4.27 -42.60
N ILE A 215 -24.94 -3.58 -42.43
CA ILE A 215 -24.91 -2.32 -41.69
C ILE A 215 -25.05 -1.12 -42.62
N LYS A 216 -24.70 -1.26 -43.90
CA LYS A 216 -24.82 -0.16 -44.87
C LYS A 216 -26.12 0.61 -44.75
N PRO A 217 -27.27 -0.01 -44.43
CA PRO A 217 -28.41 0.80 -43.98
C PRO A 217 -28.05 1.65 -42.76
N LEU A 218 -27.66 1.03 -41.64
CA LEU A 218 -27.33 1.80 -40.45
C LEU A 218 -26.06 2.62 -40.66
N TYR A 219 -25.05 2.01 -41.28
CA TYR A 219 -23.84 2.73 -41.65
C TYR A 219 -24.17 4.05 -42.33
N GLU A 220 -24.86 3.97 -43.47
CA GLU A 220 -25.15 5.16 -44.25
C GLU A 220 -26.07 6.11 -43.52
N HIS A 221 -27.09 5.60 -42.83
CA HIS A 221 -28.01 6.49 -42.14
C HIS A 221 -27.32 7.30 -41.05
N LEU A 222 -26.59 6.63 -40.15
CA LEU A 222 -25.91 7.34 -39.07
C LEU A 222 -24.82 8.25 -39.62
N HIS A 223 -24.06 7.77 -40.62
CA HIS A 223 -22.97 8.56 -41.16
C HIS A 223 -23.50 9.81 -41.86
N ALA A 224 -24.62 9.67 -42.58
CA ALA A 224 -25.22 10.80 -43.27
C ALA A 224 -25.90 11.75 -42.30
N TYR A 225 -26.41 11.23 -41.18
CA TYR A 225 -26.97 12.11 -40.17
C TYR A 225 -25.89 12.96 -39.53
N VAL A 226 -24.74 12.34 -39.20
CA VAL A 226 -23.61 13.12 -38.72
C VAL A 226 -23.15 14.09 -39.78
N ARG A 227 -23.20 13.67 -41.05
CA ARG A 227 -22.89 14.54 -42.17
C ARG A 227 -23.77 15.78 -42.19
N ALA A 228 -25.08 15.59 -42.01
CA ALA A 228 -26.02 16.70 -42.06
C ALA A 228 -25.86 17.61 -40.85
N LYS A 229 -25.59 17.02 -39.68
CA LYS A 229 -25.37 17.85 -38.50
C LYS A 229 -24.11 18.70 -38.64
N LEU A 230 -23.04 18.13 -39.20
CA LEU A 230 -21.85 18.93 -39.46
C LEU A 230 -22.06 19.91 -40.60
N MET A 231 -22.96 19.60 -41.53
CA MET A 231 -23.37 20.59 -42.53
C MET A 231 -24.02 21.79 -41.86
N ASN A 232 -24.91 21.54 -40.90
CA ASN A 232 -25.45 22.61 -40.09
C ASN A 232 -24.34 23.32 -39.32
N ALA A 233 -23.31 22.59 -38.93
CA ALA A 233 -22.17 23.20 -38.26
C ALA A 233 -21.22 23.83 -39.28
N TYR A 234 -20.85 23.08 -40.32
CA TYR A 234 -19.82 23.50 -41.26
C TYR A 234 -20.42 23.51 -42.66
N PRO A 235 -21.00 24.64 -43.09
CA PRO A 235 -21.74 24.64 -44.36
C PRO A 235 -20.89 24.27 -45.57
N SER A 236 -19.61 24.64 -45.58
CA SER A 236 -18.76 24.47 -46.74
C SER A 236 -17.81 23.28 -46.62
N TYR A 237 -17.86 22.52 -45.52
CA TYR A 237 -17.32 21.17 -45.48
C TYR A 237 -18.26 20.12 -46.04
N ILE A 238 -19.56 20.35 -46.02
CA ILE A 238 -20.54 19.36 -46.46
C ILE A 238 -21.45 20.03 -47.48
N SER A 239 -21.29 19.66 -48.74
CA SER A 239 -22.28 19.92 -49.76
C SER A 239 -23.47 18.98 -49.55
N PRO A 240 -24.64 19.28 -50.11
CA PRO A 240 -25.75 18.31 -50.05
C PRO A 240 -25.34 16.90 -50.46
N ILE A 241 -24.24 16.76 -51.19
CA ILE A 241 -23.61 15.46 -51.38
C ILE A 241 -22.22 15.42 -50.77
N GLY A 242 -21.75 16.51 -50.18
CA GLY A 242 -20.39 16.60 -49.68
C GLY A 242 -20.11 15.63 -48.55
N CYS A 243 -18.82 15.36 -48.37
CA CYS A 243 -18.36 14.30 -47.47
C CYS A 243 -17.80 14.90 -46.18
N LEU A 244 -17.23 14.03 -45.35
CA LEU A 244 -16.59 14.42 -44.11
C LEU A 244 -15.11 14.03 -44.12
N PRO A 245 -14.25 14.88 -43.58
CA PRO A 245 -12.85 14.50 -43.38
C PRO A 245 -12.72 13.54 -42.20
N ALA A 246 -11.46 13.20 -41.86
CA ALA A 246 -11.18 12.27 -40.78
C ALA A 246 -10.64 12.95 -39.52
N HIS A 247 -10.24 14.21 -39.61
CA HIS A 247 -9.71 14.93 -38.47
C HIS A 247 -10.79 15.65 -37.66
N LEU A 248 -12.04 15.61 -38.13
CA LEU A 248 -13.18 16.21 -37.43
C LEU A 248 -13.88 15.20 -36.53
N LEU A 249 -13.13 14.23 -36.02
CA LEU A 249 -13.66 13.24 -35.10
C LEU A 249 -13.09 13.40 -33.70
N GLY A 250 -12.91 14.64 -33.25
CA GLY A 250 -12.37 14.90 -31.94
C GLY A 250 -10.87 14.74 -31.88
N ASP A 251 -10.39 13.50 -32.00
CA ASP A 251 -8.96 13.22 -32.03
C ASP A 251 -8.44 13.31 -33.47
N MET A 252 -7.16 13.00 -33.66
CA MET A 252 -6.56 13.21 -34.98
C MET A 252 -7.01 12.16 -35.98
N TRP A 253 -6.70 10.89 -35.72
CA TRP A 253 -7.05 9.82 -36.65
C TRP A 253 -8.54 9.60 -36.80
N GLY A 254 -9.30 9.60 -35.71
CA GLY A 254 -10.72 9.35 -35.76
C GLY A 254 -11.19 8.09 -35.05
N ARG A 255 -10.52 7.68 -33.98
CA ARG A 255 -10.89 6.45 -33.30
C ARG A 255 -12.30 6.53 -32.73
N PHE A 256 -12.65 7.67 -32.13
CA PHE A 256 -13.96 7.86 -31.50
C PHE A 256 -14.64 9.08 -32.10
N TRP A 257 -15.97 9.09 -32.05
CA TRP A 257 -16.78 10.15 -32.61
C TRP A 257 -17.37 11.07 -31.54
N THR A 258 -16.83 10.98 -30.31
CA THR A 258 -17.54 11.50 -29.14
C THR A 258 -17.75 13.01 -29.22
N ASN A 259 -16.74 13.75 -29.67
CA ASN A 259 -16.80 15.21 -29.60
C ASN A 259 -17.81 15.82 -30.58
N LEU A 260 -18.42 15.01 -31.44
CA LEU A 260 -19.44 15.49 -32.36
C LEU A 260 -20.78 15.75 -31.70
N TYR A 261 -20.96 15.36 -30.44
CA TYR A 261 -22.29 15.38 -29.83
C TYR A 261 -22.86 16.79 -29.77
N SER A 262 -22.01 17.78 -29.47
CA SER A 262 -22.49 19.15 -29.33
C SER A 262 -23.13 19.66 -30.61
N LEU A 263 -22.73 19.12 -31.76
CA LEU A 263 -23.29 19.54 -33.03
C LEU A 263 -24.38 18.61 -33.55
N THR A 264 -24.74 17.57 -32.79
CA THR A 264 -25.68 16.56 -33.22
C THR A 264 -26.79 16.36 -32.19
N VAL A 265 -27.17 17.44 -31.51
CA VAL A 265 -28.10 17.31 -30.39
C VAL A 265 -29.51 17.18 -30.94
N PRO A 266 -30.21 16.09 -30.64
CA PRO A 266 -31.61 15.94 -31.09
C PRO A 266 -32.56 16.91 -30.42
N PHE A 267 -32.52 16.94 -29.08
CA PHE A 267 -33.42 17.77 -28.28
C PHE A 267 -32.56 18.59 -27.33
N GLY A 268 -32.15 19.77 -27.78
CA GLY A 268 -31.32 20.63 -26.96
C GLY A 268 -32.06 21.44 -25.91
N GLN A 269 -33.39 21.51 -26.00
CA GLN A 269 -34.15 22.30 -25.03
C GLN A 269 -34.08 21.67 -23.64
N LYS A 270 -34.33 20.37 -23.54
CA LYS A 270 -34.30 19.68 -22.25
C LYS A 270 -32.88 19.25 -21.95
N PRO A 271 -32.26 19.73 -20.88
CA PRO A 271 -30.91 19.30 -20.54
C PRO A 271 -30.89 17.82 -20.20
N ASN A 272 -29.77 17.18 -20.51
CA ASN A 272 -29.60 15.77 -20.20
C ASN A 272 -29.48 15.56 -18.70
N ILE A 273 -29.29 14.31 -18.30
CA ILE A 273 -29.16 14.01 -16.87
C ILE A 273 -27.73 14.32 -16.46
N ASP A 274 -27.49 15.56 -16.03
CA ASP A 274 -26.20 15.99 -15.52
C ASP A 274 -26.29 16.00 -14.00
N VAL A 275 -25.58 15.07 -13.37
CA VAL A 275 -25.70 14.83 -11.94
C VAL A 275 -24.64 15.61 -11.17
N THR A 276 -23.81 16.38 -11.85
CA THR A 276 -22.77 17.16 -11.19
C THR A 276 -23.37 18.10 -10.13
N ASP A 277 -24.37 18.88 -10.52
CA ASP A 277 -25.02 19.77 -9.56
C ASP A 277 -25.75 18.99 -8.49
N ALA A 278 -26.40 17.89 -8.87
CA ALA A 278 -27.11 17.08 -7.88
C ALA A 278 -26.14 16.43 -6.90
N MET A 279 -25.01 15.92 -7.39
CA MET A 279 -24.01 15.33 -6.50
C MET A 279 -23.39 16.39 -5.58
N VAL A 280 -23.19 17.61 -6.10
CA VAL A 280 -22.66 18.68 -5.26
C VAL A 280 -23.66 19.05 -4.17
N ASP A 281 -24.95 19.13 -4.53
CA ASP A 281 -25.96 19.55 -3.56
C ASP A 281 -26.07 18.60 -2.39
N GLN A 282 -25.99 17.29 -2.65
CA GLN A 282 -26.09 16.31 -1.58
C GLN A 282 -24.75 16.04 -0.91
N ALA A 283 -23.70 16.75 -1.29
CA ALA A 283 -22.37 16.63 -0.68
C ALA A 283 -21.86 15.20 -0.76
N TRP A 284 -21.77 14.69 -1.98
CA TRP A 284 -21.30 13.34 -2.24
C TRP A 284 -20.03 13.41 -3.07
N ASP A 285 -18.97 12.74 -2.60
CA ASP A 285 -17.65 12.85 -3.21
C ASP A 285 -17.42 11.71 -4.19
N ALA A 286 -16.17 11.59 -4.65
CA ALA A 286 -15.83 10.54 -5.63
C ALA A 286 -16.03 9.15 -5.06
N GLN A 287 -15.67 8.94 -3.78
CA GLN A 287 -15.88 7.64 -3.17
C GLN A 287 -17.36 7.27 -3.15
N ARG A 288 -18.23 8.27 -2.96
CA ARG A 288 -19.66 8.01 -3.04
C ARG A 288 -20.08 7.64 -4.46
N ILE A 289 -19.46 8.26 -5.47
CA ILE A 289 -19.72 7.87 -6.85
C ILE A 289 -19.38 6.40 -7.08
N PHE A 290 -18.22 5.98 -6.59
CA PHE A 290 -17.82 4.59 -6.77
C PHE A 290 -18.69 3.65 -5.96
N LYS A 291 -19.16 4.08 -4.79
CA LYS A 291 -20.10 3.25 -4.04
C LYS A 291 -21.43 3.11 -4.77
N GLU A 292 -21.88 4.17 -5.43
CA GLU A 292 -23.09 4.07 -6.25
C GLU A 292 -22.89 3.08 -7.38
N ALA A 293 -21.74 3.14 -8.06
CA ALA A 293 -21.47 2.17 -9.12
C ALA A 293 -21.42 0.75 -8.59
N GLU A 294 -20.83 0.57 -7.40
CA GLU A 294 -20.76 -0.73 -6.76
C GLU A 294 -22.16 -1.26 -6.45
N LYS A 295 -23.03 -0.41 -5.93
CA LYS A 295 -24.41 -0.82 -5.66
C LYS A 295 -25.15 -1.17 -6.95
N PHE A 296 -24.91 -0.41 -8.02
CA PHE A 296 -25.52 -0.75 -9.30
C PHE A 296 -25.09 -2.13 -9.74
N PHE A 297 -23.80 -2.43 -9.62
CA PHE A 297 -23.32 -3.75 -10.02
C PHE A 297 -23.91 -4.85 -9.13
N VAL A 298 -24.07 -4.58 -7.83
CA VAL A 298 -24.70 -5.55 -6.95
C VAL A 298 -26.14 -5.82 -7.38
N SER A 299 -26.84 -4.77 -7.83
CA SER A 299 -28.26 -4.90 -8.17
C SER A 299 -28.52 -5.97 -9.23
N VAL A 300 -27.54 -6.26 -10.09
CA VAL A 300 -27.72 -7.26 -11.15
C VAL A 300 -27.12 -8.60 -10.78
N GLY A 301 -26.65 -8.76 -9.55
CA GLY A 301 -26.11 -10.03 -9.09
C GLY A 301 -24.61 -10.18 -9.22
N LEU A 302 -23.94 -9.29 -9.94
CA LEU A 302 -22.50 -9.39 -10.04
C LEU A 302 -21.83 -9.07 -8.71
N PRO A 303 -20.70 -9.71 -8.41
CA PRO A 303 -20.00 -9.41 -7.16
C PRO A 303 -19.49 -7.98 -7.15
N ASN A 304 -19.39 -7.42 -5.95
CA ASN A 304 -18.91 -6.02 -5.86
C ASN A 304 -17.44 -6.01 -5.43
N MET A 305 -16.83 -4.83 -5.46
CA MET A 305 -15.40 -4.66 -5.40
C MET A 305 -14.83 -5.07 -4.04
N THR A 306 -13.56 -5.47 -4.06
CA THR A 306 -12.84 -5.83 -2.85
C THR A 306 -12.31 -4.58 -2.16
N GLN A 307 -11.91 -4.75 -0.89
CA GLN A 307 -11.40 -3.64 -0.12
C GLN A 307 -10.09 -3.11 -0.67
N GLY A 308 -9.29 -3.97 -1.30
CA GLY A 308 -8.07 -3.51 -1.93
C GLY A 308 -8.33 -2.49 -3.02
N PHE A 309 -9.45 -2.62 -3.73
CA PHE A 309 -9.83 -1.63 -4.72
C PHE A 309 -10.04 -0.26 -4.08
N TRP A 310 -10.70 -0.22 -2.93
CA TRP A 310 -10.90 1.05 -2.23
C TRP A 310 -9.58 1.58 -1.69
N GLU A 311 -8.71 0.70 -1.22
CA GLU A 311 -7.51 1.14 -0.52
C GLU A 311 -6.44 1.64 -1.50
N ASN A 312 -6.10 0.82 -2.50
CA ASN A 312 -4.94 1.09 -3.33
C ASN A 312 -5.21 1.98 -4.53
N SER A 313 -6.42 1.94 -5.08
CA SER A 313 -6.70 2.70 -6.30
C SER A 313 -6.65 4.19 -6.02
N MET A 314 -6.09 4.94 -6.97
CA MET A 314 -5.97 6.39 -6.85
C MET A 314 -7.21 7.02 -7.47
N LEU A 315 -8.16 7.42 -6.63
CA LEU A 315 -9.42 7.98 -7.08
C LEU A 315 -9.41 9.50 -7.11
N THR A 316 -8.26 10.13 -6.87
CA THR A 316 -8.16 11.59 -6.93
C THR A 316 -6.71 11.96 -7.19
N ASP A 317 -6.51 13.00 -8.00
CA ASP A 317 -5.16 13.46 -8.28
C ASP A 317 -4.53 14.04 -7.01
N PRO A 318 -3.38 13.53 -6.58
CA PRO A 318 -2.74 14.08 -5.38
C PRO A 318 -2.38 15.54 -5.49
N GLY A 319 -2.07 16.02 -6.69
CA GLY A 319 -1.68 17.41 -6.85
C GLY A 319 -0.29 17.64 -6.30
N ASN A 320 -0.07 18.83 -5.73
CA ASN A 320 1.20 19.28 -5.16
C ASN A 320 2.43 18.74 -5.90
N VAL A 321 3.30 18.06 -5.17
CA VAL A 321 4.53 17.51 -5.75
C VAL A 321 4.23 16.36 -6.70
N GLN A 322 3.32 15.48 -6.30
CA GLN A 322 3.04 14.29 -7.11
C GLN A 322 2.46 14.68 -8.47
N LYS A 323 3.09 14.19 -9.53
CA LYS A 323 2.63 14.41 -10.89
C LYS A 323 2.12 13.09 -11.45
N ALA A 324 0.87 13.08 -11.89
CA ALA A 324 0.23 11.87 -12.38
C ALA A 324 -0.52 12.14 -13.67
N VAL A 325 -0.46 11.19 -14.59
CA VAL A 325 -1.21 11.26 -15.83
C VAL A 325 -2.66 10.90 -15.53
N CYS A 326 -3.59 11.75 -15.97
CA CYS A 326 -5.00 11.59 -15.69
C CYS A 326 -5.69 10.66 -16.69
N HIS A 327 -4.96 9.76 -17.32
CA HIS A 327 -5.55 8.82 -18.27
C HIS A 327 -6.24 7.69 -17.51
N PRO A 328 -7.55 7.54 -17.62
CA PRO A 328 -8.23 6.46 -16.90
C PRO A 328 -7.81 5.10 -17.42
N THR A 329 -7.57 4.17 -16.49
CA THR A 329 -7.15 2.81 -16.84
C THR A 329 -7.45 1.88 -15.68
N ALA A 330 -8.21 0.83 -15.94
CA ALA A 330 -8.46 -0.21 -14.94
C ALA A 330 -7.23 -1.10 -14.89
N TRP A 331 -6.27 -0.71 -14.06
CA TRP A 331 -4.98 -1.38 -14.01
C TRP A 331 -5.12 -2.76 -13.38
N ASP A 332 -5.22 -3.78 -14.22
CA ASP A 332 -5.24 -5.17 -13.78
C ASP A 332 -3.79 -5.62 -13.67
N LEU A 333 -3.18 -5.31 -12.52
CA LEU A 333 -1.78 -5.68 -12.29
C LEU A 333 -1.58 -7.19 -12.23
N GLY A 334 -2.65 -7.95 -11.99
CA GLY A 334 -2.54 -9.39 -11.89
C GLY A 334 -2.40 -9.87 -10.47
N LYS A 335 -2.58 -11.18 -10.30
CA LYS A 335 -2.55 -11.83 -8.99
C LYS A 335 -3.55 -11.19 -8.03
N GLY A 336 -4.77 -10.96 -8.52
CA GLY A 336 -5.82 -10.39 -7.71
C GLY A 336 -5.73 -8.90 -7.52
N ASP A 337 -4.73 -8.25 -8.10
CA ASP A 337 -4.52 -6.81 -7.94
C ASP A 337 -5.36 -6.08 -8.99
N PHE A 338 -6.48 -5.52 -8.55
CA PHE A 338 -7.34 -4.71 -9.41
C PHE A 338 -7.37 -3.29 -8.88
N ARG A 339 -6.92 -2.35 -9.71
CA ARG A 339 -6.91 -0.95 -9.34
C ARG A 339 -7.53 -0.13 -10.47
N ILE A 340 -7.89 1.09 -10.14
CA ILE A 340 -8.39 2.06 -11.12
C ILE A 340 -7.60 3.34 -10.93
N LEU A 341 -6.97 3.82 -12.00
CA LEU A 341 -6.19 5.05 -12.00
C LEU A 341 -6.98 6.10 -12.77
N MET A 342 -7.47 7.11 -12.05
CA MET A 342 -8.19 8.19 -12.70
C MET A 342 -8.27 9.38 -11.75
N CYS A 343 -8.25 10.58 -12.31
CA CYS A 343 -8.39 11.81 -11.54
C CYS A 343 -9.87 12.12 -11.41
N THR A 344 -10.54 11.32 -10.57
CA THR A 344 -11.99 11.42 -10.46
C THR A 344 -12.40 12.74 -9.82
N LYS A 345 -13.43 13.36 -10.39
CA LYS A 345 -14.04 14.56 -9.84
C LYS A 345 -15.53 14.31 -9.69
N VAL A 346 -16.23 15.33 -9.19
CA VAL A 346 -17.68 15.24 -9.09
C VAL A 346 -18.27 15.59 -10.44
N THR A 347 -18.49 14.57 -11.27
CA THR A 347 -18.93 14.78 -12.65
C THR A 347 -19.72 13.56 -13.11
N MET A 348 -20.74 13.82 -13.94
CA MET A 348 -21.50 12.73 -14.55
C MET A 348 -20.61 11.88 -15.45
N ASP A 349 -19.73 12.54 -16.22
CA ASP A 349 -18.81 11.80 -17.08
C ASP A 349 -17.88 10.91 -16.25
N ASP A 350 -17.42 11.42 -15.09
CA ASP A 350 -16.62 10.60 -14.20
C ASP A 350 -17.42 9.42 -13.67
N PHE A 351 -18.72 9.63 -13.40
CA PHE A 351 -19.59 8.54 -12.99
C PHE A 351 -19.65 7.45 -14.05
N LEU A 352 -19.88 7.84 -15.31
CA LEU A 352 -19.99 6.87 -16.39
C LEU A 352 -18.66 6.15 -16.65
N THR A 353 -17.54 6.89 -16.63
CA THR A 353 -16.26 6.23 -16.87
C THR A 353 -15.83 5.39 -15.67
N ALA A 354 -16.29 5.73 -14.46
CA ALA A 354 -16.12 4.83 -13.33
C ALA A 354 -16.87 3.53 -13.57
N HIS A 355 -18.08 3.61 -14.11
CA HIS A 355 -18.81 2.40 -14.47
C HIS A 355 -18.05 1.60 -15.52
N HIS A 356 -17.49 2.28 -16.52
CA HIS A 356 -16.75 1.59 -17.57
C HIS A 356 -15.52 0.86 -17.03
N GLU A 357 -14.73 1.55 -16.20
CA GLU A 357 -13.56 0.91 -15.61
C GLU A 357 -13.95 -0.19 -14.64
N MET A 358 -15.09 -0.03 -13.96
CA MET A 358 -15.62 -1.11 -13.13
C MET A 358 -15.97 -2.32 -13.97
N GLY A 359 -16.52 -2.11 -15.16
CA GLY A 359 -16.77 -3.22 -16.06
C GLY A 359 -15.49 -3.90 -16.51
N HIS A 360 -14.45 -3.12 -16.80
CA HIS A 360 -13.14 -3.70 -17.10
C HIS A 360 -12.66 -4.57 -15.94
N ILE A 361 -12.76 -4.05 -14.72
CA ILE A 361 -12.30 -4.79 -13.55
C ILE A 361 -13.15 -6.03 -13.33
N GLN A 362 -14.45 -5.94 -13.58
CA GLN A 362 -15.33 -7.09 -13.43
C GLN A 362 -14.97 -8.18 -14.42
N TYR A 363 -14.69 -7.81 -15.67
CA TYR A 363 -14.27 -8.81 -16.64
C TYR A 363 -12.93 -9.44 -16.25
N ASP A 364 -11.98 -8.62 -15.77
CA ASP A 364 -10.71 -9.17 -15.32
C ASP A 364 -10.91 -10.15 -14.16
N MET A 365 -11.80 -9.81 -13.23
CA MET A 365 -12.08 -10.67 -12.09
C MET A 365 -12.87 -11.91 -12.49
N ALA A 366 -13.55 -11.87 -13.64
CA ALA A 366 -14.35 -13.03 -14.05
C ALA A 366 -13.46 -14.18 -14.49
N TYR A 367 -12.41 -13.90 -15.26
CA TYR A 367 -11.53 -14.93 -15.79
C TYR A 367 -10.23 -15.06 -15.01
N ALA A 368 -10.21 -14.62 -13.74
CA ALA A 368 -8.98 -14.70 -12.96
C ALA A 368 -8.53 -16.14 -12.73
N ALA A 369 -9.43 -17.11 -12.87
CA ALA A 369 -9.08 -18.52 -12.70
C ALA A 369 -8.35 -19.11 -13.90
N GLN A 370 -8.29 -18.39 -15.01
CA GLN A 370 -7.59 -18.88 -16.18
C GLN A 370 -6.08 -18.75 -16.00
N PRO A 371 -5.29 -19.49 -16.77
CA PRO A 371 -3.86 -19.23 -16.86
C PRO A 371 -3.60 -17.90 -17.56
N PHE A 372 -2.36 -17.41 -17.44
CA PHE A 372 -2.05 -16.04 -17.85
C PHE A 372 -2.34 -15.80 -19.32
N LEU A 373 -1.95 -16.73 -20.18
CA LEU A 373 -2.27 -16.59 -21.60
C LEU A 373 -3.77 -16.60 -21.83
N LEU A 374 -4.52 -17.21 -20.92
CA LEU A 374 -5.97 -17.21 -20.96
C LEU A 374 -6.60 -16.17 -20.03
N ARG A 375 -5.80 -15.43 -19.29
CA ARG A 375 -6.31 -14.29 -18.51
C ARG A 375 -6.41 -13.10 -19.43
N ASN A 376 -7.34 -13.19 -20.36
CA ASN A 376 -7.66 -12.16 -21.33
C ASN A 376 -9.02 -12.52 -21.91
N GLY A 377 -9.50 -11.70 -22.83
CA GLY A 377 -10.70 -12.07 -23.56
C GLY A 377 -10.47 -13.31 -24.39
N ALA A 378 -11.55 -14.05 -24.66
CA ALA A 378 -11.44 -15.22 -25.52
C ALA A 378 -10.80 -14.85 -26.85
N ASN A 379 -11.10 -13.66 -27.35
CA ASN A 379 -10.27 -13.02 -28.36
C ASN A 379 -9.75 -11.71 -27.77
N GLU A 380 -9.11 -10.89 -28.59
CA GLU A 380 -8.53 -9.65 -28.10
C GLU A 380 -9.56 -8.57 -27.80
N GLY A 381 -10.83 -8.76 -28.15
CA GLY A 381 -11.79 -7.67 -28.09
C GLY A 381 -12.94 -7.78 -27.11
N PHE A 382 -12.96 -8.82 -26.29
CA PHE A 382 -14.06 -8.98 -25.33
C PHE A 382 -14.03 -7.87 -24.27
N HIS A 383 -12.84 -7.35 -23.97
CA HIS A 383 -12.62 -6.67 -22.71
C HIS A 383 -13.28 -5.29 -22.69
N GLU A 384 -12.99 -4.47 -23.70
CA GLU A 384 -13.63 -3.15 -23.77
C GLU A 384 -15.13 -3.27 -24.00
N ALA A 385 -15.58 -4.38 -24.59
CA ALA A 385 -17.01 -4.58 -24.76
C ALA A 385 -17.70 -4.77 -23.42
N VAL A 386 -17.13 -5.64 -22.58
CA VAL A 386 -17.66 -5.82 -21.23
C VAL A 386 -17.59 -4.52 -20.45
N GLY A 387 -16.53 -3.74 -20.67
CA GLY A 387 -16.43 -2.45 -20.01
C GLY A 387 -17.54 -1.49 -20.40
N GLU A 388 -17.82 -1.40 -21.71
CA GLU A 388 -18.78 -0.42 -22.19
C GLU A 388 -20.21 -0.78 -21.81
N ILE A 389 -20.55 -2.08 -21.81
CA ILE A 389 -21.95 -2.47 -21.62
C ILE A 389 -22.45 -2.04 -20.24
N MET A 390 -21.55 -2.07 -19.24
CA MET A 390 -21.95 -1.69 -17.89
C MET A 390 -22.35 -0.22 -17.80
N SER A 391 -21.55 0.65 -18.41
CA SER A 391 -21.90 2.07 -18.45
C SER A 391 -23.19 2.29 -19.23
N LEU A 392 -23.36 1.56 -20.34
CA LEU A 392 -24.61 1.62 -21.08
C LEU A 392 -25.81 1.33 -20.17
N SER A 393 -25.73 0.25 -19.40
CA SER A 393 -26.83 -0.10 -18.51
C SER A 393 -27.01 0.93 -17.40
N ALA A 394 -25.92 1.42 -16.84
CA ALA A 394 -25.98 2.30 -15.67
C ALA A 394 -26.40 3.73 -15.98
N ALA A 395 -26.27 4.18 -17.22
CA ALA A 395 -26.61 5.56 -17.55
C ALA A 395 -28.10 5.77 -17.74
N THR A 396 -28.93 4.78 -17.42
CA THR A 396 -30.37 4.90 -17.65
C THR A 396 -31.01 5.81 -16.61
N PRO A 397 -31.97 6.66 -17.01
CA PRO A 397 -32.64 7.52 -16.03
C PRO A 397 -33.38 6.75 -14.95
N LYS A 398 -33.93 5.59 -15.28
CA LYS A 398 -34.66 4.80 -14.29
C LYS A 398 -33.75 4.39 -13.14
N HIS A 399 -32.52 3.97 -13.46
CA HIS A 399 -31.60 3.55 -12.41
C HIS A 399 -31.17 4.72 -11.53
N LEU A 400 -31.17 5.93 -12.10
CA LEU A 400 -30.82 7.11 -11.30
C LEU A 400 -32.00 7.59 -10.46
N LYS A 401 -33.24 7.32 -10.90
CA LYS A 401 -34.35 7.47 -9.97
C LYS A 401 -34.35 6.38 -8.90
N SER A 402 -33.76 5.22 -9.20
CA SER A 402 -33.75 4.10 -8.28
C SER A 402 -32.85 4.34 -7.06
N ILE A 403 -31.75 5.07 -7.22
CA ILE A 403 -30.79 5.26 -6.14
C ILE A 403 -31.03 6.57 -5.40
N GLY A 404 -32.22 7.15 -5.52
CA GLY A 404 -32.50 8.41 -4.86
C GLY A 404 -31.63 9.54 -5.33
N LEU A 405 -31.31 9.56 -6.62
CA LEU A 405 -30.44 10.58 -7.20
C LEU A 405 -31.19 11.64 -7.99
N LEU A 406 -32.43 11.38 -8.37
CA LEU A 406 -33.28 12.37 -9.03
C LEU A 406 -34.64 12.39 -8.34
N SER A 407 -35.38 13.46 -8.57
CA SER A 407 -36.69 13.61 -7.96
C SER A 407 -37.67 12.60 -8.55
N PRO A 408 -38.31 11.75 -7.74
CA PRO A 408 -39.33 10.85 -8.29
C PRO A 408 -40.52 11.58 -8.87
N ASP A 409 -40.77 12.83 -8.47
CA ASP A 409 -41.87 13.59 -9.04
C ASP A 409 -41.65 13.86 -10.53
N PHE A 410 -40.41 14.15 -10.93
CA PHE A 410 -40.11 14.36 -12.33
C PHE A 410 -40.31 13.08 -13.13
N GLN A 411 -40.66 13.23 -14.40
CA GLN A 411 -40.91 12.10 -15.28
C GLN A 411 -40.10 12.25 -16.56
N GLU A 412 -39.64 11.14 -17.11
CA GLU A 412 -38.88 11.17 -18.35
C GLU A 412 -39.79 11.39 -19.55
N ASP A 413 -39.16 11.52 -20.70
CA ASP A 413 -39.86 11.58 -21.98
C ASP A 413 -38.97 10.94 -23.04
N ASN A 414 -39.52 10.76 -24.23
CA ASN A 414 -38.75 10.17 -25.32
C ASN A 414 -37.60 11.06 -25.75
N GLU A 415 -37.68 12.35 -25.46
CA GLU A 415 -36.67 13.30 -25.93
C GLU A 415 -35.31 13.01 -25.32
N THR A 416 -35.26 12.89 -23.99
CA THR A 416 -33.99 12.60 -23.33
C THR A 416 -33.48 11.21 -23.72
N GLU A 417 -34.39 10.27 -23.93
CA GLU A 417 -34.00 8.94 -24.37
C GLU A 417 -33.28 8.99 -25.72
N ILE A 418 -33.85 9.72 -26.68
CA ILE A 418 -33.23 9.84 -27.99
C ILE A 418 -31.89 10.56 -27.88
N ASN A 419 -31.83 11.63 -27.08
CA ASN A 419 -30.58 12.36 -26.88
C ASN A 419 -29.49 11.42 -26.38
N PHE A 420 -29.77 10.70 -25.29
CA PHE A 420 -28.80 9.79 -24.71
C PHE A 420 -28.40 8.68 -25.67
N LEU A 421 -29.37 8.14 -26.40
CA LEU A 421 -29.09 7.03 -27.30
C LEU A 421 -28.19 7.47 -28.45
N LEU A 422 -28.44 8.65 -29.01
CA LEU A 422 -27.55 9.17 -30.05
C LEU A 422 -26.17 9.49 -29.48
N LYS A 423 -26.12 10.01 -28.26
CA LYS A 423 -24.83 10.28 -27.62
C LYS A 423 -24.00 9.00 -27.50
N GLN A 424 -24.63 7.90 -27.12
CA GLN A 424 -23.89 6.65 -26.99
C GLN A 424 -23.56 6.07 -28.36
N ALA A 425 -24.45 6.26 -29.34
CA ALA A 425 -24.20 5.78 -30.69
C ALA A 425 -22.95 6.42 -31.29
N LEU A 426 -22.82 7.73 -31.11
CA LEU A 426 -21.61 8.41 -31.58
C LEU A 426 -20.38 7.89 -30.86
N THR A 427 -20.49 7.69 -29.55
CA THR A 427 -19.32 7.34 -28.74
C THR A 427 -18.79 5.96 -29.10
N ILE A 428 -19.66 4.95 -29.17
CA ILE A 428 -19.19 3.57 -29.20
C ILE A 428 -19.11 3.04 -30.62
N VAL A 429 -20.25 3.00 -31.31
CA VAL A 429 -20.33 2.33 -32.61
C VAL A 429 -19.48 3.01 -33.67
N GLY A 430 -19.03 4.23 -33.44
CA GLY A 430 -18.22 4.95 -34.40
C GLY A 430 -16.89 4.32 -34.75
N THR A 431 -16.43 3.37 -33.94
CA THR A 431 -15.17 2.69 -34.20
C THR A 431 -15.28 1.49 -35.14
N LEU A 432 -16.50 1.13 -35.55
CA LEU A 432 -16.64 0.04 -36.52
C LEU A 432 -16.40 0.49 -37.95
N PRO A 433 -16.98 1.58 -38.45
CA PRO A 433 -16.58 2.04 -39.79
C PRO A 433 -15.09 2.34 -39.87
N PHE A 434 -14.55 2.93 -38.80
CA PHE A 434 -13.10 3.07 -38.68
C PHE A 434 -12.39 1.77 -38.98
N THR A 435 -12.63 0.75 -38.15
CA THR A 435 -11.93 -0.52 -38.33
C THR A 435 -12.15 -1.08 -39.73
N TYR A 436 -13.42 -1.33 -40.10
CA TYR A 436 -13.70 -1.92 -41.41
C TYR A 436 -12.97 -1.17 -42.52
N MET A 437 -13.36 0.07 -42.78
CA MET A 437 -12.84 0.74 -43.97
C MET A 437 -11.36 1.02 -43.84
N LEU A 438 -10.98 1.82 -42.83
CA LEU A 438 -9.59 2.25 -42.75
C LEU A 438 -8.66 1.06 -42.57
N GLU A 439 -8.96 0.15 -41.64
CA GLU A 439 -8.06 -0.95 -41.36
C GLU A 439 -7.97 -1.94 -42.51
N LYS A 440 -9.09 -2.31 -43.15
CA LYS A 440 -8.98 -3.31 -44.20
C LYS A 440 -8.38 -2.72 -45.47
N TRP A 441 -8.69 -1.46 -45.78
CA TRP A 441 -8.01 -0.78 -46.86
C TRP A 441 -6.51 -0.66 -46.59
N ARG A 442 -6.16 -0.35 -45.34
CA ARG A 442 -4.76 -0.29 -44.95
C ARG A 442 -4.10 -1.65 -45.12
N TRP A 443 -4.81 -2.73 -44.76
CA TRP A 443 -4.27 -4.09 -44.89
C TRP A 443 -4.04 -4.47 -46.35
N MET A 444 -5.01 -4.20 -47.22
CA MET A 444 -4.81 -4.50 -48.63
C MET A 444 -3.74 -3.62 -49.24
N VAL A 445 -3.47 -2.46 -48.62
CA VAL A 445 -2.27 -1.71 -48.97
C VAL A 445 -1.02 -2.42 -48.47
N PHE A 446 -1.08 -3.00 -47.25
CA PHE A 446 0.07 -3.71 -46.69
C PHE A 446 0.48 -4.87 -47.57
N LYS A 447 -0.48 -5.59 -48.15
CA LYS A 447 -0.12 -6.67 -49.06
C LYS A 447 0.40 -6.14 -50.40
N GLY A 448 0.18 -4.86 -50.68
CA GLY A 448 0.62 -4.28 -51.93
C GLY A 448 -0.35 -4.42 -53.08
N GLU A 449 -1.64 -4.63 -52.78
CA GLU A 449 -2.61 -4.85 -53.84
C GLU A 449 -2.93 -3.55 -54.58
N ILE A 450 -2.94 -2.43 -53.86
CA ILE A 450 -3.24 -1.12 -54.46
C ILE A 450 -1.94 -0.46 -54.90
N PRO A 451 -1.88 0.11 -56.10
CA PRO A 451 -0.64 0.75 -56.55
C PRO A 451 -0.28 1.95 -55.68
N LYS A 452 1.03 2.19 -55.56
CA LYS A 452 1.53 3.26 -54.70
C LYS A 452 1.11 4.63 -55.21
N ASP A 453 1.27 4.87 -56.51
CA ASP A 453 1.03 6.19 -57.08
C ASP A 453 -0.45 6.55 -57.14
N GLN A 454 -1.35 5.61 -56.82
CA GLN A 454 -2.78 5.86 -56.87
C GLN A 454 -3.44 5.93 -55.50
N TRP A 455 -2.67 6.24 -54.45
CA TRP A 455 -3.24 6.26 -53.10
C TRP A 455 -4.28 7.35 -52.93
N MET A 456 -3.91 8.61 -53.17
CA MET A 456 -4.87 9.69 -53.00
C MET A 456 -5.99 9.65 -54.04
N LYS A 457 -5.75 9.02 -55.19
CA LYS A 457 -6.85 8.82 -56.12
C LYS A 457 -7.89 7.86 -55.55
N LYS A 458 -7.46 6.81 -54.88
CA LYS A 458 -8.37 5.87 -54.23
C LYS A 458 -8.91 6.39 -52.91
N TRP A 459 -8.25 7.39 -52.32
CA TRP A 459 -8.53 7.77 -50.94
C TRP A 459 -9.86 8.50 -50.83
N TRP A 460 -10.11 9.47 -51.72
CA TRP A 460 -11.36 10.21 -51.70
C TRP A 460 -12.44 9.54 -52.53
N GLU A 461 -12.06 8.61 -53.41
CA GLU A 461 -13.06 7.88 -54.20
C GLU A 461 -13.90 6.97 -53.33
N MET A 462 -13.32 6.43 -52.26
CA MET A 462 -14.11 5.68 -51.29
C MET A 462 -15.21 6.56 -50.71
N LYS A 463 -14.94 7.85 -50.53
CA LYS A 463 -15.99 8.77 -50.12
C LYS A 463 -16.82 9.24 -51.31
N ARG A 464 -16.32 9.01 -52.53
CA ARG A 464 -17.07 9.36 -53.73
C ARG A 464 -18.15 8.35 -54.08
N GLU A 465 -18.09 7.15 -53.51
CA GLU A 465 -19.11 6.14 -53.70
C GLU A 465 -20.04 6.02 -52.50
N ILE A 466 -19.47 5.97 -51.30
CA ILE A 466 -20.29 5.91 -50.09
C ILE A 466 -21.03 7.23 -49.88
N VAL A 467 -20.33 8.36 -50.02
CA VAL A 467 -20.90 9.65 -49.65
C VAL A 467 -20.87 10.67 -50.79
N GLY A 468 -20.00 10.47 -51.79
CA GLY A 468 -20.01 11.34 -52.96
C GLY A 468 -19.27 12.66 -52.88
N VAL A 469 -17.94 12.63 -52.79
CA VAL A 469 -17.10 13.82 -52.71
C VAL A 469 -17.40 14.74 -53.87
N VAL A 470 -17.65 16.02 -53.55
CA VAL A 470 -17.47 17.13 -54.47
C VAL A 470 -16.52 18.11 -53.81
N GLU A 471 -15.45 18.47 -54.51
CA GLU A 471 -14.33 19.15 -53.89
C GLU A 471 -14.31 20.63 -54.27
N PRO A 472 -14.46 21.55 -53.32
CA PRO A 472 -14.17 22.96 -53.63
C PRO A 472 -12.69 23.21 -53.86
N VAL A 473 -11.82 22.39 -53.30
CA VAL A 473 -10.37 22.53 -53.44
C VAL A 473 -9.79 21.18 -53.85
N PRO A 474 -8.90 21.12 -54.84
CA PRO A 474 -8.29 19.84 -55.22
C PRO A 474 -7.29 19.38 -54.18
N HIS A 475 -6.63 18.26 -54.50
CA HIS A 475 -5.70 17.62 -53.58
C HIS A 475 -4.39 17.30 -54.29
N ASP A 476 -3.45 16.75 -53.53
CA ASP A 476 -2.19 16.26 -54.06
C ASP A 476 -2.17 14.74 -53.96
N GLU A 477 -1.11 14.11 -54.47
CA GLU A 477 -0.98 12.67 -54.41
C GLU A 477 -0.01 12.21 -53.33
N THR A 478 0.91 13.06 -52.90
CA THR A 478 1.89 12.69 -51.89
C THR A 478 1.37 12.86 -50.46
N TYR A 479 0.21 12.31 -50.15
CA TYR A 479 -0.34 12.31 -48.79
C TYR A 479 -0.52 10.86 -48.35
N CYS A 480 -0.03 10.58 -47.14
CA CYS A 480 -0.24 9.31 -46.40
C CYS A 480 0.06 9.55 -44.92
N ASP A 481 -0.17 8.56 -44.06
CA ASP A 481 -0.14 8.83 -42.59
C ASP A 481 -0.16 7.55 -41.74
N PRO A 482 -1.18 6.67 -41.82
CA PRO A 482 -1.58 5.81 -40.68
C PRO A 482 -0.47 4.91 -40.11
N ALA A 483 0.34 5.46 -39.21
CA ALA A 483 1.51 4.76 -38.64
C ALA A 483 1.92 5.51 -37.38
N SER A 484 1.85 6.83 -37.48
CA SER A 484 1.58 7.73 -36.33
C SER A 484 0.84 6.96 -35.25
N LEU A 485 -0.23 6.27 -35.65
CA LEU A 485 -1.24 5.75 -34.69
C LEU A 485 -0.50 4.99 -33.60
N PHE A 486 -1.02 5.08 -32.39
CA PHE A 486 -0.24 4.55 -31.26
C PHE A 486 -0.03 3.05 -31.37
N HIS A 487 -1.11 2.31 -31.68
CA HIS A 487 -1.02 0.85 -31.67
C HIS A 487 -0.22 0.32 -32.85
N VAL A 488 -0.37 0.96 -34.02
CA VAL A 488 0.42 0.54 -35.17
C VAL A 488 1.89 0.85 -34.96
N SER A 489 2.19 1.84 -34.13
CA SER A 489 3.56 2.27 -33.91
C SER A 489 4.20 1.65 -32.66
N ASN A 490 3.43 0.96 -31.82
CA ASN A 490 3.98 0.34 -30.61
C ASN A 490 3.71 -1.16 -30.56
N ASP A 491 3.49 -1.80 -31.70
CA ASP A 491 3.37 -3.25 -31.81
C ASP A 491 2.24 -3.78 -30.92
N TYR A 492 1.01 -3.40 -31.27
CA TYR A 492 -0.19 -3.89 -30.59
C TYR A 492 -1.18 -4.39 -31.62
N SER A 493 -1.91 -5.45 -31.28
CA SER A 493 -2.94 -5.98 -32.14
C SER A 493 -4.10 -5.01 -32.24
N PHE A 494 -4.73 -4.95 -33.41
CA PHE A 494 -5.67 -3.88 -33.73
C PHE A 494 -7.11 -4.32 -33.94
N ILE A 495 -7.37 -5.53 -34.43
CA ILE A 495 -8.71 -5.91 -34.85
C ILE A 495 -9.67 -6.02 -33.68
N ARG A 496 -9.18 -5.94 -32.45
CA ARG A 496 -10.05 -6.05 -31.29
C ARG A 496 -11.13 -4.97 -31.26
N TYR A 497 -10.85 -3.82 -31.89
CA TYR A 497 -11.74 -2.66 -31.84
C TYR A 497 -12.94 -2.79 -32.76
N TYR A 498 -13.12 -3.94 -33.41
CA TYR A 498 -14.33 -4.29 -34.15
C TYR A 498 -15.16 -5.32 -33.39
N THR A 499 -14.51 -6.41 -32.98
CA THR A 499 -15.17 -7.43 -32.18
C THR A 499 -15.74 -6.84 -30.91
N ARG A 500 -15.03 -5.86 -30.32
CA ARG A 500 -15.54 -5.23 -29.11
C ARG A 500 -16.94 -4.66 -29.32
N THR A 501 -17.12 -3.84 -30.36
CA THR A 501 -18.37 -3.13 -30.49
C THR A 501 -19.48 -4.04 -31.04
N LEU A 502 -19.14 -5.00 -31.90
CA LEU A 502 -20.16 -5.99 -32.23
C LEU A 502 -20.61 -6.77 -30.99
N TYR A 503 -19.66 -7.27 -30.20
CA TYR A 503 -20.02 -8.16 -29.12
C TYR A 503 -20.78 -7.46 -28.01
N GLN A 504 -20.46 -6.20 -27.70
CA GLN A 504 -21.12 -5.57 -26.56
C GLN A 504 -22.62 -5.37 -26.84
N PHE A 505 -22.97 -4.87 -28.02
CA PHE A 505 -24.39 -4.71 -28.35
C PHE A 505 -25.03 -6.01 -28.79
N GLN A 506 -24.23 -7.04 -29.07
CA GLN A 506 -24.80 -8.37 -29.28
C GLN A 506 -25.11 -9.03 -27.94
N PHE A 507 -24.43 -8.61 -26.88
CA PHE A 507 -24.74 -9.06 -25.53
C PHE A 507 -25.89 -8.26 -24.92
N GLN A 508 -26.06 -7.01 -25.35
CA GLN A 508 -27.02 -6.13 -24.68
C GLN A 508 -28.43 -6.70 -24.69
N GLU A 509 -28.95 -7.05 -25.88
CA GLU A 509 -30.33 -7.54 -25.91
C GLU A 509 -30.42 -8.93 -25.31
N ALA A 510 -29.37 -9.73 -25.42
CA ALA A 510 -29.37 -11.05 -24.80
C ALA A 510 -29.51 -10.95 -23.30
N LEU A 511 -28.85 -9.95 -22.69
CA LEU A 511 -28.99 -9.75 -21.26
C LEU A 511 -30.34 -9.15 -20.91
N CYS A 512 -30.81 -8.18 -21.71
CA CYS A 512 -32.07 -7.54 -21.39
C CYS A 512 -33.26 -8.48 -21.53
N GLN A 513 -33.17 -9.47 -22.42
CA GLN A 513 -34.23 -10.46 -22.53
C GLN A 513 -34.36 -11.27 -21.25
N ALA A 514 -33.24 -11.66 -20.65
CA ALA A 514 -33.26 -12.38 -19.38
C ALA A 514 -33.73 -11.51 -18.22
N ALA A 515 -33.73 -10.18 -18.38
CA ALA A 515 -34.15 -9.27 -17.34
C ALA A 515 -35.65 -9.04 -17.34
N LYS A 516 -36.40 -9.73 -18.21
CA LYS A 516 -37.84 -9.55 -18.33
C LYS A 516 -38.21 -8.11 -18.71
N HIS A 517 -37.29 -7.44 -19.40
CA HIS A 517 -37.55 -6.08 -19.84
C HIS A 517 -38.69 -6.03 -20.83
N GLU A 518 -39.52 -5.01 -20.71
CA GLU A 518 -40.64 -4.77 -21.61
C GLU A 518 -40.50 -3.39 -22.23
N GLY A 519 -40.50 -3.34 -23.56
CA GLY A 519 -40.40 -2.09 -24.27
C GLY A 519 -39.08 -1.92 -24.99
N PRO A 520 -38.66 -0.66 -25.18
CA PRO A 520 -37.43 -0.40 -25.93
C PRO A 520 -36.19 -0.92 -25.22
N LEU A 521 -35.18 -1.25 -26.03
CA LEU A 521 -33.92 -1.77 -25.51
C LEU A 521 -33.01 -0.68 -25.00
N HIS A 522 -33.17 0.56 -25.47
CA HIS A 522 -32.27 1.64 -25.05
C HIS A 522 -32.45 1.98 -23.58
N LYS A 523 -33.69 2.05 -23.10
CA LYS A 523 -33.97 2.38 -21.71
C LYS A 523 -33.88 1.18 -20.78
N CYS A 524 -33.35 0.06 -21.27
CA CYS A 524 -33.31 -1.16 -20.49
C CYS A 524 -32.15 -1.10 -19.50
N ASP A 525 -32.48 -0.99 -18.22
CA ASP A 525 -31.51 -1.13 -17.14
C ASP A 525 -31.67 -2.52 -16.53
N ILE A 526 -30.59 -3.30 -16.56
CA ILE A 526 -30.65 -4.67 -16.06
C ILE A 526 -30.69 -4.73 -14.53
N SER A 527 -30.78 -3.58 -13.86
CA SER A 527 -30.83 -3.55 -12.40
C SER A 527 -31.97 -4.40 -11.88
N ASN A 528 -31.71 -5.11 -10.78
CA ASN A 528 -32.65 -6.05 -10.18
C ASN A 528 -33.03 -7.15 -11.17
N SER A 529 -32.01 -7.88 -11.63
CA SER A 529 -32.19 -9.04 -12.51
C SER A 529 -30.97 -9.94 -12.34
N THR A 530 -31.14 -11.02 -11.59
CA THR A 530 -30.07 -12.01 -11.46
C THR A 530 -29.92 -12.85 -12.71
N GLU A 531 -30.98 -12.97 -13.51
CA GLU A 531 -30.91 -13.77 -14.73
C GLU A 531 -29.92 -13.19 -15.73
N ALA A 532 -30.01 -11.87 -15.96
CA ALA A 532 -29.07 -11.22 -16.87
C ALA A 532 -27.64 -11.29 -16.35
N GLY A 533 -27.46 -11.09 -15.05
CA GLY A 533 -26.12 -11.20 -14.49
C GLY A 533 -25.53 -12.58 -14.66
N GLN A 534 -26.33 -13.62 -14.42
CA GLN A 534 -25.87 -14.99 -14.61
C GLN A 534 -25.56 -15.25 -16.08
N LYS A 535 -26.40 -14.75 -16.98
CA LYS A 535 -26.17 -14.95 -18.41
C LYS A 535 -24.86 -14.33 -18.85
N LEU A 536 -24.56 -13.11 -18.38
CA LEU A 536 -23.31 -12.46 -18.74
C LEU A 536 -22.12 -13.18 -18.11
N PHE A 537 -22.24 -13.54 -16.83
CA PHE A 537 -21.13 -14.17 -16.12
C PHE A 537 -20.84 -15.55 -16.68
N ASN A 538 -21.80 -16.17 -17.36
CA ASN A 538 -21.54 -17.47 -17.99
C ASN A 538 -20.42 -17.34 -19.03
N MET A 539 -20.43 -16.25 -19.79
CA MET A 539 -19.38 -16.03 -20.79
C MET A 539 -18.15 -15.38 -20.18
N LEU A 540 -18.34 -14.41 -19.29
CA LEU A 540 -17.20 -13.67 -18.76
C LEU A 540 -16.22 -14.58 -18.04
N ARG A 541 -16.71 -15.65 -17.42
CA ARG A 541 -15.87 -16.56 -16.66
C ARG A 541 -14.99 -17.44 -17.55
N LEU A 542 -15.27 -17.50 -18.86
CA LEU A 542 -14.57 -18.46 -19.72
C LEU A 542 -13.12 -18.06 -19.94
N GLY A 543 -12.84 -16.76 -19.97
CA GLY A 543 -11.51 -16.29 -20.31
C GLY A 543 -11.15 -16.60 -21.75
N LYS A 544 -9.97 -17.19 -21.96
CA LYS A 544 -9.51 -17.58 -23.29
C LYS A 544 -9.32 -19.08 -23.41
N SER A 545 -9.56 -19.84 -22.34
CA SER A 545 -9.40 -21.29 -22.41
C SER A 545 -10.34 -21.90 -23.43
N GLU A 546 -11.58 -21.50 -23.41
CA GLU A 546 -12.46 -21.99 -24.46
C GLU A 546 -12.37 -21.07 -25.68
N PRO A 547 -12.71 -21.57 -26.86
CA PRO A 547 -12.70 -20.70 -28.04
C PRO A 547 -13.71 -19.57 -27.90
N TRP A 548 -13.41 -18.46 -28.57
CA TRP A 548 -14.35 -17.34 -28.55
C TRP A 548 -15.66 -17.67 -29.25
N THR A 549 -15.70 -18.75 -30.03
CA THR A 549 -16.96 -19.23 -30.57
C THR A 549 -17.90 -19.69 -29.45
N LEU A 550 -17.40 -20.56 -28.57
CA LEU A 550 -18.18 -20.96 -27.40
C LEU A 550 -18.44 -19.79 -26.47
N ALA A 551 -17.46 -18.89 -26.32
CA ALA A 551 -17.66 -17.74 -25.46
C ALA A 551 -18.80 -16.87 -25.96
N LEU A 552 -18.89 -16.65 -27.27
CA LEU A 552 -20.01 -15.91 -27.83
C LEU A 552 -21.31 -16.68 -27.65
N GLU A 553 -21.31 -17.97 -28.02
CA GLU A 553 -22.54 -18.75 -27.98
C GLU A 553 -23.08 -18.90 -26.57
N ASN A 554 -22.23 -18.77 -25.55
CA ASN A 554 -22.70 -18.87 -24.17
C ASN A 554 -23.63 -17.75 -23.77
N VAL A 555 -23.70 -16.66 -24.55
CA VAL A 555 -24.60 -15.56 -24.25
C VAL A 555 -25.58 -15.35 -25.41
N VAL A 556 -25.04 -15.22 -26.63
CA VAL A 556 -25.87 -14.76 -27.73
C VAL A 556 -26.72 -15.86 -28.34
N GLY A 557 -26.45 -17.12 -28.03
CA GLY A 557 -27.17 -18.22 -28.62
C GLY A 557 -26.73 -18.60 -30.00
N ALA A 558 -25.72 -17.95 -30.55
CA ALA A 558 -25.21 -18.23 -31.89
C ALA A 558 -23.70 -18.44 -31.82
N LYS A 559 -23.22 -19.41 -32.60
CA LYS A 559 -21.80 -19.74 -32.63
C LYS A 559 -20.99 -18.73 -33.41
N ASN A 560 -21.61 -17.95 -34.29
CA ASN A 560 -20.91 -17.00 -35.13
C ASN A 560 -21.40 -15.60 -34.85
N MET A 561 -20.49 -14.63 -34.97
CA MET A 561 -20.82 -13.25 -34.65
C MET A 561 -21.77 -12.66 -35.68
N ASN A 562 -22.76 -11.91 -35.20
CA ASN A 562 -23.70 -11.21 -36.05
C ASN A 562 -23.92 -9.82 -35.49
N VAL A 563 -24.29 -8.89 -36.38
CA VAL A 563 -24.51 -7.50 -35.99
C VAL A 563 -25.99 -7.16 -35.89
N ARG A 564 -26.88 -8.11 -36.18
CA ARG A 564 -28.31 -7.86 -36.02
C ARG A 564 -28.69 -7.41 -34.61
N PRO A 565 -28.16 -7.99 -33.52
CA PRO A 565 -28.46 -7.43 -32.19
C PRO A 565 -28.05 -5.98 -32.02
N LEU A 566 -26.92 -5.57 -32.62
CA LEU A 566 -26.53 -4.17 -32.56
C LEU A 566 -27.50 -3.30 -33.37
N LEU A 567 -27.98 -3.84 -34.50
CA LEU A 567 -28.97 -3.11 -35.28
C LEU A 567 -30.27 -2.95 -34.50
N ASN A 568 -30.62 -3.96 -33.69
CA ASN A 568 -31.87 -3.92 -32.96
C ASN A 568 -31.75 -3.09 -31.69
N TYR A 569 -30.54 -2.98 -31.15
CA TYR A 569 -30.29 -2.03 -30.07
C TYR A 569 -30.71 -0.62 -30.47
N PHE A 570 -30.16 -0.16 -31.58
CA PHE A 570 -30.62 1.14 -32.10
C PHE A 570 -31.81 0.79 -32.95
N GLU A 571 -32.91 0.38 -32.32
CA GLU A 571 -34.17 0.25 -33.07
C GLU A 571 -34.94 1.56 -32.85
N PRO A 572 -35.13 2.03 -31.61
CA PRO A 572 -35.63 3.38 -31.41
C PRO A 572 -34.87 4.38 -32.27
N LEU A 573 -33.54 4.38 -32.12
CA LEU A 573 -32.70 5.30 -32.88
C LEU A 573 -32.74 4.97 -34.37
N PHE A 574 -32.94 3.71 -34.75
CA PHE A 574 -32.97 3.35 -36.16
C PHE A 574 -34.24 3.88 -36.82
N THR A 575 -35.39 3.70 -36.18
CA THR A 575 -36.62 4.30 -36.69
C THR A 575 -36.53 5.82 -36.69
N TRP A 576 -35.92 6.40 -35.65
CA TRP A 576 -35.75 7.84 -35.61
C TRP A 576 -34.84 8.31 -36.75
N LEU A 577 -33.79 7.56 -37.05
CA LEU A 577 -32.90 7.90 -38.15
C LEU A 577 -33.60 7.80 -39.49
N LYS A 578 -34.45 6.78 -39.66
CA LYS A 578 -35.21 6.66 -40.90
C LYS A 578 -36.24 7.78 -41.02
N ASP A 579 -36.73 8.28 -39.89
CA ASP A 579 -37.69 9.37 -39.93
C ASP A 579 -37.01 10.72 -40.10
N GLN A 580 -35.71 10.78 -39.80
CA GLN A 580 -34.99 12.06 -39.93
C GLN A 580 -34.26 12.18 -41.25
N ASN A 581 -33.77 11.08 -41.80
CA ASN A 581 -33.06 11.06 -43.06
C ASN A 581 -33.99 11.16 -44.26
N LYS A 582 -35.27 11.46 -44.04
CA LYS A 582 -36.20 11.66 -45.15
C LYS A 582 -35.73 12.80 -46.05
N ASN A 583 -35.10 13.82 -45.46
CA ASN A 583 -34.55 14.93 -46.22
C ASN A 583 -33.05 14.81 -46.47
N SER A 584 -32.33 14.16 -45.56
CA SER A 584 -30.90 13.97 -45.75
C SER A 584 -30.64 12.97 -46.87
N PHE A 585 -30.13 13.47 -47.99
CA PHE A 585 -29.85 12.66 -49.17
C PHE A 585 -28.69 11.73 -48.86
N VAL A 586 -28.96 10.42 -48.91
CA VAL A 586 -27.95 9.41 -48.63
C VAL A 586 -27.26 9.05 -49.94
N GLY A 587 -26.03 9.52 -50.12
CA GLY A 587 -25.29 9.24 -51.33
C GLY A 587 -24.71 7.85 -51.40
N ASN B 16 0.19 -26.57 30.03
CA ASN B 16 -1.12 -26.83 30.68
C ASN B 16 -2.23 -26.38 29.75
N LEU B 17 -2.35 -25.07 29.50
CA LEU B 17 -3.35 -24.58 28.54
C LEU B 17 -2.85 -24.91 27.13
N CYS B 18 -3.54 -24.40 26.10
CA CYS B 18 -3.13 -24.85 24.74
C CYS B 18 -2.31 -23.83 23.96
N PRO B 19 -1.07 -24.19 23.57
CA PRO B 19 -0.22 -23.32 22.74
C PRO B 19 -0.81 -23.04 21.36
N PHE B 20 -2.09 -22.65 21.32
CA PHE B 20 -2.67 -22.25 20.05
C PHE B 20 -2.16 -20.88 19.61
N HIS B 21 -1.71 -20.05 20.54
CA HIS B 21 -1.11 -18.78 20.15
C HIS B 21 0.31 -18.96 19.65
N GLU B 22 0.95 -20.09 19.98
CA GLU B 22 2.27 -20.33 19.43
C GLU B 22 2.20 -20.77 17.98
N VAL B 23 0.99 -21.05 17.48
CA VAL B 23 0.81 -21.38 16.08
C VAL B 23 0.09 -20.26 15.35
N PHE B 24 -1.05 -19.82 15.87
CA PHE B 24 -1.77 -18.71 15.25
C PHE B 24 -1.01 -17.40 15.38
N ASN B 25 -0.59 -17.17 16.62
CA ASN B 25 0.20 -15.98 17.04
C ASN B 25 1.68 -16.35 16.94
N ALA B 26 2.07 -17.01 15.84
CA ALA B 26 3.48 -17.19 15.53
C ALA B 26 3.92 -16.21 14.44
N THR B 27 5.24 -16.09 14.29
CA THR B 27 5.82 -15.08 13.41
C THR B 27 6.11 -15.61 12.01
N ARG B 28 6.78 -16.74 11.90
CA ARG B 28 7.22 -17.28 10.62
C ARG B 28 6.59 -18.64 10.38
N PHE B 29 5.93 -18.79 9.22
CA PHE B 29 5.43 -20.07 8.77
C PHE B 29 6.44 -20.69 7.80
N ALA B 30 6.03 -21.76 7.12
CA ALA B 30 6.92 -22.52 6.25
C ALA B 30 6.50 -22.38 4.79
N SER B 31 7.32 -22.95 3.91
CA SER B 31 7.02 -23.00 2.49
C SER B 31 6.00 -24.09 2.20
N VAL B 32 5.09 -23.80 1.27
CA VAL B 32 3.94 -24.67 1.07
C VAL B 32 4.34 -26.05 0.53
N TYR B 33 5.32 -26.11 -0.37
CA TYR B 33 5.65 -27.41 -0.95
C TYR B 33 6.25 -28.34 0.10
N ALA B 34 6.89 -27.77 1.11
CA ALA B 34 7.44 -28.51 2.24
C ALA B 34 6.83 -28.05 3.56
N TRP B 35 5.50 -27.87 3.58
CA TRP B 35 4.77 -27.26 4.69
C TRP B 35 5.17 -27.83 6.05
N ASN B 36 4.95 -26.99 7.06
CA ASN B 36 5.33 -27.39 8.43
C ASN B 36 4.15 -28.12 9.06
N ARG B 37 4.44 -28.94 10.05
CA ARG B 37 3.39 -29.68 10.72
C ARG B 37 3.79 -29.86 12.18
N THR B 38 3.15 -29.11 13.07
CA THR B 38 3.42 -29.18 14.49
C THR B 38 2.32 -29.98 15.16
N ARG B 39 2.71 -30.90 16.05
CA ARG B 39 1.76 -31.74 16.77
C ARG B 39 1.51 -31.12 18.14
N ILE B 40 0.24 -30.80 18.42
CA ILE B 40 -0.18 -30.24 19.69
C ILE B 40 -0.67 -31.38 20.57
N SER B 41 -0.33 -31.34 21.85
CA SER B 41 -0.71 -32.44 22.74
C SER B 41 -0.83 -31.93 24.17
N ASN B 42 -1.58 -32.70 24.98
CA ASN B 42 -1.63 -32.56 26.44
C ASN B 42 -2.29 -31.26 26.91
N CYS B 43 -2.78 -30.44 26.00
CA CYS B 43 -3.32 -29.14 26.37
C CYS B 43 -4.84 -29.19 26.46
N VAL B 44 -5.40 -28.31 27.30
CA VAL B 44 -6.85 -28.11 27.34
C VAL B 44 -7.21 -27.02 26.33
N ALA B 45 -7.63 -27.44 25.15
CA ALA B 45 -7.87 -26.50 24.04
C ALA B 45 -9.11 -25.68 24.32
N ASP B 46 -8.92 -24.42 24.71
CA ASP B 46 -10.02 -23.47 24.89
C ASP B 46 -10.34 -22.88 23.52
N TYR B 47 -11.22 -23.55 22.78
CA TYR B 47 -11.59 -23.08 21.45
C TYR B 47 -12.42 -21.81 21.49
N SER B 48 -12.86 -21.39 22.67
CA SER B 48 -13.65 -20.16 22.78
C SER B 48 -12.86 -18.94 22.32
N VAL B 49 -11.53 -18.98 22.46
CA VAL B 49 -10.71 -17.83 22.03
C VAL B 49 -10.84 -17.62 20.53
N LEU B 50 -11.17 -18.66 19.78
CA LEU B 50 -11.36 -18.56 18.34
C LEU B 50 -12.80 -18.76 17.89
N TYR B 51 -13.71 -19.05 18.82
CA TYR B 51 -15.08 -19.37 18.43
C TYR B 51 -16.07 -18.32 18.92
N ASN B 52 -15.69 -17.54 19.94
CA ASN B 52 -16.61 -16.56 20.51
C ASN B 52 -17.11 -15.58 19.46
N PHE B 53 -16.22 -15.13 18.58
CA PHE B 53 -16.60 -14.33 17.42
C PHE B 53 -15.73 -14.77 16.26
N ALA B 54 -15.72 -13.99 15.18
CA ALA B 54 -15.08 -14.39 13.93
C ALA B 54 -14.00 -13.38 13.54
N PRO B 55 -12.82 -13.48 14.14
CA PRO B 55 -11.68 -12.70 13.65
C PRO B 55 -10.81 -13.46 12.66
N PHE B 56 -11.04 -14.75 12.48
CA PHE B 56 -10.20 -15.62 11.66
C PHE B 56 -10.89 -16.05 10.38
N PHE B 57 -11.64 -15.13 9.76
CA PHE B 57 -12.24 -15.36 8.45
C PHE B 57 -13.04 -16.65 8.40
N ALA B 58 -12.63 -17.58 7.55
CA ALA B 58 -13.36 -18.82 7.37
C ALA B 58 -13.10 -19.78 8.53
N PHE B 59 -14.16 -20.31 9.12
CA PHE B 59 -14.08 -21.34 10.15
C PHE B 59 -15.03 -22.47 9.75
N LYS B 60 -14.52 -23.39 8.94
CA LYS B 60 -15.31 -24.50 8.41
C LYS B 60 -14.81 -25.79 9.02
N CYS B 61 -15.72 -26.52 9.67
CA CYS B 61 -15.40 -27.81 10.28
C CYS B 61 -16.04 -28.92 9.46
N TYR B 62 -15.23 -29.92 9.12
CA TYR B 62 -15.62 -30.99 8.21
C TYR B 62 -15.83 -32.27 9.02
N GLY B 63 -17.10 -32.57 9.32
CA GLY B 63 -17.48 -33.78 10.03
C GLY B 63 -18.02 -33.54 11.42
N VAL B 64 -17.48 -32.53 12.12
CA VAL B 64 -17.89 -32.22 13.47
C VAL B 64 -18.46 -30.81 13.51
N SER B 65 -18.94 -30.42 14.69
CA SER B 65 -19.53 -29.11 14.91
C SER B 65 -18.68 -28.30 15.88
N PRO B 66 -18.61 -26.97 15.71
CA PRO B 66 -17.85 -26.15 16.66
C PRO B 66 -18.36 -26.25 18.09
N THR B 67 -19.66 -26.43 18.28
CA THR B 67 -20.21 -26.50 19.62
C THR B 67 -19.90 -27.81 20.32
N LYS B 68 -19.66 -28.88 19.57
CA LYS B 68 -19.40 -30.21 20.12
C LYS B 68 -17.93 -30.60 20.02
N LEU B 69 -17.03 -29.64 20.16
CA LEU B 69 -15.60 -29.91 20.01
C LEU B 69 -14.98 -30.56 21.25
N ASN B 70 -15.67 -30.54 22.38
CA ASN B 70 -15.09 -31.05 23.62
C ASN B 70 -15.31 -32.54 23.82
N ASP B 71 -16.03 -33.21 22.91
CA ASP B 71 -16.36 -34.61 23.05
C ASP B 71 -15.37 -35.54 22.34
N LEU B 72 -14.11 -35.13 22.21
CA LEU B 72 -13.11 -35.95 21.54
C LEU B 72 -11.87 -36.04 22.42
N CYS B 73 -10.88 -36.76 21.92
CA CYS B 73 -9.61 -36.95 22.61
C CYS B 73 -8.48 -36.37 21.77
N PHE B 74 -7.56 -35.66 22.44
CA PHE B 74 -6.45 -35.01 21.74
C PHE B 74 -5.27 -35.97 21.58
N THR B 75 -5.55 -37.10 20.93
CA THR B 75 -4.53 -38.08 20.62
C THR B 75 -3.47 -37.48 19.70
N ASN B 76 -3.89 -37.05 18.51
CA ASN B 76 -3.01 -36.41 17.54
C ASN B 76 -3.80 -35.31 16.84
N VAL B 77 -3.68 -34.08 17.34
CA VAL B 77 -4.21 -32.91 16.66
C VAL B 77 -3.06 -32.25 15.91
N TYR B 78 -2.99 -32.49 14.60
CA TYR B 78 -1.90 -32.01 13.77
C TYR B 78 -2.25 -30.62 13.25
N ALA B 79 -1.75 -29.59 13.92
CA ALA B 79 -2.01 -28.21 13.51
C ALA B 79 -1.14 -27.87 12.31
N ASP B 80 -1.71 -27.99 11.12
CA ASP B 80 -0.92 -27.83 9.88
C ASP B 80 -0.82 -26.36 9.52
N SER B 81 0.39 -25.83 9.61
CA SER B 81 0.65 -24.40 9.47
C SER B 81 1.39 -24.16 8.17
N PHE B 82 0.81 -23.32 7.31
CA PHE B 82 1.46 -22.96 6.05
C PHE B 82 0.72 -21.77 5.45
N VAL B 83 1.34 -21.20 4.42
CA VAL B 83 0.77 -20.08 3.67
C VAL B 83 0.61 -20.55 2.23
N ILE B 84 -0.63 -20.60 1.75
CA ILE B 84 -0.86 -21.08 0.39
C ILE B 84 -1.25 -19.93 -0.54
N LYS B 85 -2.42 -19.35 -0.34
CA LYS B 85 -2.96 -18.28 -1.17
C LYS B 85 -4.34 -17.95 -0.64
N GLY B 86 -4.95 -16.91 -1.21
CA GLY B 86 -6.33 -16.60 -0.87
C GLY B 86 -7.30 -17.63 -1.41
N ASN B 87 -7.31 -17.82 -2.73
CA ASN B 87 -8.25 -18.73 -3.38
C ASN B 87 -7.73 -20.15 -3.48
N GLU B 88 -6.73 -20.53 -2.68
CA GLU B 88 -6.28 -21.90 -2.62
C GLU B 88 -6.72 -22.61 -1.34
N VAL B 89 -7.38 -21.89 -0.42
CA VAL B 89 -7.94 -22.54 0.76
C VAL B 89 -9.09 -23.46 0.35
N SER B 90 -9.75 -23.15 -0.76
CA SER B 90 -10.81 -24.03 -1.26
C SER B 90 -10.28 -25.41 -1.61
N GLN B 91 -9.00 -25.53 -1.93
CA GLN B 91 -8.38 -26.82 -2.22
C GLN B 91 -7.90 -27.53 -0.97
N ILE B 92 -8.37 -27.12 0.21
CA ILE B 92 -7.99 -27.75 1.47
C ILE B 92 -9.23 -28.41 2.06
N ALA B 93 -10.10 -28.90 1.19
CA ALA B 93 -11.31 -29.58 1.57
C ALA B 93 -11.16 -31.09 1.34
N PRO B 94 -11.87 -31.92 2.11
CA PRO B 94 -11.80 -33.37 1.87
C PRO B 94 -12.26 -33.71 0.46
N GLY B 95 -11.56 -34.67 -0.15
CA GLY B 95 -11.89 -35.08 -1.50
C GLY B 95 -11.81 -33.97 -2.52
N GLN B 96 -10.76 -33.15 -2.44
CA GLN B 96 -10.58 -32.03 -3.35
C GLN B 96 -9.29 -32.23 -4.14
N THR B 97 -9.30 -31.78 -5.39
CA THR B 97 -8.15 -31.92 -6.28
C THR B 97 -7.78 -30.56 -6.85
N GLY B 98 -6.50 -30.42 -7.17
CA GLY B 98 -6.01 -29.18 -7.72
C GLY B 98 -4.49 -29.14 -7.67
N ASN B 99 -3.95 -27.98 -8.04
CA ASN B 99 -2.50 -27.81 -8.07
C ASN B 99 -1.90 -27.99 -6.68
N ILE B 100 -2.56 -27.43 -5.66
CA ILE B 100 -2.08 -27.59 -4.29
C ILE B 100 -2.49 -28.93 -3.70
N ALA B 101 -3.59 -29.52 -4.16
CA ALA B 101 -4.11 -30.74 -3.58
C ALA B 101 -3.51 -32.01 -4.16
N ASP B 102 -3.14 -32.00 -5.45
CA ASP B 102 -2.63 -33.19 -6.08
C ASP B 102 -1.32 -33.64 -5.47
N TYR B 103 -0.49 -32.68 -5.08
CA TYR B 103 0.90 -32.97 -4.81
C TYR B 103 1.60 -32.03 -3.85
N ASN B 104 1.06 -30.85 -3.56
CA ASN B 104 1.59 -30.00 -2.51
C ASN B 104 1.09 -30.43 -1.13
N TYR B 105 -0.22 -30.58 -0.98
CA TYR B 105 -0.81 -31.06 0.27
C TYR B 105 -2.16 -31.69 -0.06
N LYS B 106 -2.27 -33.00 0.14
CA LYS B 106 -3.46 -33.76 -0.22
C LYS B 106 -4.23 -34.10 1.06
N LEU B 107 -5.54 -33.79 1.05
CA LEU B 107 -6.41 -34.10 2.17
C LEU B 107 -7.33 -35.26 1.81
N PRO B 108 -7.45 -36.26 2.68
CA PRO B 108 -8.24 -37.44 2.35
C PRO B 108 -9.72 -37.11 2.22
N ASP B 109 -10.43 -37.99 1.50
CA ASP B 109 -11.86 -37.82 1.33
C ASP B 109 -12.60 -37.91 2.66
N ASP B 110 -12.21 -38.86 3.51
CA ASP B 110 -12.79 -39.01 4.84
C ASP B 110 -11.88 -38.32 5.85
N PHE B 111 -12.00 -36.99 5.89
CA PHE B 111 -11.15 -36.14 6.72
C PHE B 111 -11.99 -35.49 7.80
N THR B 112 -11.57 -35.64 9.06
CA THR B 112 -12.25 -35.05 10.21
C THR B 112 -11.37 -33.94 10.76
N GLY B 113 -11.84 -32.70 10.65
CA GLY B 113 -11.07 -31.57 11.13
C GLY B 113 -11.73 -30.26 10.74
N CYS B 114 -10.99 -29.19 10.98
CA CYS B 114 -11.47 -27.83 10.73
C CYS B 114 -10.39 -27.03 10.03
N VAL B 115 -10.82 -26.00 9.29
CA VAL B 115 -9.93 -25.08 8.60
C VAL B 115 -10.17 -23.67 9.13
N ILE B 116 -9.11 -23.01 9.58
CA ILE B 116 -9.25 -21.76 10.31
C ILE B 116 -8.44 -20.68 9.57
N ALA B 117 -8.44 -20.75 8.24
CA ALA B 117 -7.66 -19.82 7.45
C ALA B 117 -8.05 -18.38 7.73
N TRP B 118 -7.04 -17.52 7.93
CA TRP B 118 -7.24 -16.11 8.22
C TRP B 118 -6.24 -15.28 7.43
N ASN B 119 -6.64 -14.06 7.09
CA ASN B 119 -5.79 -13.19 6.29
C ASN B 119 -4.58 -12.73 7.08
N SER B 120 -3.43 -12.69 6.41
CA SER B 120 -2.18 -12.21 7.01
C SER B 120 -1.44 -11.33 6.01
N ASN B 121 -2.17 -10.41 5.38
CA ASN B 121 -1.55 -9.57 4.36
C ASN B 121 -0.45 -8.69 4.93
N LYS B 122 -0.68 -8.10 6.10
CA LYS B 122 0.29 -7.16 6.66
C LYS B 122 1.52 -7.88 7.20
N LEU B 123 1.35 -9.09 7.76
CA LEU B 123 2.47 -9.76 8.40
C LEU B 123 3.43 -10.35 7.37
N ASP B 124 2.91 -10.88 6.28
CA ASP B 124 3.69 -11.61 5.28
C ASP B 124 3.60 -10.86 3.95
N SER B 125 4.47 -9.88 3.76
CA SER B 125 4.48 -9.11 2.52
C SER B 125 5.78 -8.31 2.45
N LYS B 126 6.02 -7.75 1.27
CA LYS B 126 7.23 -6.99 1.02
C LYS B 126 7.01 -6.16 -0.24
N HIS B 127 7.24 -4.84 -0.14
CA HIS B 127 7.07 -3.98 -1.30
C HIS B 127 8.05 -4.34 -2.40
N SER B 128 9.29 -4.67 -2.03
CA SER B 128 10.29 -5.11 -2.99
C SER B 128 10.02 -6.51 -3.52
N GLY B 129 9.05 -7.23 -2.95
CA GLY B 129 8.73 -8.57 -3.41
C GLY B 129 9.17 -9.65 -2.45
N ASN B 130 8.21 -10.33 -1.81
CA ASN B 130 8.52 -11.40 -0.87
C ASN B 130 8.58 -12.72 -1.63
N TYR B 131 9.73 -12.97 -2.24
CA TYR B 131 9.98 -14.23 -2.92
C TYR B 131 10.57 -15.27 -1.97
N ASP B 132 9.88 -15.51 -0.86
CA ASP B 132 10.35 -16.39 0.19
C ASP B 132 9.46 -17.61 0.39
N TYR B 133 8.39 -17.75 -0.39
CA TYR B 133 7.47 -18.87 -0.27
C TYR B 133 7.35 -19.54 -1.64
N TRP B 134 7.66 -20.83 -1.69
CA TRP B 134 7.80 -21.57 -2.94
C TRP B 134 6.78 -22.70 -3.01
N TYR B 135 6.33 -22.97 -4.23
CA TYR B 135 5.52 -24.14 -4.53
C TYR B 135 5.98 -24.76 -5.84
N ARG B 136 6.04 -26.08 -5.87
CA ARG B 136 6.39 -26.81 -7.07
C ARG B 136 5.20 -26.79 -8.04
N LEU B 137 5.53 -26.67 -9.31
CA LEU B 137 4.55 -26.37 -10.35
C LEU B 137 4.28 -27.51 -11.31
N PHE B 138 5.28 -28.33 -11.64
CA PHE B 138 5.11 -29.40 -12.61
C PHE B 138 5.44 -30.71 -11.93
N ARG B 139 4.66 -31.75 -12.22
CA ARG B 139 4.95 -33.06 -11.64
C ARG B 139 4.35 -34.15 -12.51
N LYS B 140 5.15 -35.19 -12.77
CA LYS B 140 4.69 -36.31 -13.59
C LYS B 140 3.69 -37.19 -12.85
N SER B 141 3.91 -37.40 -11.55
CA SER B 141 3.11 -38.31 -10.74
C SER B 141 2.27 -37.52 -9.74
N LYS B 142 1.60 -38.25 -8.86
CA LYS B 142 0.79 -37.69 -7.79
C LYS B 142 1.18 -38.33 -6.47
N LEU B 143 0.77 -37.69 -5.37
CA LEU B 143 1.14 -38.13 -4.03
C LEU B 143 -0.09 -38.62 -3.28
N LYS B 144 0.11 -39.61 -2.42
CA LYS B 144 -0.92 -40.22 -1.60
C LYS B 144 -1.22 -39.37 -0.38
N PRO B 145 -2.44 -39.46 0.15
CA PRO B 145 -2.75 -38.76 1.39
C PRO B 145 -2.03 -39.40 2.57
N PHE B 146 -2.00 -38.66 3.68
CA PHE B 146 -1.33 -39.10 4.91
C PHE B 146 0.16 -39.34 4.68
N GLU B 147 0.74 -38.59 3.76
CA GLU B 147 2.14 -38.74 3.37
C GLU B 147 2.81 -37.38 3.37
N ARG B 148 3.80 -37.22 4.26
CA ARG B 148 4.57 -35.99 4.34
C ARG B 148 5.52 -35.88 3.15
N ASP B 149 5.77 -34.63 2.74
CA ASP B 149 6.75 -34.33 1.69
C ASP B 149 7.90 -33.58 2.34
N ILE B 150 8.91 -34.31 2.79
CA ILE B 150 10.10 -33.73 3.40
C ILE B 150 11.37 -34.01 2.62
N SER B 151 11.31 -34.90 1.64
CA SER B 151 12.50 -35.19 0.83
C SER B 151 12.68 -34.12 -0.24
N THR B 152 13.92 -33.95 -0.67
CA THR B 152 14.32 -32.81 -1.50
C THR B 152 15.12 -33.24 -2.72
N GLU B 153 14.54 -34.12 -3.54
CA GLU B 153 15.20 -34.54 -4.78
C GLU B 153 15.22 -33.39 -5.79
N ILE B 154 15.81 -33.64 -6.95
CA ILE B 154 15.87 -32.68 -8.04
C ILE B 154 15.33 -33.34 -9.30
N TYR B 155 14.49 -32.62 -10.03
CA TYR B 155 13.80 -33.17 -11.18
C TYR B 155 13.98 -32.26 -12.39
N GLN B 156 13.53 -32.74 -13.54
CA GLN B 156 13.63 -32.00 -14.79
C GLN B 156 12.56 -32.55 -15.74
N ALA B 157 12.36 -31.82 -16.84
CA ALA B 157 11.24 -32.09 -17.75
C ALA B 157 11.52 -33.24 -18.70
N GLY B 158 10.68 -33.38 -19.72
CA GLY B 158 10.72 -34.55 -20.58
C GLY B 158 11.30 -34.33 -21.97
N ASN B 159 10.59 -34.84 -22.99
CA ASN B 159 11.09 -34.92 -24.38
C ASN B 159 12.39 -35.72 -24.36
N LYS B 160 13.47 -35.22 -24.94
CA LYS B 160 14.79 -35.85 -24.88
C LYS B 160 15.53 -35.34 -23.66
N PRO B 161 16.32 -36.17 -22.96
CA PRO B 161 17.07 -35.67 -21.79
C PRO B 161 17.86 -34.40 -22.08
N CYS B 162 17.74 -33.41 -21.19
CA CYS B 162 18.24 -32.08 -21.40
C CYS B 162 18.98 -31.57 -20.17
N LYS B 163 19.56 -30.38 -20.31
CA LYS B 163 20.20 -29.69 -19.20
C LYS B 163 19.89 -28.19 -19.30
N GLY B 164 19.42 -27.63 -18.20
CA GLY B 164 19.10 -26.21 -18.15
C GLY B 164 17.73 -25.91 -18.71
N LYS B 165 17.32 -24.64 -18.54
CA LYS B 165 16.01 -24.19 -19.01
C LYS B 165 16.07 -24.00 -20.53
N GLY B 166 16.00 -25.12 -21.23
CA GLY B 166 16.10 -25.12 -22.66
C GLY B 166 14.76 -24.92 -23.34
N PRO B 167 14.53 -25.67 -24.43
CA PRO B 167 13.27 -25.51 -25.17
C PRO B 167 12.06 -26.00 -24.40
N ASN B 168 12.16 -27.19 -23.81
CA ASN B 168 11.05 -27.78 -23.09
C ASN B 168 11.51 -28.33 -21.75
N CYS B 169 12.30 -27.54 -21.02
CA CYS B 169 12.83 -27.96 -19.73
C CYS B 169 12.69 -26.77 -18.79
N TYR B 170 12.13 -27.01 -17.60
CA TYR B 170 11.68 -25.91 -16.77
C TYR B 170 12.01 -26.17 -15.31
N PHE B 171 12.19 -25.09 -14.55
CA PHE B 171 12.46 -25.23 -13.12
C PHE B 171 11.14 -25.35 -12.37
N PRO B 172 10.94 -26.41 -11.58
CA PRO B 172 9.62 -26.67 -10.99
C PRO B 172 9.22 -25.68 -9.91
N LEU B 173 10.06 -25.47 -8.91
CA LEU B 173 9.71 -24.62 -7.78
C LEU B 173 9.78 -23.16 -8.20
N GLN B 174 8.63 -22.51 -8.32
CA GLN B 174 8.64 -21.08 -8.57
C GLN B 174 7.96 -20.34 -7.43
N SER B 175 8.37 -19.09 -7.23
CA SER B 175 8.11 -18.35 -6.01
C SER B 175 6.92 -17.44 -6.15
N TYR B 176 6.26 -17.17 -5.01
CA TYR B 176 5.21 -16.16 -4.92
C TYR B 176 5.82 -14.77 -4.90
N GLY B 177 5.12 -13.83 -5.52
CA GLY B 177 5.50 -12.44 -5.42
C GLY B 177 5.32 -11.88 -4.01
N PHE B 178 4.11 -12.06 -3.47
CA PHE B 178 3.71 -11.49 -2.18
C PHE B 178 4.18 -10.04 -2.03
N ARG B 179 3.67 -9.24 -2.86
CA ARG B 179 3.69 -7.82 -2.63
C ARG B 179 2.45 -7.43 -1.83
N PRO B 180 2.56 -6.44 -0.94
CA PRO B 180 1.46 -6.21 0.02
C PRO B 180 0.12 -5.91 -0.64
N THR B 181 0.12 -5.26 -1.80
CA THR B 181 -1.13 -4.85 -2.44
C THR B 181 -1.55 -5.88 -3.49
N TYR B 182 -1.84 -7.08 -3.03
CA TYR B 182 -2.55 -8.08 -3.82
C TYR B 182 -4.03 -8.10 -3.43
N GLY B 183 -4.79 -8.88 -4.18
CA GLY B 183 -6.17 -9.11 -3.84
C GLY B 183 -6.32 -10.16 -2.77
N VAL B 184 -7.56 -10.30 -2.29
CA VAL B 184 -7.83 -11.26 -1.22
C VAL B 184 -7.61 -12.69 -1.71
N GLY B 185 -7.81 -12.95 -3.01
CA GLY B 185 -7.63 -14.28 -3.53
C GLY B 185 -6.19 -14.70 -3.72
N HIS B 186 -5.27 -13.75 -3.71
CA HIS B 186 -3.85 -14.06 -3.81
C HIS B 186 -3.07 -13.60 -2.59
N GLN B 187 -3.70 -12.92 -1.65
CA GLN B 187 -3.02 -12.49 -0.45
C GLN B 187 -2.62 -13.69 0.40
N PRO B 188 -1.53 -13.59 1.15
CA PRO B 188 -1.05 -14.75 1.91
C PRO B 188 -1.93 -15.11 3.09
N TYR B 189 -3.06 -15.77 2.83
CA TYR B 189 -3.89 -16.28 3.92
C TYR B 189 -3.11 -17.33 4.69
N ARG B 190 -2.76 -17.01 5.93
CA ARG B 190 -2.14 -18.00 6.80
C ARG B 190 -3.19 -19.04 7.18
N VAL B 191 -3.02 -20.26 6.67
CA VAL B 191 -4.01 -21.33 6.82
C VAL B 191 -3.53 -22.28 7.90
N VAL B 192 -4.39 -22.53 8.89
CA VAL B 192 -4.15 -23.53 9.92
C VAL B 192 -5.20 -24.60 9.77
N VAL B 193 -4.78 -25.84 9.59
CA VAL B 193 -5.67 -26.98 9.41
C VAL B 193 -5.46 -27.94 10.57
N LEU B 194 -6.53 -28.21 11.31
CA LEU B 194 -6.53 -29.15 12.41
C LEU B 194 -7.05 -30.50 11.91
N SER B 195 -6.30 -31.57 12.19
CA SER B 195 -6.68 -32.92 11.80
C SER B 195 -6.77 -33.76 13.06
N PHE B 196 -7.98 -33.92 13.59
CA PHE B 196 -8.18 -34.67 14.83
C PHE B 196 -8.03 -36.15 14.55
N GLU B 197 -6.92 -36.73 15.01
CA GLU B 197 -6.66 -38.14 14.80
C GLU B 197 -5.60 -38.65 15.77
N GLN C 1 -7.26 -7.06 35.92
CA GLN C 1 -6.86 -7.57 37.22
C GLN C 1 -5.43 -8.11 37.18
N VAL C 2 -4.64 -7.59 36.25
CA VAL C 2 -3.25 -8.03 36.10
C VAL C 2 -2.43 -7.50 37.27
N GLN C 3 -1.64 -8.38 37.89
CA GLN C 3 -0.83 -8.01 39.04
C GLN C 3 0.57 -8.55 38.84
N LEU C 4 1.57 -7.69 39.09
CA LEU C 4 2.98 -8.05 39.00
C LEU C 4 3.69 -7.52 40.23
N VAL C 5 3.75 -8.33 41.29
CA VAL C 5 4.43 -7.95 42.51
C VAL C 5 5.94 -8.03 42.30
N GLN C 6 6.63 -6.95 42.61
CA GLN C 6 8.07 -6.85 42.37
C GLN C 6 8.76 -6.47 43.66
N SER C 7 10.01 -6.91 43.79
CA SER C 7 10.79 -6.74 45.03
C SER C 7 11.14 -5.28 45.27
N GLY C 8 11.78 -5.00 46.42
CA GLY C 8 12.11 -3.65 46.80
C GLY C 8 13.52 -3.23 46.40
N ALA C 9 13.91 -2.04 46.86
CA ALA C 9 15.20 -1.49 46.51
C ALA C 9 16.33 -2.20 47.23
N GLU C 10 17.54 -2.09 46.69
CA GLU C 10 18.73 -2.71 47.27
C GLU C 10 19.86 -1.69 47.33
N VAL C 11 20.75 -1.90 48.30
CA VAL C 11 21.84 -0.96 48.57
C VAL C 11 23.17 -1.72 48.56
N LYS C 12 23.25 -2.78 47.75
CA LYS C 12 24.42 -3.65 47.73
C LYS C 12 25.66 -2.88 47.29
N LYS C 13 26.80 -3.55 47.41
CA LYS C 13 28.12 -2.99 47.15
C LYS C 13 28.84 -3.84 46.13
N PRO C 14 29.84 -3.27 45.43
CA PRO C 14 30.54 -4.03 44.39
C PRO C 14 31.22 -5.27 44.95
N GLY C 15 31.29 -6.31 44.11
CA GLY C 15 31.92 -7.56 44.48
C GLY C 15 30.96 -8.67 44.86
N ALA C 16 29.70 -8.36 45.14
CA ALA C 16 28.73 -9.37 45.52
C ALA C 16 27.78 -9.64 44.36
N SER C 17 26.79 -10.50 44.58
CA SER C 17 25.78 -10.81 43.58
C SER C 17 24.41 -10.83 44.26
N VAL C 18 23.39 -10.42 43.52
CA VAL C 18 22.04 -10.33 44.04
C VAL C 18 21.07 -10.92 43.02
N LYS C 19 19.91 -11.35 43.50
CA LYS C 19 18.86 -11.89 42.63
C LYS C 19 17.57 -11.14 42.95
N VAL C 20 16.83 -10.77 41.90
CA VAL C 20 15.64 -9.94 42.03
C VAL C 20 14.40 -10.83 41.99
N SER C 21 13.40 -10.47 42.78
CA SER C 21 12.14 -11.20 42.85
C SER C 21 11.10 -10.52 41.98
N CYS C 22 10.18 -11.32 41.43
CA CYS C 22 9.13 -10.83 40.55
C CYS C 22 7.97 -11.80 40.61
N LYS C 23 6.92 -11.45 41.36
CA LYS C 23 5.74 -12.29 41.51
C LYS C 23 4.67 -11.80 40.55
N ALA C 24 4.24 -12.66 39.64
CA ALA C 24 3.16 -12.35 38.72
C ALA C 24 1.90 -13.11 39.08
N SER C 25 0.75 -12.51 38.76
CA SER C 25 -0.53 -13.10 39.10
C SER C 25 -1.58 -12.66 38.09
N GLY C 26 -2.57 -13.52 37.86
CA GLY C 26 -3.69 -13.20 37.00
C GLY C 26 -3.63 -13.77 35.59
N TYR C 27 -2.88 -14.85 35.37
CA TYR C 27 -2.74 -15.43 34.04
C TYR C 27 -2.26 -16.86 34.18
N PRO C 28 -2.49 -17.71 33.18
CA PRO C 28 -1.92 -19.07 33.21
C PRO C 28 -0.39 -19.04 33.15
N PHE C 29 0.24 -19.53 34.22
CA PHE C 29 1.68 -19.32 34.38
C PHE C 29 2.49 -20.00 33.26
N THR C 30 2.13 -21.23 32.90
CA THR C 30 2.98 -22.01 32.01
C THR C 30 2.83 -21.63 30.55
N SER C 31 1.90 -20.75 30.20
CA SER C 31 1.70 -20.37 28.81
C SER C 31 2.50 -19.14 28.38
N TYR C 32 3.27 -18.55 29.29
CA TYR C 32 4.05 -17.35 28.99
C TYR C 32 5.38 -17.41 29.70
N GLY C 33 6.33 -16.60 29.22
CA GLY C 33 7.62 -16.46 29.85
C GLY C 33 7.74 -15.16 30.63
N ILE C 34 8.96 -14.88 31.07
CA ILE C 34 9.27 -13.66 31.81
C ILE C 34 10.56 -13.07 31.23
N SER C 35 10.52 -11.78 30.93
CA SER C 35 11.67 -11.06 30.42
C SER C 35 12.14 -10.05 31.47
N TRP C 36 13.35 -9.52 31.27
CA TRP C 36 13.92 -8.53 32.18
C TRP C 36 14.55 -7.40 31.40
N VAL C 37 14.30 -6.17 31.84
CA VAL C 37 14.85 -4.97 31.24
C VAL C 37 15.48 -4.12 32.34
N ARG C 38 16.66 -3.60 32.06
CA ARG C 38 17.42 -2.80 33.02
C ARG C 38 17.54 -1.38 32.52
N GLN C 39 17.33 -0.43 33.42
CA GLN C 39 17.38 1.00 33.08
C GLN C 39 18.21 1.74 34.12
N ALA C 40 19.37 2.22 33.72
CA ALA C 40 20.21 3.01 34.60
C ALA C 40 19.59 4.37 34.85
N PRO C 41 19.88 5.00 35.99
CA PRO C 41 19.31 6.32 36.28
C PRO C 41 19.69 7.34 35.21
N GLY C 42 18.68 8.04 34.71
CA GLY C 42 18.89 9.00 33.65
C GLY C 42 19.41 8.39 32.36
N GLN C 43 18.97 7.18 32.03
CA GLN C 43 19.42 6.48 30.84
C GLN C 43 18.20 5.86 30.15
N GLY C 44 18.47 5.03 29.15
CA GLY C 44 17.42 4.35 28.42
C GLY C 44 17.36 2.86 28.75
N LEU C 45 16.30 2.22 28.23
CA LEU C 45 16.11 0.80 28.45
C LEU C 45 17.11 -0.01 27.63
N GLU C 46 17.53 -1.14 28.19
CA GLU C 46 18.39 -2.07 27.48
C GLU C 46 18.06 -3.48 27.93
N TRP C 47 18.05 -4.41 26.98
CA TRP C 47 17.60 -5.77 27.25
C TRP C 47 18.61 -6.53 28.09
N MET C 48 18.10 -7.48 28.88
CA MET C 48 18.94 -8.35 29.71
C MET C 48 18.84 -9.81 29.32
N GLY C 49 17.64 -10.32 29.09
CA GLY C 49 17.49 -11.72 28.71
C GLY C 49 16.04 -12.14 28.74
N TRP C 50 15.81 -13.36 28.26
CA TRP C 50 14.47 -13.95 28.22
C TRP C 50 14.55 -15.38 28.71
N ILE C 51 13.51 -15.81 29.44
CA ILE C 51 13.43 -17.16 29.97
C ILE C 51 12.00 -17.66 29.84
N SER C 52 11.85 -18.93 29.49
CA SER C 52 10.55 -19.57 29.42
C SER C 52 10.35 -20.45 30.65
N THR C 53 9.19 -20.30 31.30
CA THR C 53 8.93 -21.06 32.52
C THR C 53 8.38 -22.45 32.24
N TYR C 54 8.12 -22.79 30.98
CA TYR C 54 7.55 -24.09 30.63
C TYR C 54 8.63 -25.18 30.62
N ASN C 55 9.64 -25.02 29.77
CA ASN C 55 10.70 -26.01 29.63
C ASN C 55 12.02 -25.56 30.23
N GLY C 56 12.07 -24.36 30.80
CA GLY C 56 13.28 -23.87 31.42
C GLY C 56 14.31 -23.29 30.47
N ASN C 57 13.99 -23.15 29.19
CA ASN C 57 14.93 -22.57 28.24
C ASN C 57 15.21 -21.11 28.58
N THR C 58 16.42 -20.66 28.28
CA THR C 58 16.84 -19.28 28.53
C THR C 58 17.39 -18.67 27.25
N ASN C 59 17.52 -17.34 27.27
CA ASN C 59 18.08 -16.60 26.15
C ASN C 59 18.60 -15.27 26.67
N TYR C 60 19.91 -15.08 26.65
CA TYR C 60 20.55 -13.89 27.17
C TYR C 60 21.18 -13.08 26.04
N ALA C 61 21.40 -11.80 26.31
CA ALA C 61 22.03 -10.93 25.33
C ALA C 61 23.54 -11.12 25.33
N GLN C 62 24.19 -10.65 24.27
CA GLN C 62 25.63 -10.83 24.13
C GLN C 62 26.39 -9.90 25.08
N LYS C 63 25.86 -8.70 25.33
CA LYS C 63 26.52 -7.78 26.26
C LYS C 63 26.65 -8.41 27.64
N PHE C 64 25.67 -9.23 28.05
CA PHE C 64 25.74 -10.02 29.27
C PHE C 64 25.84 -11.51 28.97
N GLN C 65 26.66 -11.88 27.98
CA GLN C 65 26.68 -13.27 27.50
C GLN C 65 26.85 -14.25 28.66
N GLY C 66 27.99 -14.22 29.33
CA GLY C 66 27.99 -14.78 30.66
C GLY C 66 28.35 -13.74 31.71
N ARG C 67 27.32 -13.19 32.34
CA ARG C 67 27.45 -12.53 33.63
C ARG C 67 26.19 -12.68 34.46
N VAL C 68 25.18 -13.40 33.98
CA VAL C 68 23.82 -13.33 34.49
C VAL C 68 23.18 -14.70 34.41
N THR C 69 22.23 -14.96 35.30
CA THR C 69 21.45 -16.19 35.29
C THR C 69 20.02 -15.87 35.72
N MET C 70 19.08 -16.67 35.22
CA MET C 70 17.67 -16.49 35.51
C MET C 70 17.05 -17.79 36.00
N THR C 71 16.33 -17.70 37.11
CA THR C 71 15.62 -18.84 37.67
C THR C 71 14.14 -18.49 37.80
N THR C 72 13.30 -19.52 37.88
CA THR C 72 11.86 -19.33 37.97
C THR C 72 11.29 -20.20 39.09
N ASP C 73 10.17 -19.74 39.64
CA ASP C 73 9.43 -20.47 40.66
C ASP C 73 8.04 -20.76 40.10
N THR C 74 7.70 -22.05 40.01
CA THR C 74 6.42 -22.43 39.43
C THR C 74 5.30 -22.44 40.47
N SER C 75 5.62 -22.81 41.71
CA SER C 75 4.59 -22.87 42.74
C SER C 75 3.99 -21.50 43.03
N THR C 76 4.83 -20.48 43.12
CA THR C 76 4.38 -19.14 43.43
C THR C 76 4.26 -18.24 42.19
N THR C 77 4.50 -18.79 40.99
CA THR C 77 4.47 -18.03 39.75
C THR C 77 5.37 -16.80 39.85
N THR C 78 6.61 -17.03 40.28
CA THR C 78 7.57 -15.97 40.54
C THR C 78 8.79 -16.14 39.65
N GLY C 79 9.22 -15.06 39.03
CA GLY C 79 10.41 -15.03 38.20
C GLY C 79 11.57 -14.41 38.93
N TYR C 80 12.78 -14.73 38.50
CA TYR C 80 13.99 -14.23 39.15
C TYR C 80 15.03 -13.87 38.10
N MET C 81 15.93 -12.96 38.46
CA MET C 81 17.07 -12.58 37.64
C MET C 81 18.23 -12.28 38.59
N GLU C 82 19.37 -12.92 38.35
CA GLU C 82 20.54 -12.78 39.20
C GLU C 82 21.73 -12.28 38.39
N LEU C 83 22.32 -11.18 38.83
CA LEU C 83 23.47 -10.57 38.17
C LEU C 83 24.71 -10.73 39.04
N ARG C 84 25.85 -10.95 38.39
CA ARG C 84 27.09 -11.26 39.09
C ARG C 84 28.16 -10.23 38.72
N ARG C 85 29.15 -10.11 39.60
CA ARG C 85 30.28 -9.20 39.40
C ARG C 85 29.79 -7.76 39.18
N LEU C 86 29.15 -7.21 40.20
CA LEU C 86 28.57 -5.87 40.12
C LEU C 86 29.64 -4.81 39.92
N ARG C 87 29.53 -4.05 38.83
CA ARG C 87 30.45 -2.98 38.53
C ARG C 87 29.88 -1.65 39.04
N SER C 88 30.72 -0.60 39.01
CA SER C 88 30.29 0.71 39.48
C SER C 88 29.16 1.30 38.65
N ASP C 89 29.08 0.98 37.37
CA ASP C 89 28.02 1.48 36.49
C ASP C 89 26.82 0.56 36.43
N ASP C 90 26.73 -0.42 37.33
CA ASP C 90 25.63 -1.39 37.33
C ASP C 90 24.40 -0.87 38.06
N THR C 91 24.46 0.31 38.66
CA THR C 91 23.30 0.89 39.32
C THR C 91 22.23 1.19 38.28
N ALA C 92 21.01 0.73 38.54
CA ALA C 92 19.93 0.85 37.57
C ALA C 92 18.60 0.52 38.24
N VAL C 93 17.52 0.74 37.50
CA VAL C 93 16.18 0.30 37.90
C VAL C 93 15.81 -0.88 37.03
N TYR C 94 15.49 -2.01 37.65
CA TYR C 94 15.25 -3.26 36.95
C TYR C 94 13.75 -3.53 36.87
N TYR C 95 13.28 -3.85 35.67
CA TYR C 95 11.86 -4.09 35.45
C TYR C 95 11.64 -5.54 35.04
N CYS C 96 10.44 -6.04 35.33
CA CYS C 96 10.06 -7.44 35.08
C CYS C 96 8.74 -7.44 34.31
N ALA C 97 8.83 -7.53 32.99
CA ALA C 97 7.67 -7.52 32.13
C ALA C 97 7.15 -8.96 31.95
N ARG C 98 6.08 -9.12 31.18
CA ARG C 98 5.50 -10.43 30.88
C ARG C 98 5.70 -10.72 29.40
N ASP C 99 6.23 -11.91 29.10
CA ASP C 99 6.66 -12.23 27.76
C ASP C 99 5.48 -12.53 26.84
N TYR C 100 5.47 -11.84 25.69
CA TYR C 100 4.66 -12.24 24.56
C TYR C 100 5.43 -12.02 23.27
N THR C 101 6.76 -12.12 23.33
CA THR C 101 7.61 -11.90 22.17
C THR C 101 8.24 -13.16 21.62
N ARG C 102 8.27 -14.25 22.39
CA ARG C 102 8.79 -15.53 21.94
C ARG C 102 7.97 -16.64 22.60
N GLY C 103 7.64 -17.67 21.82
CA GLY C 103 6.79 -18.72 22.34
C GLY C 103 7.45 -19.49 23.47
N ALA C 104 6.63 -19.94 24.42
CA ALA C 104 7.12 -20.70 25.56
C ALA C 104 7.49 -22.12 25.15
N TRP C 105 6.52 -22.88 24.66
CA TRP C 105 6.76 -24.26 24.24
C TRP C 105 7.68 -24.32 23.03
N PHE C 106 7.23 -23.73 21.93
CA PHE C 106 7.94 -23.84 20.66
C PHE C 106 9.27 -23.10 20.70
N GLY C 107 9.25 -21.88 21.23
CA GLY C 107 10.44 -21.08 21.34
C GLY C 107 10.85 -20.34 20.08
N GLU C 108 10.12 -20.49 18.98
CA GLU C 108 10.49 -19.83 17.73
C GLU C 108 10.44 -18.32 17.87
N SER C 109 9.23 -17.77 17.95
CA SER C 109 8.95 -16.36 18.17
C SER C 109 7.45 -16.12 18.12
N LEU C 110 6.98 -15.02 18.68
CA LEU C 110 5.58 -14.62 18.58
C LEU C 110 5.49 -13.16 18.16
N ILE C 111 4.40 -12.85 17.43
CA ILE C 111 4.10 -11.47 17.10
C ILE C 111 3.40 -10.80 18.27
N GLY C 112 4.15 -10.03 19.05
CA GLY C 112 3.59 -9.38 20.22
C GLY C 112 4.56 -8.41 20.86
N GLY C 113 4.66 -8.46 22.18
CA GLY C 113 5.56 -7.60 22.92
C GLY C 113 5.30 -7.68 24.40
N PHE C 114 6.19 -7.13 25.22
CA PHE C 114 5.98 -7.12 26.65
C PHE C 114 4.74 -6.28 26.98
N ASP C 115 3.69 -6.97 27.42
CA ASP C 115 2.37 -6.37 27.59
C ASP C 115 2.07 -5.89 29.00
N ASN C 116 2.57 -6.58 30.02
CA ASN C 116 2.30 -6.21 31.40
C ASN C 116 3.62 -6.05 32.15
N TRP C 117 3.78 -4.91 32.82
CA TRP C 117 5.02 -4.56 33.48
C TRP C 117 4.83 -4.52 34.99
N GLY C 118 5.94 -4.58 35.71
CA GLY C 118 5.94 -4.50 37.15
C GLY C 118 6.04 -3.08 37.65
N GLN C 119 6.62 -2.92 38.85
CA GLN C 119 6.79 -1.61 39.47
C GLN C 119 8.21 -1.07 39.35
N GLY C 120 9.19 -1.92 39.09
CA GLY C 120 10.58 -1.48 39.05
C GLY C 120 11.33 -1.84 40.31
N THR C 121 12.65 -1.86 40.21
CA THR C 121 13.51 -2.24 41.33
C THR C 121 14.82 -1.48 41.20
N LEU C 122 15.01 -0.47 42.04
CA LEU C 122 16.27 0.26 42.08
C LEU C 122 17.30 -0.47 42.92
N VAL C 123 18.39 -0.87 42.27
CA VAL C 123 19.51 -1.55 42.95
C VAL C 123 20.71 -0.63 42.82
N THR C 124 21.11 0.00 43.91
CA THR C 124 22.24 0.92 43.90
C THR C 124 23.49 0.21 44.39
N VAL C 125 24.55 0.25 43.57
CA VAL C 125 25.82 -0.37 43.90
C VAL C 125 26.88 0.73 43.93
N SER C 126 27.63 0.79 45.04
CA SER C 126 28.63 1.83 45.21
C SER C 126 29.59 1.42 46.32
N SER C 127 30.83 1.91 46.23
CA SER C 127 31.84 1.66 47.24
C SER C 127 31.78 2.80 48.25
N ALA C 128 30.95 2.62 49.27
CA ALA C 128 30.73 3.63 50.31
C ALA C 128 30.21 2.92 51.54
N SER C 129 29.76 3.70 52.52
CA SER C 129 29.26 3.14 53.77
C SER C 129 28.18 4.06 54.31
N THR C 130 27.38 3.52 55.24
CA THR C 130 26.30 4.30 55.84
C THR C 130 26.86 5.51 56.59
N LYS C 131 26.25 6.67 56.35
CA LYS C 131 26.67 7.91 56.98
C LYS C 131 25.45 8.73 57.35
N GLY C 132 25.61 9.58 58.37
CA GLY C 132 24.56 10.46 58.79
C GLY C 132 24.58 11.77 58.02
N PRO C 133 23.40 12.31 57.73
CA PRO C 133 23.35 13.57 56.98
C PRO C 133 23.91 14.73 57.79
N SER C 134 24.95 15.37 57.24
CA SER C 134 25.55 16.55 57.86
C SER C 134 24.86 17.77 57.26
N VAL C 135 23.78 18.19 57.92
CA VAL C 135 22.93 19.25 57.38
C VAL C 135 23.61 20.60 57.56
N PHE C 136 23.69 21.37 56.48
CA PHE C 136 24.28 22.69 56.48
C PHE C 136 23.25 23.73 56.05
N PRO C 137 23.06 24.77 56.84
CA PRO C 137 22.02 25.77 56.54
C PRO C 137 22.34 26.59 55.30
N LEU C 138 21.27 27.10 54.68
CA LEU C 138 21.37 28.10 53.60
C LEU C 138 20.41 29.23 53.95
N ALA C 139 20.89 30.17 54.76
CA ALA C 139 20.07 31.31 55.11
C ALA C 139 20.15 32.38 54.02
N PRO C 140 19.10 33.21 53.88
CA PRO C 140 19.17 34.32 52.93
C PRO C 140 20.27 35.30 53.30
N SER C 141 20.68 36.08 52.31
CA SER C 141 21.76 37.05 52.51
C SER C 141 21.36 38.09 53.55
N SER C 142 22.38 38.74 54.12
CA SER C 142 22.14 39.77 55.12
C SER C 142 21.31 40.91 54.55
N LYS C 143 21.63 41.34 53.33
CA LYS C 143 20.81 42.32 52.63
C LYS C 143 19.47 41.69 52.28
N SER C 144 18.39 42.47 52.42
CA SER C 144 17.05 41.96 52.21
C SER C 144 16.79 41.84 50.71
N THR C 145 17.35 40.79 50.12
CA THR C 145 17.18 40.53 48.69
C THR C 145 15.78 39.99 48.40
N THR C 149 10.93 38.54 47.41
CA THR C 149 10.88 37.10 47.55
C THR C 149 12.28 36.50 47.56
N ALA C 150 12.61 35.80 48.63
CA ALA C 150 13.91 35.16 48.79
C ALA C 150 13.73 33.64 48.89
N ALA C 151 14.85 32.93 48.98
CA ALA C 151 14.84 31.48 49.11
C ALA C 151 15.78 31.06 50.23
N LEU C 152 15.43 29.96 50.89
CA LEU C 152 16.23 29.42 51.98
C LEU C 152 16.00 27.91 52.05
N GLY C 153 16.96 27.21 52.63
CA GLY C 153 16.85 25.77 52.76
C GLY C 153 17.96 25.20 53.62
N CYS C 154 18.00 23.88 53.68
CA CYS C 154 19.02 23.15 54.43
C CYS C 154 19.66 22.10 53.53
N LEU C 155 20.99 22.10 53.51
CA LEU C 155 21.78 21.25 52.62
C LEU C 155 22.04 19.92 53.31
N VAL C 156 21.39 18.86 52.82
CA VAL C 156 21.62 17.51 53.31
C VAL C 156 22.88 17.00 52.60
N LYS C 157 24.03 17.17 53.23
CA LYS C 157 25.32 16.86 52.63
C LYS C 157 25.99 15.71 53.38
N ASP C 158 26.78 14.93 52.65
CA ASP C 158 27.55 13.82 53.20
C ASP C 158 26.64 12.79 53.88
N TYR C 159 25.70 12.26 53.09
CA TYR C 159 24.73 11.29 53.66
C TYR C 159 24.70 10.05 52.76
N PHE C 160 24.45 8.89 53.35
CA PHE C 160 24.38 7.63 52.58
C PHE C 160 23.26 6.76 53.14
N PRO C 161 22.47 6.06 52.30
CA PRO C 161 22.55 6.18 50.85
C PRO C 161 21.67 7.34 50.38
N GLU C 162 20.39 7.07 50.11
CA GLU C 162 19.45 8.17 49.75
C GLU C 162 18.12 7.97 50.50
N PRO C 163 18.09 7.76 51.83
CA PRO C 163 16.84 7.52 52.54
C PRO C 163 16.41 8.74 53.34
N VAL C 164 16.94 9.91 52.99
CA VAL C 164 16.63 11.15 53.76
C VAL C 164 15.22 11.60 53.40
N THR C 165 14.39 11.88 54.41
CA THR C 165 13.03 12.42 54.13
C THR C 165 13.02 13.83 54.72
N VAL C 166 13.23 14.85 53.89
CA VAL C 166 13.36 16.23 54.46
C VAL C 166 12.08 17.04 54.27
N SER C 167 11.22 17.05 55.29
CA SER C 167 10.03 17.91 55.26
C SER C 167 10.41 19.28 55.82
N TRP C 168 9.42 20.17 55.88
CA TRP C 168 9.61 21.51 56.44
C TRP C 168 8.43 21.84 57.33
N ASN C 169 8.72 22.07 58.62
CA ASN C 169 7.70 22.40 59.61
C ASN C 169 6.59 21.36 59.64
N SER C 170 6.99 20.09 59.48
CA SER C 170 6.04 18.97 59.40
C SER C 170 5.01 19.20 58.30
N GLY C 171 5.46 19.76 57.17
CA GLY C 171 4.57 20.04 56.06
C GLY C 171 3.59 21.15 56.32
N ALA C 172 4.10 22.36 56.51
CA ALA C 172 3.27 23.54 56.77
C ALA C 172 3.36 24.58 55.67
N LEU C 173 4.57 24.87 55.17
CA LEU C 173 4.79 25.85 54.13
C LEU C 173 5.05 25.19 52.77
N THR C 174 4.31 24.13 52.47
CA THR C 174 4.54 23.36 51.24
C THR C 174 4.36 24.21 49.99
N SER C 175 3.66 25.34 50.10
CA SER C 175 3.51 26.26 48.97
C SER C 175 4.86 26.90 48.69
N GLY C 176 5.49 26.50 47.59
CA GLY C 176 6.80 27.03 47.23
C GLY C 176 7.95 26.21 47.75
N VAL C 177 7.94 24.92 47.49
CA VAL C 177 8.98 24.00 47.94
C VAL C 177 9.63 23.37 46.70
N HIS C 178 10.95 23.44 46.62
CA HIS C 178 11.71 22.81 45.55
C HIS C 178 12.70 21.83 46.19
N THR C 179 12.66 20.58 45.76
CA THR C 179 13.53 19.53 46.28
C THR C 179 14.26 18.90 45.09
N PHE C 180 15.51 19.28 44.91
CA PHE C 180 16.28 18.79 43.77
C PHE C 180 16.65 17.33 43.96
N PRO C 181 16.66 16.54 42.89
CA PRO C 181 17.08 15.13 43.00
C PRO C 181 18.55 15.04 43.41
N ALA C 182 18.88 13.96 44.12
CA ALA C 182 20.25 13.74 44.53
C ALA C 182 21.15 13.48 43.34
N VAL C 183 22.33 14.11 43.34
CA VAL C 183 23.32 13.94 42.30
C VAL C 183 24.61 13.44 42.95
N LEU C 184 25.20 12.40 42.37
CA LEU C 184 26.45 11.86 42.90
C LEU C 184 27.58 12.86 42.70
N GLN C 185 28.24 13.21 43.81
CA GLN C 185 29.36 14.15 43.77
C GLN C 185 30.58 13.47 43.15
N SER C 186 31.63 14.27 42.91
CA SER C 186 32.87 13.74 42.40
C SER C 186 33.61 12.88 43.42
N SER C 187 33.18 12.89 44.68
CA SER C 187 33.80 12.10 45.74
C SER C 187 33.07 10.78 45.97
N GLY C 188 32.16 10.42 45.07
CA GLY C 188 31.41 9.18 45.20
C GLY C 188 30.48 9.14 46.40
N LEU C 189 29.77 10.24 46.63
CA LEU C 189 28.80 10.29 47.74
C LEU C 189 27.70 11.29 47.41
N TYR C 190 26.44 10.86 47.59
CA TYR C 190 25.30 11.67 47.21
C TYR C 190 25.06 12.80 48.20
N SER C 191 24.82 14.00 47.66
CA SER C 191 24.41 15.15 48.45
C SER C 191 23.14 15.71 47.83
N LEU C 192 22.12 15.92 48.66
CA LEU C 192 20.82 16.39 48.18
C LEU C 192 20.52 17.75 48.79
N SER C 193 19.76 18.55 48.05
CA SER C 193 19.39 19.90 48.47
C SER C 193 17.88 20.05 48.41
N SER C 194 17.31 20.65 49.45
CA SER C 194 15.89 20.98 49.51
C SER C 194 15.75 22.38 50.08
N VAL C 195 15.03 23.24 49.36
CA VAL C 195 14.90 24.65 49.73
C VAL C 195 13.43 25.05 49.67
N VAL C 196 13.12 26.16 50.33
CA VAL C 196 11.77 26.72 50.36
C VAL C 196 11.86 28.21 50.07
N THR C 197 10.72 28.81 49.72
CA THR C 197 10.65 30.22 49.39
C THR C 197 9.67 30.93 50.33
N VAL C 198 10.03 32.13 50.74
CA VAL C 198 9.20 32.91 51.66
C VAL C 198 9.00 34.31 51.08
N PRO C 199 7.89 34.96 51.43
CA PRO C 199 7.66 36.32 50.92
C PRO C 199 8.62 37.32 51.54
N SER C 200 8.58 38.55 51.02
CA SER C 200 9.47 39.60 51.50
C SER C 200 8.96 40.25 52.79
N SER C 201 7.66 40.53 52.87
CA SER C 201 7.08 41.18 54.05
C SER C 201 7.03 40.27 55.27
N SER C 202 7.26 38.97 55.09
CA SER C 202 7.22 38.03 56.21
C SER C 202 8.51 37.21 56.28
N LEU C 203 9.65 37.88 56.14
CA LEU C 203 10.94 37.19 56.14
C LEU C 203 11.33 36.70 57.54
N GLY C 204 11.48 37.63 58.49
CA GLY C 204 11.80 37.26 59.85
C GLY C 204 10.60 37.27 60.78
N THR C 205 9.60 36.46 60.48
CA THR C 205 8.39 36.42 61.30
C THR C 205 7.99 34.99 61.65
N GLN C 206 8.44 34.02 60.85
CA GLN C 206 8.06 32.63 61.00
C GLN C 206 9.24 31.81 61.52
N THR C 207 9.00 30.51 61.71
CA THR C 207 10.02 29.57 62.16
C THR C 207 10.08 28.45 61.13
N TYR C 208 11.27 28.23 60.57
CA TYR C 208 11.46 27.23 59.52
C TYR C 208 12.46 26.18 59.99
N ILE C 209 11.96 24.97 60.27
CA ILE C 209 12.78 23.84 60.62
C ILE C 209 12.53 22.73 59.60
N CYS C 210 13.61 22.16 59.07
CA CYS C 210 13.52 21.07 58.11
C CYS C 210 13.78 19.74 58.81
N ASN C 211 12.79 18.85 58.74
CA ASN C 211 12.84 17.56 59.42
C ASN C 211 13.40 16.51 58.48
N VAL C 212 14.67 16.14 58.71
CA VAL C 212 15.34 15.11 57.92
C VAL C 212 15.05 13.76 58.56
N ASN C 213 14.12 13.02 57.97
CA ASN C 213 13.71 11.71 58.49
C ASN C 213 14.49 10.63 57.72
N HIS C 214 15.81 10.62 57.92
CA HIS C 214 16.68 9.64 57.26
C HIS C 214 16.66 8.38 58.13
N LYS C 215 15.75 7.47 57.80
CA LYS C 215 15.54 6.27 58.63
C LYS C 215 16.78 5.40 58.76
N PRO C 216 17.56 5.11 57.72
CA PRO C 216 18.72 4.22 57.89
C PRO C 216 19.71 4.67 58.95
N SER C 217 19.87 5.97 59.20
CA SER C 217 20.72 6.45 60.26
C SER C 217 19.95 7.05 61.42
N ASN C 218 18.66 7.32 61.24
CA ASN C 218 17.79 7.86 62.28
C ASN C 218 18.32 9.21 62.79
N THR C 219 18.95 9.95 61.88
CA THR C 219 19.42 11.29 62.16
C THR C 219 18.34 12.27 61.75
N LYS C 220 17.89 13.08 62.71
CA LYS C 220 16.75 13.98 62.52
C LYS C 220 17.10 15.38 62.99
N VAL C 221 18.25 15.89 62.55
CA VAL C 221 18.65 17.25 62.89
C VAL C 221 17.71 18.25 62.22
N ASP C 222 16.87 18.89 63.02
CA ASP C 222 15.90 19.87 62.52
C ASP C 222 16.48 21.27 62.68
N LYS C 223 17.42 21.59 61.79
CA LYS C 223 18.12 22.87 61.86
C LYS C 223 17.18 24.01 61.51
N LYS C 224 16.99 24.92 62.45
CA LYS C 224 16.17 26.11 62.25
C LYS C 224 16.96 27.13 61.44
N VAL C 225 16.36 27.62 60.36
CA VAL C 225 16.96 28.62 59.50
C VAL C 225 16.02 29.81 59.43
N GLU C 226 16.55 31.01 59.71
CA GLU C 226 15.77 32.24 59.62
C GLU C 226 16.54 33.29 58.84
N PRO C 227 15.86 34.05 57.97
CA PRO C 227 16.56 35.09 57.21
C PRO C 227 17.18 36.14 58.13
N LYS C 228 18.36 36.61 57.72
CA LYS C 228 19.09 37.60 58.50
C LYS C 228 18.80 39.01 58.00
N GLU D 1 22.53 -7.79 15.23
CA GLU D 1 22.81 -6.62 16.06
C GLU D 1 22.34 -5.34 15.38
N ILE D 2 21.08 -5.34 14.94
CA ILE D 2 20.51 -4.16 14.31
C ILE D 2 20.37 -3.05 15.34
N VAL D 3 20.79 -1.84 14.98
CA VAL D 3 20.71 -0.68 15.85
C VAL D 3 19.45 0.09 15.48
N LEU D 4 18.68 0.49 16.51
CA LEU D 4 17.41 1.16 16.29
C LEU D 4 17.54 2.68 16.30
N THR D 5 18.49 3.24 17.05
CA THR D 5 18.80 4.67 17.04
C THR D 5 17.55 5.54 17.06
N GLN D 6 16.76 5.42 18.12
CA GLN D 6 15.49 6.14 18.19
C GLN D 6 15.72 7.65 18.12
N SER D 7 14.88 8.31 17.32
CA SER D 7 14.95 9.75 17.15
C SER D 7 13.53 10.31 17.25
N PRO D 8 13.36 11.54 17.74
CA PRO D 8 14.38 12.47 18.25
C PRO D 8 14.71 12.20 19.71
N GLY D 9 15.31 13.16 20.40
CA GLY D 9 15.69 12.97 21.78
C GLY D 9 14.58 13.27 22.76
N THR D 10 13.98 14.45 22.65
CA THR D 10 12.90 14.86 23.55
C THR D 10 11.74 15.35 22.70
N LEU D 11 10.61 15.64 23.34
CA LEU D 11 9.43 16.10 22.63
C LEU D 11 8.53 16.92 23.54
N SER D 12 8.55 18.25 23.39
CA SER D 12 7.68 19.13 24.15
C SER D 12 6.55 19.62 23.26
N LEU D 13 5.31 19.40 23.71
CA LEU D 13 4.14 19.74 22.92
C LEU D 13 3.08 20.33 23.83
N SER D 14 1.93 20.66 23.24
CA SER D 14 0.84 21.35 23.90
C SER D 14 -0.34 20.42 24.13
N PRO D 15 -1.22 20.74 25.08
CA PRO D 15 -2.36 19.85 25.37
C PRO D 15 -3.42 19.86 24.28
N GLY D 16 -3.24 19.05 23.24
CA GLY D 16 -4.23 18.97 22.19
C GLY D 16 -3.66 18.75 20.80
N GLU D 17 -2.33 18.79 20.67
CA GLU D 17 -1.69 18.59 19.39
C GLU D 17 -1.56 17.10 19.07
N ARG D 18 -0.84 16.81 17.99
CA ARG D 18 -0.61 15.44 17.54
C ARG D 18 0.83 15.04 17.84
N ALA D 19 1.02 13.83 18.35
CA ALA D 19 2.34 13.33 18.71
C ALA D 19 2.76 12.22 17.76
N THR D 20 4.05 12.20 17.42
CA THR D 20 4.60 11.24 16.48
C THR D 20 6.03 10.92 16.89
N LEU D 21 6.36 9.63 16.93
CA LEU D 21 7.69 9.17 17.29
C LEU D 21 8.19 8.20 16.22
N SER D 22 9.51 8.14 16.06
CA SER D 22 10.12 7.34 14.99
C SER D 22 11.18 6.41 15.56
N CYS D 23 11.37 5.28 14.88
CA CYS D 23 12.37 4.28 15.23
C CYS D 23 12.86 3.63 13.94
N ARG D 24 14.08 3.94 13.53
CA ARG D 24 14.60 3.58 12.22
C ARG D 24 15.75 2.59 12.37
N ALA D 25 15.61 1.44 11.71
CA ALA D 25 16.57 0.35 11.84
C ALA D 25 17.60 0.41 10.72
N SER D 26 18.74 -0.26 10.93
CA SER D 26 19.78 -0.29 9.91
C SER D 26 19.45 -1.30 8.82
N GLN D 27 19.33 -2.57 9.19
CA GLN D 27 18.97 -3.62 8.24
C GLN D 27 17.45 -3.67 8.08
N THR D 28 16.96 -4.71 7.40
CA THR D 28 15.53 -4.89 7.22
C THR D 28 14.97 -5.70 8.39
N VAL D 29 13.91 -5.19 9.00
CA VAL D 29 13.28 -5.82 10.16
C VAL D 29 11.85 -6.18 9.81
N SER D 30 11.47 -7.42 10.10
CA SER D 30 10.11 -7.87 9.84
C SER D 30 9.11 -7.10 10.69
N SER D 31 7.96 -6.79 10.09
CA SER D 31 6.93 -6.01 10.77
C SER D 31 6.26 -6.75 11.90
N THR D 32 6.49 -8.06 12.03
CA THR D 32 5.88 -8.86 13.06
C THR D 32 6.63 -8.80 14.39
N SER D 33 7.75 -8.09 14.44
CA SER D 33 8.65 -8.16 15.60
C SER D 33 9.05 -6.77 16.05
N LEU D 34 8.09 -5.86 16.19
CA LEU D 34 8.36 -4.53 16.71
C LEU D 34 7.20 -4.05 17.57
N ALA D 35 7.54 -3.43 18.71
CA ALA D 35 6.54 -2.99 19.67
C ALA D 35 6.95 -1.63 20.23
N TRP D 36 6.02 -1.02 20.97
CA TRP D 36 6.21 0.29 21.57
C TRP D 36 5.80 0.25 23.04
N TYR D 37 6.33 1.20 23.82
CA TYR D 37 6.05 1.31 25.24
C TYR D 37 5.88 2.78 25.62
N GLN D 38 5.18 2.99 26.74
CA GLN D 38 4.95 4.34 27.27
C GLN D 38 5.21 4.31 28.77
N GLN D 39 6.20 5.08 29.22
CA GLN D 39 6.62 5.09 30.61
C GLN D 39 6.30 6.44 31.24
N LYS D 40 5.30 6.46 32.11
CA LYS D 40 5.02 7.64 32.90
C LYS D 40 6.14 7.89 33.91
N PRO D 41 6.44 9.15 34.21
CA PRO D 41 7.53 9.45 35.13
C PRO D 41 7.32 8.80 36.50
N GLY D 42 8.32 8.05 36.94
CA GLY D 42 8.24 7.33 38.20
C GLY D 42 7.57 5.98 38.13
N GLN D 43 7.04 5.60 36.97
CA GLN D 43 6.36 4.33 36.80
C GLN D 43 7.09 3.49 35.74
N ALA D 44 6.52 2.32 35.45
CA ALA D 44 7.05 1.42 34.45
C ALA D 44 6.40 1.68 33.10
N PRO D 45 7.10 1.36 32.01
CA PRO D 45 6.49 1.49 30.68
C PRO D 45 5.34 0.52 30.52
N ARG D 46 4.45 0.85 29.59
CA ARG D 46 3.33 -0.03 29.28
C ARG D 46 3.16 -0.11 27.77
N LEU D 47 2.87 -1.31 27.28
CA LEU D 47 2.80 -1.56 25.85
C LEU D 47 1.66 -0.77 25.21
N LEU D 48 1.94 -0.14 24.07
CA LEU D 48 0.92 0.57 23.31
C LEU D 48 0.63 -0.14 21.99
N ILE D 49 1.66 -0.42 21.19
CA ILE D 49 1.51 -1.07 19.89
C ILE D 49 2.35 -2.33 19.91
N TYR D 50 1.74 -3.46 19.52
CA TYR D 50 2.47 -4.71 19.34
C TYR D 50 2.18 -5.25 17.95
N GLY D 51 3.19 -5.85 17.34
CA GLY D 51 3.08 -6.25 15.96
C GLY D 51 3.12 -5.10 14.97
N ALA D 52 3.46 -3.90 15.44
CA ALA D 52 3.62 -2.70 14.63
C ALA D 52 2.30 -2.16 14.10
N SER D 53 1.21 -2.88 14.32
CA SER D 53 -0.09 -2.39 13.90
C SER D 53 -1.16 -2.49 15.00
N SER D 54 -1.13 -3.56 15.79
CA SER D 54 -2.20 -3.79 16.76
C SER D 54 -2.09 -2.83 17.94
N ARG D 55 -3.22 -2.59 18.58
CA ARG D 55 -3.29 -1.78 19.79
C ARG D 55 -3.48 -2.68 21.00
N ALA D 56 -2.76 -2.35 22.08
CA ALA D 56 -2.78 -3.20 23.26
C ALA D 56 -4.12 -3.08 23.99
N THR D 57 -4.26 -3.88 25.06
CA THR D 57 -5.51 -3.92 25.81
C THR D 57 -5.66 -2.66 26.66
N GLY D 58 -6.83 -2.03 26.59
CA GLY D 58 -7.10 -0.84 27.37
C GLY D 58 -6.52 0.43 26.81
N ILE D 59 -5.95 0.40 25.61
CA ILE D 59 -5.33 1.57 25.01
C ILE D 59 -6.37 2.36 24.24
N PRO D 60 -6.55 3.65 24.54
CA PRO D 60 -7.57 4.44 23.84
C PRO D 60 -7.28 4.59 22.36
N ASP D 61 -8.27 5.10 21.64
CA ASP D 61 -8.25 5.11 20.18
C ASP D 61 -7.23 6.09 19.61
N ARG D 62 -6.71 7.02 20.40
CA ARG D 62 -5.80 8.02 19.86
C ARG D 62 -4.39 7.47 19.62
N PHE D 63 -4.11 6.23 20.04
CA PHE D 63 -2.80 5.63 19.84
C PHE D 63 -2.81 4.71 18.63
N SER D 64 -1.77 4.81 17.82
CA SER D 64 -1.66 4.00 16.61
C SER D 64 -0.18 3.78 16.29
N GLY D 65 0.07 2.74 15.50
CA GLY D 65 1.43 2.41 15.10
C GLY D 65 1.47 1.87 13.68
N SER D 66 2.64 1.97 13.07
CA SER D 66 2.85 1.49 11.70
C SER D 66 4.35 1.35 11.47
N GLY D 67 4.70 0.96 10.25
CA GLY D 67 6.09 0.82 9.85
C GLY D 67 6.43 -0.61 9.49
N SER D 68 7.43 -0.73 8.62
CA SER D 68 7.88 -2.04 8.13
C SER D 68 9.24 -1.87 7.46
N GLY D 69 10.07 -2.89 7.61
CA GLY D 69 11.36 -2.94 6.94
C GLY D 69 12.48 -2.18 7.63
N THR D 70 12.48 -0.86 7.50
CA THR D 70 13.55 -0.04 8.07
C THR D 70 13.06 1.19 8.81
N ASP D 71 11.78 1.52 8.75
CA ASP D 71 11.25 2.73 9.37
C ASP D 71 9.93 2.39 10.07
N PHE D 72 9.80 2.81 11.32
CA PHE D 72 8.60 2.55 12.11
C PHE D 72 8.19 3.84 12.83
N THR D 73 6.89 3.95 13.11
CA THR D 73 6.31 5.19 13.62
C THR D 73 5.23 4.89 14.64
N LEU D 74 5.16 5.70 15.69
CA LEU D 74 4.07 5.70 16.64
C LEU D 74 3.31 7.01 16.51
N THR D 75 1.98 6.95 16.62
CA THR D 75 1.13 8.11 16.39
C THR D 75 0.16 8.29 17.56
N ILE D 76 0.09 9.52 18.07
CA ILE D 76 -0.90 9.92 19.06
C ILE D 76 -1.63 11.14 18.52
N SER D 77 -2.97 11.09 18.55
CA SER D 77 -3.77 12.13 17.91
C SER D 77 -4.10 13.29 18.84
N ARG D 78 -4.62 13.00 20.04
CA ARG D 78 -4.95 14.03 21.01
C ARG D 78 -3.95 13.96 22.16
N LEU D 79 -3.57 15.13 22.68
CA LEU D 79 -2.57 15.22 23.74
C LEU D 79 -3.23 15.67 25.04
N GLU D 80 -3.72 14.70 25.79
CA GLU D 80 -4.18 14.95 27.14
C GLU D 80 -2.99 15.07 28.08
N PRO D 81 -3.16 15.68 29.26
CA PRO D 81 -2.02 15.82 30.18
C PRO D 81 -1.37 14.50 30.58
N GLU D 82 -2.13 13.40 30.60
CA GLU D 82 -1.52 12.11 30.91
C GLU D 82 -0.73 11.54 29.74
N ASP D 83 -0.80 12.16 28.56
CA ASP D 83 -0.06 11.71 27.39
C ASP D 83 1.35 12.29 27.31
N PHE D 84 1.91 12.70 28.45
CA PHE D 84 3.28 13.21 28.51
C PHE D 84 4.09 12.25 29.36
N ALA D 85 4.82 11.35 28.70
CA ALA D 85 5.53 10.27 29.38
C ALA D 85 6.79 9.96 28.60
N VAL D 86 7.39 8.79 28.86
CA VAL D 86 8.60 8.34 28.19
C VAL D 86 8.24 7.15 27.32
N TYR D 87 8.80 7.10 26.12
CA TYR D 87 8.45 6.08 25.13
C TYR D 87 9.71 5.40 24.61
N TYR D 88 9.58 4.16 24.16
CA TYR D 88 10.69 3.38 23.62
C TYR D 88 10.18 2.50 22.48
N CYS D 89 11.12 1.99 21.68
CA CYS D 89 10.82 1.04 20.62
C CYS D 89 11.66 -0.21 20.80
N GLN D 90 11.13 -1.35 20.32
CA GLN D 90 11.74 -2.65 20.51
C GLN D 90 11.69 -3.44 19.21
N GLN D 91 12.68 -4.30 19.00
CA GLN D 91 12.69 -5.24 17.89
C GLN D 91 13.21 -6.59 18.37
N HIS D 92 12.66 -7.66 17.79
CA HIS D 92 13.15 -9.01 18.05
C HIS D 92 13.18 -9.84 16.77
N ASP D 93 13.38 -9.19 15.63
CA ASP D 93 13.56 -9.94 14.38
C ASP D 93 14.83 -10.77 14.42
N THR D 94 15.95 -10.15 14.81
CA THR D 94 17.23 -10.83 14.99
C THR D 94 17.83 -10.26 16.27
N SER D 95 17.72 -11.02 17.35
CA SER D 95 18.09 -10.59 18.70
C SER D 95 17.22 -9.43 19.16
N LEU D 96 17.16 -9.20 20.47
CA LEU D 96 16.25 -8.23 21.05
C LEU D 96 17.05 -6.99 21.42
N THR D 97 16.71 -5.86 20.82
CA THR D 97 17.34 -4.58 21.11
C THR D 97 16.30 -3.50 21.24
N PHE D 98 16.58 -2.52 22.07
CA PHE D 98 15.69 -1.40 22.33
C PHE D 98 16.16 -0.15 21.59
N GLY D 99 15.33 0.90 21.68
CA GLY D 99 15.70 2.20 21.17
C GLY D 99 16.33 3.08 22.23
N GLY D 100 16.67 4.30 21.82
CA GLY D 100 17.29 5.24 22.75
C GLY D 100 16.31 5.88 23.71
N GLY D 101 15.04 5.89 23.36
CA GLY D 101 14.04 6.54 24.19
C GLY D 101 13.75 7.95 23.73
N THR D 102 12.53 8.41 24.01
CA THR D 102 12.07 9.73 23.61
C THR D 102 11.16 10.29 24.70
N LYS D 103 11.71 11.17 25.54
CA LYS D 103 10.91 11.83 26.56
C LYS D 103 9.90 12.78 25.92
N VAL D 104 8.71 12.84 26.50
CA VAL D 104 7.64 13.72 26.05
C VAL D 104 7.37 14.72 27.18
N GLU D 105 7.71 15.98 26.95
CA GLU D 105 7.52 17.05 27.91
C GLU D 105 6.37 17.95 27.47
N ILE D 106 6.04 18.92 28.31
CA ILE D 106 4.92 19.84 28.06
C ILE D 106 5.47 21.18 27.59
N LYS D 107 5.01 21.63 26.44
CA LYS D 107 5.40 22.93 25.90
C LYS D 107 4.54 24.03 26.52
N ARG D 108 5.20 25.07 27.03
CA ARG D 108 4.50 26.21 27.62
C ARG D 108 5.21 27.48 27.18
N THR D 109 4.82 28.60 27.79
CA THR D 109 5.43 29.88 27.49
C THR D 109 6.85 29.96 28.06
N VAL D 110 7.63 30.89 27.53
CA VAL D 110 9.02 31.06 27.93
C VAL D 110 9.05 31.77 29.29
N ALA D 111 9.54 31.07 30.30
CA ALA D 111 9.64 31.62 31.65
C ALA D 111 11.09 31.97 31.96
N ALA D 112 11.25 33.02 32.77
CA ALA D 112 12.58 33.51 33.15
C ALA D 112 12.86 33.18 34.60
N PRO D 113 14.12 32.85 34.92
CA PRO D 113 14.47 32.51 36.30
C PRO D 113 14.50 33.75 37.18
N SER D 114 14.70 33.50 38.47
CA SER D 114 14.81 34.55 39.48
C SER D 114 16.11 34.37 40.26
N VAL D 115 17.23 34.32 39.53
CA VAL D 115 18.53 33.89 40.01
C VAL D 115 18.86 34.47 41.39
N PHE D 116 19.34 33.62 42.29
CA PHE D 116 19.77 33.98 43.63
C PHE D 116 21.25 33.61 43.79
N ILE D 117 21.75 33.79 45.02
CA ILE D 117 23.11 33.37 45.38
C ILE D 117 23.16 33.23 46.90
N PHE D 118 24.02 32.32 47.36
CA PHE D 118 24.10 32.03 48.79
C PHE D 118 25.54 31.72 49.21
N PRO D 119 26.12 32.53 50.09
CA PRO D 119 27.45 32.23 50.59
C PRO D 119 27.43 30.98 51.45
N PRO D 120 28.57 30.30 51.59
CA PRO D 120 28.59 29.09 52.42
C PRO D 120 28.27 29.42 53.88
N SER D 121 27.64 28.47 54.56
CA SER D 121 27.24 28.67 55.94
C SER D 121 28.44 28.70 56.85
N ASP D 122 28.34 29.48 57.94
CA ASP D 122 29.41 29.50 58.94
C ASP D 122 29.56 28.15 59.63
N GLU D 123 28.44 27.46 59.86
CA GLU D 123 28.51 26.11 60.42
C GLU D 123 29.20 25.15 59.45
N GLN D 124 29.05 25.38 58.15
CA GLN D 124 29.78 24.58 57.16
C GLN D 124 31.28 24.78 57.31
N LEU D 125 31.73 26.02 57.53
CA LEU D 125 33.15 26.27 57.80
C LEU D 125 33.61 25.61 59.08
N LYS D 126 32.70 25.29 60.00
CA LYS D 126 33.02 24.56 61.21
C LYS D 126 33.21 23.06 60.96
N SER D 127 33.10 22.63 59.70
CA SER D 127 33.32 21.24 59.33
C SER D 127 34.40 21.12 58.27
N GLY D 128 35.18 22.18 58.07
CA GLY D 128 36.25 22.16 57.09
C GLY D 128 35.77 22.06 55.66
N THR D 129 34.68 22.74 55.31
CA THR D 129 34.13 22.70 53.96
C THR D 129 33.37 23.99 53.69
N ALA D 130 33.44 24.44 52.44
CA ALA D 130 32.67 25.60 51.99
C ALA D 130 32.00 25.25 50.67
N SER D 131 30.87 25.92 50.39
CA SER D 131 30.13 25.65 49.17
C SER D 131 29.32 26.89 48.81
N VAL D 132 29.53 27.39 47.60
CA VAL D 132 28.74 28.48 47.05
C VAL D 132 27.79 27.89 46.02
N VAL D 133 26.49 28.04 46.27
CA VAL D 133 25.45 27.45 45.43
C VAL D 133 24.66 28.56 44.77
N CYS D 134 24.45 28.43 43.46
CA CYS D 134 23.71 29.42 42.69
C CYS D 134 22.34 28.87 42.32
N LEU D 135 21.31 29.66 42.62
CA LEU D 135 19.93 29.18 42.57
C LEU D 135 19.17 29.91 41.47
N LEU D 136 18.34 29.16 40.74
CA LEU D 136 17.46 29.71 39.72
C LEU D 136 16.05 29.21 40.00
N ASN D 137 15.09 30.13 40.01
CA ASN D 137 13.70 29.79 40.27
C ASN D 137 13.09 29.31 38.95
N ASN D 138 11.75 29.15 38.91
CA ASN D 138 11.03 28.62 37.76
C ASN D 138 11.44 29.31 36.47
N PHE D 139 11.76 28.51 35.45
CA PHE D 139 12.26 29.02 34.18
C PHE D 139 11.87 28.06 33.07
N TYR D 140 11.82 28.58 31.84
CA TYR D 140 11.50 27.78 30.68
C TYR D 140 12.22 28.35 29.47
N PRO D 141 12.77 27.51 28.59
CA PRO D 141 12.74 26.04 28.60
C PRO D 141 13.83 25.43 29.47
N ARG D 142 14.07 24.12 29.33
CA ARG D 142 15.09 23.46 30.14
C ARG D 142 16.50 23.89 29.73
N GLU D 143 16.71 24.17 28.45
CA GLU D 143 18.05 24.47 27.97
C GLU D 143 18.55 25.79 28.55
N ALA D 144 19.51 25.67 29.48
CA ALA D 144 20.11 26.85 30.11
C ALA D 144 21.59 26.57 30.32
N LYS D 145 22.41 27.60 30.14
CA LYS D 145 23.85 27.49 30.31
C LYS D 145 24.26 28.25 31.57
N VAL D 146 25.07 27.60 32.40
CA VAL D 146 25.56 28.18 33.65
C VAL D 146 27.07 28.07 33.68
N GLN D 147 27.72 29.11 34.21
CA GLN D 147 29.16 29.13 34.37
C GLN D 147 29.51 29.69 35.75
N TRP D 148 30.66 29.24 36.27
CA TRP D 148 31.17 29.70 37.56
C TRP D 148 32.45 30.49 37.32
N LYS D 149 32.48 31.72 37.81
CA LYS D 149 33.66 32.57 37.72
C LYS D 149 34.16 32.86 39.12
N VAL D 150 35.43 32.57 39.37
CA VAL D 150 36.06 32.89 40.65
C VAL D 150 37.02 34.04 40.45
N ASP D 151 36.80 35.14 41.20
CA ASP D 151 37.55 36.37 41.07
C ASP D 151 37.27 37.00 39.71
N ASN D 152 37.92 36.48 38.67
CA ASN D 152 37.63 36.89 37.30
C ASN D 152 37.61 35.74 36.31
N ALA D 153 38.07 34.54 36.67
CA ALA D 153 38.27 33.45 35.73
C ALA D 153 37.36 32.29 36.06
N LEU D 154 37.04 31.49 35.04
CA LEU D 154 36.23 30.30 35.22
C LEU D 154 36.98 29.24 36.02
N GLN D 155 36.21 28.36 36.67
CA GLN D 155 36.76 27.23 37.41
C GLN D 155 36.28 25.93 36.76
N SER D 156 36.90 24.83 37.18
CA SER D 156 36.56 23.52 36.66
C SER D 156 36.56 22.51 37.80
N GLY D 157 35.73 21.48 37.65
CA GLY D 157 35.61 20.42 38.63
C GLY D 157 34.64 20.69 39.76
N ASN D 158 34.55 21.95 40.18
CA ASN D 158 33.66 22.34 41.28
C ASN D 158 32.32 22.79 40.71
N SER D 159 31.61 21.82 40.12
CA SER D 159 30.31 22.09 39.51
C SER D 159 29.50 20.83 39.52
N GLN D 160 28.32 20.87 40.14
CA GLN D 160 27.40 19.74 40.19
C GLN D 160 25.99 20.25 39.90
N GLU D 161 25.52 20.02 38.68
CA GLU D 161 24.21 20.50 38.28
C GLU D 161 23.11 19.60 38.82
N SER D 162 21.90 20.15 38.93
CA SER D 162 20.73 19.41 39.39
C SER D 162 19.49 20.15 38.92
N VAL D 163 18.69 19.48 38.09
CA VAL D 163 17.47 20.05 37.54
C VAL D 163 16.29 19.14 37.86
N THR D 164 15.21 19.72 38.37
CA THR D 164 14.01 18.97 38.66
C THR D 164 13.16 18.81 37.41
N GLU D 165 12.00 18.19 37.58
CA GLU D 165 11.03 17.98 36.51
C GLU D 165 10.11 19.20 36.41
N GLN D 166 9.40 19.29 35.29
CA GLN D 166 8.39 20.34 35.13
C GLN D 166 7.36 20.24 36.24
N ASP D 167 6.99 21.39 36.80
CA ASP D 167 6.05 21.42 37.90
C ASP D 167 4.67 20.94 37.44
N SER D 168 3.92 20.37 38.39
CA SER D 168 2.59 19.85 38.07
C SER D 168 1.66 20.99 37.65
N LYS D 169 1.77 22.14 38.30
CA LYS D 169 0.85 23.24 38.03
C LYS D 169 1.33 24.13 36.91
N ASP D 170 2.51 24.74 37.07
CA ASP D 170 2.99 25.73 36.11
C ASP D 170 3.89 25.16 35.02
N SER D 171 4.28 23.89 35.13
CA SER D 171 5.07 23.20 34.11
C SER D 171 6.39 23.93 33.83
N THR D 172 7.08 24.31 34.91
CA THR D 172 8.37 24.97 34.81
C THR D 172 9.41 24.18 35.58
N TYR D 173 10.66 24.31 35.14
CA TYR D 173 11.77 23.59 35.73
C TYR D 173 12.35 24.36 36.91
N SER D 174 13.41 23.82 37.50
CA SER D 174 14.15 24.48 38.58
C SER D 174 15.59 23.99 38.50
N LEU D 175 16.54 24.91 38.51
CA LEU D 175 17.94 24.59 38.33
C LEU D 175 18.72 24.89 39.61
N SER D 176 19.71 24.04 39.91
CA SER D 176 20.58 24.22 41.07
C SER D 176 22.02 24.06 40.60
N SER D 177 22.77 25.15 40.63
CA SER D 177 24.19 25.15 40.30
C SER D 177 24.98 25.22 41.61
N THR D 178 25.84 24.23 41.85
CA THR D 178 26.56 24.11 43.10
C THR D 178 28.06 24.09 42.83
N LEU D 179 28.80 24.92 43.55
CA LEU D 179 30.25 24.95 43.51
C LEU D 179 30.80 24.65 44.89
N THR D 180 31.76 23.73 44.96
CA THR D 180 32.33 23.29 46.23
C THR D 180 33.82 23.65 46.24
N LEU D 181 34.23 24.40 47.26
CA LEU D 181 35.62 24.79 47.42
C LEU D 181 36.02 24.65 48.88
N SER D 182 37.26 24.24 49.10
CA SER D 182 37.78 24.16 50.46
C SER D 182 37.87 25.56 51.07
N LYS D 183 37.79 25.63 52.40
CA LYS D 183 37.81 26.92 53.07
C LYS D 183 39.11 27.67 52.82
N ALA D 184 40.21 26.94 52.59
CA ALA D 184 41.46 27.60 52.24
C ALA D 184 41.31 28.35 50.92
N ASP D 185 40.77 27.69 49.90
CA ASP D 185 40.48 28.38 48.64
C ASP D 185 39.33 29.37 48.79
N TYR D 186 38.43 29.12 49.74
CA TYR D 186 37.31 30.03 49.96
C TYR D 186 37.79 31.39 50.46
N GLU D 187 38.74 31.39 51.39
CA GLU D 187 39.33 32.64 51.86
C GLU D 187 40.47 33.13 50.97
N LYS D 188 41.02 32.27 50.12
CA LYS D 188 42.04 32.70 49.19
C LYS D 188 41.49 33.67 48.14
N HIS D 189 40.28 33.41 47.66
CA HIS D 189 39.63 34.26 46.67
C HIS D 189 38.52 35.06 47.33
N LYS D 190 38.17 36.18 46.69
CA LYS D 190 37.22 37.12 47.31
C LYS D 190 35.95 37.26 46.49
N VAL D 191 36.08 37.40 45.18
CA VAL D 191 34.95 37.70 44.30
C VAL D 191 34.44 36.40 43.70
N TYR D 192 33.14 36.15 43.85
CA TYR D 192 32.46 34.99 43.29
C TYR D 192 31.38 35.46 42.33
N ALA D 193 31.31 34.84 41.14
CA ALA D 193 30.34 35.20 40.14
C ALA D 193 29.65 33.95 39.58
N CYS D 194 28.32 34.01 39.49
CA CYS D 194 27.53 32.97 38.86
C CYS D 194 27.06 33.46 37.50
N GLU D 195 27.77 33.06 36.45
CA GLU D 195 27.44 33.46 35.08
C GLU D 195 26.42 32.48 34.52
N VAL D 196 25.22 32.98 34.24
CA VAL D 196 24.11 32.18 33.73
C VAL D 196 23.63 32.79 32.42
N THR D 197 23.49 31.96 31.39
CA THR D 197 22.93 32.38 30.11
C THR D 197 21.79 31.43 29.77
N HIS D 198 20.57 31.82 30.14
CA HIS D 198 19.38 31.03 29.87
C HIS D 198 18.72 31.55 28.59
N GLN D 199 18.15 30.61 27.81
CA GLN D 199 17.42 31.00 26.62
C GLN D 199 16.23 31.89 26.97
N GLY D 200 15.67 31.72 28.17
CA GLY D 200 14.61 32.61 28.63
C GLY D 200 15.10 33.98 29.07
N LEU D 201 16.41 34.18 29.17
CA LEU D 201 16.99 35.46 29.51
C LEU D 201 17.53 36.12 28.24
N SER D 202 17.78 37.43 28.32
CA SER D 202 18.27 38.19 27.18
C SER D 202 19.69 38.69 27.37
N SER D 203 20.35 38.35 28.49
CA SER D 203 21.70 38.82 28.77
C SER D 203 22.34 37.86 29.74
N PRO D 204 23.68 37.82 29.80
CA PRO D 204 24.34 36.96 30.80
C PRO D 204 24.16 37.49 32.21
N VAL D 205 22.98 37.28 32.77
CA VAL D 205 22.66 37.80 34.10
C VAL D 205 23.53 37.09 35.14
N THR D 206 24.35 37.87 35.84
CA THR D 206 25.23 37.35 36.88
C THR D 206 24.89 38.05 38.18
N LYS D 207 24.09 37.40 39.02
CA LYS D 207 23.68 37.94 40.31
C LYS D 207 24.50 37.27 41.40
N SER D 208 25.69 37.81 41.66
CA SER D 208 26.56 37.29 42.69
C SER D 208 27.37 38.44 43.30
N PHE D 209 27.82 38.23 44.53
CA PHE D 209 28.55 39.25 45.25
C PHE D 209 29.65 38.61 46.08
N ASN D 210 30.67 39.40 46.39
CA ASN D 210 31.88 38.93 47.05
C ASN D 210 31.66 38.81 48.56
N ARG D 211 32.68 38.29 49.24
CA ARG D 211 32.59 38.10 50.68
C ARG D 211 32.45 39.44 51.39
N GLY D 212 31.53 39.49 52.36
CA GLY D 212 31.28 40.70 53.11
C GLY D 212 30.03 40.63 53.97
C1 NAG E . 7.73 9.30 -5.12
C2 NAG E . 7.23 9.17 -3.69
C3 NAG E . 7.89 10.28 -2.87
C4 NAG E . 9.41 10.19 -3.00
C5 NAG E . 9.80 10.27 -4.47
C6 NAG E . 11.28 10.11 -4.72
C7 NAG E . 4.87 8.50 -4.09
C8 NAG E . 3.47 9.02 -4.03
N2 NAG E . 5.80 9.27 -3.51
O3 NAG E . 7.46 10.15 -1.52
O4 NAG E . 10.04 11.25 -2.29
O5 NAG E . 9.15 9.22 -5.22
O6 NAG E . 12.02 11.17 -4.10
O7 NAG E . 5.15 7.45 -4.63
C1 NAG E . 10.42 11.10 -0.94
C2 NAG E . 11.91 11.01 -0.66
C3 NAG E . 12.09 10.55 0.79
C4 NAG E . 11.34 11.46 1.74
C5 NAG E . 9.87 11.53 1.33
C6 NAG E . 9.07 12.51 2.16
C7 NAG E . 13.88 10.05 -1.83
C8 NAG E . 14.62 11.35 -1.80
N2 NAG E . 12.56 10.13 -1.60
O3 NAG E . 13.47 10.49 1.13
O4 NAG E . 11.42 10.94 3.05
O5 NAG E . 9.74 11.95 -0.03
O6 NAG E . 7.70 12.53 1.76
O7 NAG E . 14.43 8.98 -2.06
C1 BMA E . 12.32 11.48 3.98
C2 BMA E . 12.41 10.49 5.12
C3 BMA E . 13.44 10.93 6.13
C4 BMA E . 14.78 11.16 5.45
C5 BMA E . 14.62 12.13 4.28
C6 BMA E . 15.87 12.29 3.46
O2 BMA E . 12.72 9.18 4.62
O3 BMA E . 13.56 9.93 7.14
O4 BMA E . 15.75 11.70 6.35
O5 BMA E . 13.60 11.66 3.38
O6 BMA E . 15.66 13.13 2.33
C1 MAN E . 13.87 10.38 8.42
C2 MAN E . 14.15 9.19 9.31
C3 MAN E . 12.90 8.35 9.49
C4 MAN E . 11.77 9.22 10.03
C5 MAN E . 11.55 10.41 9.12
C6 MAN E . 10.52 11.39 9.65
O2 MAN E . 14.66 9.63 10.56
O3 MAN E . 13.16 7.28 10.39
O4 MAN E . 10.57 8.46 10.11
O5 MAN E . 12.78 11.15 8.95
O6 MAN E . 10.43 12.54 8.82
C1 NAG F . -6.44 -31.21 -22.47
C2 NAG F . -6.58 -32.57 -21.80
C3 NAG F . -7.46 -32.43 -20.56
C4 NAG F . -6.88 -31.38 -19.63
C5 NAG F . -6.72 -30.06 -20.39
C6 NAG F . -6.07 -28.98 -19.57
C7 NAG F . -6.40 -34.53 -23.24
C8 NAG F . -7.15 -35.57 -24.00
N2 NAG F . -7.12 -33.55 -22.72
O3 NAG F . -7.54 -33.70 -19.94
O4 NAG F . -7.74 -31.08 -18.53
O5 NAG F . -5.92 -30.25 -21.55
O6 NAG F . -6.04 -27.74 -20.27
O7 NAG F . -5.18 -34.58 -23.10
C1 NAG F . -7.98 -31.81 -17.37
C2 NAG F . -8.42 -30.80 -16.32
C3 NAG F . -8.87 -31.53 -15.06
C4 NAG F . -10.00 -32.51 -15.41
C5 NAG F . -9.50 -33.45 -16.48
C6 NAG F . -10.57 -34.40 -16.97
C7 NAG F . -7.43 -28.58 -16.34
C8 NAG F . -6.27 -27.74 -15.91
N2 NAG F . -7.37 -29.87 -16.00
O3 NAG F . -9.30 -30.55 -14.11
O4 NAG F . -10.38 -33.29 -14.28
O5 NAG F . -9.04 -32.72 -17.64
O6 NAG F . -10.08 -35.22 -18.03
O7 NAG F . -8.38 -28.12 -16.95
C1 BMA F . -11.30 -32.84 -13.34
C2 BMA F . -11.70 -34.02 -12.49
C3 BMA F . -12.69 -33.59 -11.43
C4 BMA F . -12.10 -32.46 -10.60
C5 BMA F . -11.68 -31.32 -11.52
C6 BMA F . -10.97 -30.21 -10.77
O2 BMA F . -10.55 -34.61 -11.91
O3 BMA F . -12.99 -34.71 -10.58
O4 BMA F . -13.05 -31.99 -9.66
O5 BMA F . -10.78 -31.80 -12.52
O6 BMA F . -9.80 -30.70 -10.12
C1 NAG G . -20.94 -5.05 -1.31
C2 NAG G . -21.96 -4.01 -0.84
C3 NAG G . -22.13 -4.11 0.67
C4 NAG G . -22.57 -5.52 1.03
C5 NAG G . -21.53 -6.50 0.51
C6 NAG G . -21.90 -7.95 0.75
C7 NAG G . -22.41 -2.03 -2.12
C8 NAG G . -23.68 -2.74 -2.47
N2 NAG G . -21.63 -2.66 -1.25
O3 NAG G . -23.08 -3.13 1.09
O4 NAG G . -22.68 -5.66 2.44
O5 NAG G . -21.38 -6.34 -0.92
O6 NAG G . -21.99 -8.22 2.15
O7 NAG G . -22.11 -0.94 -2.59
C1 NAG G . -23.94 -5.55 3.04
C2 NAG G . -23.73 -5.60 4.55
C3 NAG G . -25.07 -5.45 5.26
C4 NAG G . -25.75 -4.16 4.80
C5 NAG G . -25.89 -4.18 3.29
C6 NAG G . -26.44 -2.88 2.73
C7 NAG G . -21.82 -6.82 5.42
C8 NAG G . -21.26 -8.16 5.79
N2 NAG G . -23.07 -6.82 4.97
O3 NAG G . -24.87 -5.44 6.67
O4 NAG G . -27.05 -4.09 5.39
O5 NAG G . -24.60 -4.36 2.67
O6 NAG G . -26.48 -2.92 1.31
O7 NAG G . -21.17 -5.79 5.53
C1 NAG H . -3.20 -13.94 20.05
C2 NAG H . -4.37 -14.81 20.46
C3 NAG H . -5.64 -13.99 20.52
C4 NAG H . -5.47 -12.73 21.33
C5 NAG H . -4.26 -11.93 20.91
C6 NAG H . -4.02 -10.82 21.93
C7 NAG H . -4.40 -17.15 19.88
C8 NAG H . -4.61 -17.43 21.34
N2 NAG H . -4.56 -15.89 19.51
O3 NAG H . -6.64 -14.79 21.14
O4 NAG H . -6.62 -11.93 21.06
O5 NAG H . -3.09 -12.75 20.85
O6 NAG H . -2.99 -9.92 21.51
O7 NAG H . -4.11 -18.03 19.10
C1 NAG H . -7.25 -11.50 22.27
C2 NAG H . -8.38 -10.55 21.93
C3 NAG H . -8.98 -10.00 23.21
C4 NAG H . -9.47 -11.19 24.03
C5 NAG H . -8.30 -12.13 24.30
C6 NAG H . -8.74 -13.34 25.10
C7 NAG H . -8.15 -9.39 19.84
C8 NAG H . -9.14 -10.40 19.33
N2 NAG H . -7.90 -9.44 21.14
O3 NAG H . -10.05 -9.13 22.87
O4 NAG H . -9.98 -10.72 25.28
O5 NAG H . -7.75 -12.57 23.07
O6 NAG H . -7.61 -14.19 25.31
O7 NAG H . -7.64 -8.56 19.10
C1 BMA H . -11.41 -10.64 25.18
C2 BMA H . -12.02 -10.89 26.56
C3 BMA H . -13.54 -10.81 26.47
C4 BMA H . -13.91 -9.45 25.93
C5 BMA H . -13.25 -9.23 24.58
C6 BMA H . -13.57 -7.85 24.04
O2 BMA H . -11.54 -9.91 27.48
O3 BMA H . -14.10 -10.98 27.77
O4 BMA H . -15.34 -9.37 25.77
O5 BMA H . -11.84 -9.36 24.71
O6 BMA H . -12.91 -7.66 22.78
C1 NAG I . 7.44 -17.97 -38.75
C2 NAG I . 8.69 -18.31 -39.56
C3 NAG I . 8.60 -19.74 -40.08
C4 NAG I . 8.32 -20.70 -38.94
C5 NAG I . 7.09 -20.26 -38.16
C6 NAG I . 6.83 -21.09 -36.93
C7 NAG I . 9.56 -16.24 -40.53
C8 NAG I . 9.65 -15.38 -41.75
N2 NAG I . 8.87 -17.37 -40.65
O3 NAG I . 9.83 -20.09 -40.71
O4 NAG I . 8.08 -22.01 -39.45
O5 NAG I . 7.27 -18.91 -37.69
O6 NAG I . 7.99 -21.80 -36.52
O7 NAG I . 10.09 -15.91 -39.47
ZN ZN J . -11.79 0.81 -21.93
C1 NAG K . -34.06 -2.26 -7.32
C2 NAG K . -34.99 -1.11 -7.69
C3 NAG K . -35.04 -0.11 -6.54
C4 NAG K . -35.45 -0.80 -5.25
C5 NAG K . -34.51 -1.96 -4.97
C6 NAG K . -34.93 -2.77 -3.77
C7 NAG K . -35.05 -0.42 -10.07
C8 NAG K . -36.37 -1.14 -10.19
N2 NAG K . -34.47 -0.44 -8.87
O3 NAG K . -35.95 0.94 -6.89
O4 NAG K . -35.37 0.14 -4.18
O5 NAG K . -34.47 -2.86 -6.10
O6 NAG K . -36.23 -3.34 -3.95
O7 NAG K . -34.54 0.16 -11.03
C1 NAG L . 8.16 -26.21 12.13
C2 NAG L . 9.61 -26.37 11.72
C3 NAG L . 10.29 -27.32 12.69
C4 NAG L . 10.10 -26.79 14.09
C5 NAG L . 8.62 -26.60 14.41
C6 NAG L . 8.45 -26.01 15.80
C7 NAG L . 9.62 -26.11 9.30
C8 NAG L . 9.21 -26.81 8.04
N2 NAG L . 9.74 -26.89 10.37
O3 NAG L . 11.69 -27.41 12.40
O4 NAG L . 10.66 -27.72 15.03
O5 NAG L . 8.01 -25.72 13.46
O6 NAG L . 7.07 -25.93 16.15
O7 NAG L . 9.83 -24.91 9.35
#